data_3PPS
#
_entry.id   3PPS
#
_cell.length_a   61.360
_cell.length_b   178.950
_cell.length_c   118.130
_cell.angle_alpha   90.00
_cell.angle_beta   90.26
_cell.angle_gamma   90.00
#
_symmetry.space_group_name_H-M   'P 1 21 1'
#
loop_
_entity.id
_entity.type
_entity.pdbx_description
1 polymer Laccase
2 branched 2-acetamido-2-deoxy-beta-D-glucopyranose-(1-4)-2-acetamido-2-deoxy-beta-D-glucopyranose
3 branched alpha-D-mannopyranose-(1-2)-alpha-D-mannopyranose-(1-3)-[alpha-D-mannopyranose-(1-6)]beta-D-mannopyranose-(1-4)-2-acetamido-2-deoxy-beta-D-glucopyranose-(1-4)-2-acetamido-2-deoxy-beta-D-glucopyranose
4 branched alpha-D-mannopyranose-(1-2)-alpha-D-mannopyranose-(1-3)-beta-D-mannopyranose-(1-4)-2-acetamido-2-deoxy-beta-D-glucopyranose-(1-4)-2-acetamido-2-deoxy-beta-D-glucopyranose
5 branched beta-D-mannopyranose-(1-4)-2-acetamido-2-deoxy-beta-D-glucopyranose-(1-4)-2-acetamido-2-deoxy-beta-D-glucopyranose
6 non-polymer 'COPPER (II) ION'
7 non-polymer 'OXYGEN MOLECULE'
8 non-polymer 2-acetamido-2-deoxy-beta-D-glucopyranose
9 water water
#
_entity_poly.entity_id   1
_entity_poly.type   'polypeptide(L)'
_entity_poly.pdbx_seq_one_letter_code
;MKSWAAAVALMVGILSPHAAAAPPANPVQRDMLQVLEARQSGPTCNTPSNRACWTNGFDINTDYEVSTPNTGRTVAYQLT
LTEKENWIGPDGVLKNVVMLVNDKIIGPTIRANWGDNIEVTVINNLKTNGTSMHWHGLRQLGNVFNDGANGVTECPIPPK
GGRKTYKFRATQYGTSWYHSHFSAQYGNGVVGTIQIDGPASLPYDIDLGVFPLMDYYYRSADELVHFTQSNGAPPSDNVL
FNGTARHPETGAGQWYNVTLTPGKRHRLRIINTSTDNHFQVSLVGHNMTVIATDMVPVNAFTVSSLFLAVGQRYDVTIDA
NSPVGNYWFNVTFGDGLCGSSNNKFPAAIFRYQGAPATLPTDQGLPVPNHMCLDNLNLTPVVTRSAPVNNFVKRPSNTLG
VTLDIGGTPLFVWKVNGSAINVDWGKPILDYVMSGNTSYPVSDNIVQVDAVDQWTYWLIENDPTNPIVSLPHPMHLHGHD
FLVLGRSPDELPSAGVRHIFDPAKDLPRLKGNNPVRRDVTMLPAGGWLLLAFKTDNPGAWLFHCHIAWHVSGGLSVDFLE
RPNDLRTQLNSNAKRADRDDFNRVCREWNAYWPTNPFPKIDSGL
;
_entity_poly.pdbx_strand_id   A,B,C,D
#
# COMPACT_ATOMS: atom_id res chain seq x y z
N SER A 41 16.05 -17.52 51.12
CA SER A 41 17.48 -17.24 51.04
C SER A 41 17.77 -15.89 50.37
N GLY A 42 18.34 -14.98 51.15
CA GLY A 42 18.85 -13.73 50.60
C GLY A 42 20.37 -13.78 50.61
N PRO A 43 21.02 -12.68 51.01
CA PRO A 43 22.48 -12.62 51.13
C PRO A 43 22.95 -13.33 52.40
N THR A 44 24.20 -13.78 52.38
CA THR A 44 24.85 -14.28 53.59
C THR A 44 26.23 -13.63 53.77
N CYS A 45 26.73 -12.98 52.73
CA CYS A 45 28.00 -12.27 52.83
C CYS A 45 27.98 -10.92 52.10
N ASN A 46 26.81 -10.32 52.02
CA ASN A 46 26.65 -9.04 51.36
C ASN A 46 26.68 -7.90 52.38
N THR A 47 27.83 -7.27 52.52
CA THR A 47 28.01 -6.24 53.53
C THR A 47 28.50 -4.94 52.89
N PRO A 48 28.37 -3.82 53.61
CA PRO A 48 28.82 -2.50 53.17
C PRO A 48 30.21 -2.51 52.55
N SER A 49 31.09 -3.35 53.08
CA SER A 49 32.47 -3.41 52.64
C SER A 49 32.67 -4.43 51.51
N ASN A 50 31.86 -5.48 51.52
CA ASN A 50 31.97 -6.53 50.51
C ASN A 50 30.67 -6.75 49.74
N ARG A 51 30.34 -5.82 48.85
CA ARG A 51 29.13 -5.93 48.05
C ARG A 51 29.24 -6.95 46.92
N ALA A 52 30.46 -7.35 46.58
CA ALA A 52 30.70 -8.30 45.49
C ALA A 52 30.23 -9.70 45.82
N CYS A 53 30.31 -10.05 47.10
CA CYS A 53 29.86 -11.36 47.57
C CYS A 53 28.38 -11.26 47.96
N TRP A 54 27.62 -12.28 47.57
CA TRP A 54 26.18 -12.34 47.80
C TRP A 54 25.88 -13.45 48.79
N THR A 55 26.09 -14.68 48.33
CA THR A 55 26.09 -15.85 49.19
C THR A 55 27.25 -16.72 48.72
N ASN A 56 27.68 -17.64 49.57
CA ASN A 56 28.66 -18.63 49.16
C ASN A 56 28.24 -19.28 47.84
N GLY A 57 29.09 -19.19 46.84
CA GLY A 57 28.80 -19.80 45.56
C GLY A 57 28.20 -18.85 44.55
N PHE A 58 27.93 -17.61 44.97
CA PHE A 58 27.44 -16.59 44.02
C PHE A 58 27.96 -15.20 44.35
N ASP A 59 28.38 -14.46 43.32
CA ASP A 59 28.84 -13.09 43.53
C ASP A 59 28.72 -12.20 42.29
N ILE A 60 29.54 -11.15 42.25
CA ILE A 60 29.46 -10.19 41.16
C ILE A 60 30.14 -10.75 39.90
N ASN A 61 30.91 -11.81 40.07
CA ASN A 61 31.58 -12.46 38.95
C ASN A 61 30.77 -13.64 38.37
N THR A 62 29.73 -14.06 39.08
CA THR A 62 28.93 -15.20 38.68
C THR A 62 28.16 -14.90 37.40
N ASP A 63 28.27 -15.78 36.40
CA ASP A 63 27.54 -15.58 35.16
C ASP A 63 26.06 -15.82 35.38
N TYR A 64 25.29 -14.74 35.47
CA TYR A 64 23.88 -14.84 35.86
C TYR A 64 23.02 -15.45 34.77
N GLU A 65 23.57 -15.52 33.55
CA GLU A 65 22.83 -16.15 32.48
C GLU A 65 23.04 -17.67 32.44
N VAL A 66 23.75 -18.20 33.44
CA VAL A 66 23.91 -19.65 33.54
C VAL A 66 23.52 -20.19 34.92
N SER A 67 24.18 -19.70 35.96
CA SER A 67 23.90 -20.19 37.31
C SER A 67 22.95 -19.25 38.04
N THR A 68 21.83 -19.79 38.51
CA THR A 68 20.84 -19.03 39.27
C THR A 68 20.65 -19.63 40.66
N PRO A 69 20.76 -18.79 41.70
CA PRO A 69 20.57 -19.21 43.10
C PRO A 69 19.22 -19.89 43.30
N ASN A 70 19.24 -21.17 43.67
CA ASN A 70 17.98 -21.85 44.01
C ASN A 70 17.48 -21.52 45.42
N THR A 71 16.67 -20.47 45.51
CA THR A 71 16.02 -20.14 46.75
C THR A 71 14.59 -20.63 46.65
N GLY A 72 14.13 -21.33 47.68
CA GLY A 72 12.81 -21.94 47.64
C GLY A 72 11.74 -20.94 48.02
N ARG A 73 11.99 -19.67 47.69
CA ARG A 73 11.07 -18.59 48.01
C ARG A 73 10.36 -18.12 46.74
N THR A 74 9.04 -17.90 46.87
CA THR A 74 8.21 -17.24 45.86
C THR A 74 7.72 -15.96 46.51
N VAL A 75 7.57 -14.91 45.71
CA VAL A 75 6.97 -13.65 46.20
C VAL A 75 5.78 -13.24 45.35
N ALA A 76 4.69 -12.86 46.00
CA ALA A 76 3.47 -12.44 45.32
C ALA A 76 3.23 -10.94 45.46
N TYR A 77 2.71 -10.33 44.39
CA TYR A 77 2.33 -8.92 44.41
C TYR A 77 0.94 -8.75 43.80
N GLN A 78 0.18 -7.75 44.26
CA GLN A 78 -1.06 -7.42 43.58
C GLN A 78 -1.07 -6.00 43.05
N LEU A 79 -1.48 -5.83 41.80
CA LEU A 79 -1.55 -4.51 41.16
C LEU A 79 -2.90 -4.28 40.57
N THR A 80 -3.56 -3.22 41.03
CA THR A 80 -4.95 -2.92 40.69
C THR A 80 -5.06 -1.62 39.90
N LEU A 81 -5.58 -1.70 38.68
CA LEU A 81 -5.65 -0.52 37.81
C LEU A 81 -7.00 0.17 37.86
N THR A 82 -7.02 1.42 38.31
CA THR A 82 -8.24 2.21 38.29
C THR A 82 -8.11 3.37 37.30
N GLU A 83 -9.25 3.94 36.94
CA GLU A 83 -9.28 5.05 36.00
C GLU A 83 -9.95 6.25 36.65
N LYS A 84 -9.37 7.43 36.44
CA LYS A 84 -9.89 8.64 37.07
C LYS A 84 -9.99 9.82 36.12
N GLU A 85 -11.22 10.30 35.91
CA GLU A 85 -11.49 11.45 35.05
C GLU A 85 -11.50 12.75 35.84
N ASN A 86 -11.09 13.83 35.21
CA ASN A 86 -11.09 15.14 35.87
C ASN A 86 -10.39 15.10 37.23
N TRP A 87 -9.12 14.70 37.20
CA TRP A 87 -8.34 14.42 38.39
C TRP A 87 -7.23 15.46 38.57
N ILE A 88 -6.85 15.74 39.81
CA ILE A 88 -5.80 16.72 40.10
C ILE A 88 -4.45 16.05 40.30
N GLY A 89 -3.56 16.27 39.34
CA GLY A 89 -2.29 15.57 39.30
C GLY A 89 -1.21 16.17 40.16
N PRO A 90 -0.01 15.56 40.14
CA PRO A 90 1.11 15.95 40.99
C PRO A 90 1.32 17.45 41.09
N ASP A 91 1.19 18.20 39.99
CA ASP A 91 1.50 19.64 40.03
C ASP A 91 0.29 20.57 40.17
N GLY A 92 -0.83 20.02 40.62
CA GLY A 92 -2.04 20.79 40.84
C GLY A 92 -2.88 21.04 39.60
N VAL A 93 -2.37 20.65 38.44
CA VAL A 93 -3.09 20.88 37.19
C VAL A 93 -4.06 19.74 36.85
N LEU A 94 -5.24 20.12 36.36
CA LEU A 94 -6.30 19.17 36.05
C LEU A 94 -5.90 18.21 34.92
N LYS A 95 -6.01 16.92 35.19
CA LYS A 95 -5.84 15.89 34.17
C LYS A 95 -7.23 15.34 33.80
N ASN A 96 -7.56 15.36 32.51
CA ASN A 96 -8.88 14.86 32.09
C ASN A 96 -9.07 13.37 32.35
N VAL A 97 -7.96 12.66 32.52
CA VAL A 97 -7.98 11.23 32.79
C VAL A 97 -6.58 10.73 33.14
N VAL A 98 -6.52 9.74 34.01
CA VAL A 98 -5.28 9.05 34.33
C VAL A 98 -5.62 7.64 34.74
N MET A 99 -4.65 6.75 34.64
CA MET A 99 -4.86 5.35 34.91
C MET A 99 -3.76 4.89 35.84
N LEU A 100 -4.14 4.51 37.06
CA LEU A 100 -3.20 4.39 38.17
C LEU A 100 -3.00 2.96 38.63
N VAL A 101 -1.74 2.59 38.90
CA VAL A 101 -1.43 1.33 39.57
C VAL A 101 -1.49 1.49 41.08
N ASN A 102 -2.55 0.94 41.69
CA ASN A 102 -2.76 0.99 43.13
C ASN A 102 -2.99 2.39 43.66
N ASP A 103 -3.86 3.13 42.98
CA ASP A 103 -4.36 4.42 43.49
C ASP A 103 -3.32 5.53 43.57
N LYS A 104 -2.09 5.26 43.17
CA LYS A 104 -1.06 6.30 43.14
C LYS A 104 -0.65 6.63 41.72
N ILE A 105 -0.03 7.78 41.52
CA ILE A 105 0.41 8.18 40.18
C ILE A 105 1.57 7.28 39.68
N ILE A 106 2.10 6.46 40.58
CA ILE A 106 3.18 5.55 40.23
C ILE A 106 2.98 4.23 40.95
N GLY A 107 3.17 3.13 40.24
CA GLY A 107 2.98 1.80 40.81
C GLY A 107 4.02 1.48 41.85
N PRO A 108 3.74 0.49 42.71
CA PRO A 108 4.73 0.07 43.71
C PRO A 108 5.92 -0.64 43.05
N THR A 109 6.90 -1.01 43.87
CA THR A 109 8.10 -1.69 43.40
C THR A 109 7.93 -3.19 43.55
N ILE A 110 8.22 -3.92 42.49
CA ILE A 110 8.25 -5.36 42.60
C ILE A 110 9.62 -5.79 43.08
N ARG A 111 9.69 -6.13 44.36
CA ARG A 111 10.96 -6.42 45.02
C ARG A 111 11.11 -7.90 45.25
N ALA A 112 12.36 -8.36 45.27
CA ALA A 112 12.67 -9.77 45.48
C ALA A 112 14.18 -9.96 45.37
N ASN A 113 14.67 -11.13 45.77
CA ASN A 113 16.10 -11.42 45.65
C ASN A 113 16.42 -12.25 44.41
N TRP A 114 17.63 -12.06 43.88
CA TRP A 114 18.14 -12.87 42.79
C TRP A 114 17.81 -14.34 43.08
N GLY A 115 16.94 -14.93 42.25
CA GLY A 115 16.59 -16.35 42.36
C GLY A 115 15.15 -16.64 42.73
N ASP A 116 14.55 -15.74 43.49
CA ASP A 116 13.18 -15.93 43.96
C ASP A 116 12.25 -16.00 42.78
N ASN A 117 11.15 -16.71 42.96
CA ASN A 117 10.08 -16.76 41.99
C ASN A 117 9.05 -15.70 42.33
N ILE A 118 8.34 -15.21 41.31
CA ILE A 118 7.49 -14.04 41.44
C ILE A 118 6.14 -14.26 40.75
N GLU A 119 5.08 -13.93 41.44
CA GLU A 119 3.74 -13.96 40.87
C GLU A 119 3.06 -12.61 41.12
N VAL A 120 2.73 -11.91 40.04
CA VAL A 120 2.10 -10.60 40.13
C VAL A 120 0.72 -10.61 39.50
N THR A 121 -0.29 -10.30 40.32
CA THR A 121 -1.67 -10.30 39.89
C THR A 121 -2.07 -8.91 39.43
N VAL A 122 -2.33 -8.78 38.14
CA VAL A 122 -2.79 -7.53 37.59
C VAL A 122 -4.29 -7.58 37.44
N ILE A 123 -4.98 -6.68 38.15
CA ILE A 123 -6.42 -6.60 38.11
C ILE A 123 -6.81 -5.35 37.34
N ASN A 124 -7.45 -5.54 36.19
CA ASN A 124 -7.77 -4.43 35.29
C ASN A 124 -9.19 -3.91 35.54
N ASN A 125 -9.30 -2.90 36.39
CA ASN A 125 -10.59 -2.30 36.68
C ASN A 125 -10.80 -1.03 35.89
N LEU A 126 -10.10 -0.91 34.77
CA LEU A 126 -10.25 0.26 33.91
C LEU A 126 -11.62 0.23 33.26
N LYS A 127 -12.08 1.38 32.80
CA LYS A 127 -13.44 1.52 32.29
C LYS A 127 -13.64 0.87 30.93
N THR A 128 -12.64 1.00 30.07
CA THR A 128 -12.78 0.59 28.68
C THR A 128 -11.55 -0.08 28.13
N ASN A 129 -10.39 0.25 28.68
CA ASN A 129 -9.12 -0.17 28.10
C ASN A 129 -8.69 -1.58 28.53
N GLY A 130 -8.16 -2.32 27.57
CA GLY A 130 -7.50 -3.59 27.85
C GLY A 130 -6.14 -3.22 28.43
N THR A 131 -5.33 -4.22 28.77
CA THR A 131 -3.99 -3.95 29.27
C THR A 131 -3.05 -5.13 29.13
N SER A 132 -1.77 -4.81 28.94
CA SER A 132 -0.70 -5.80 28.90
C SER A 132 0.40 -5.34 29.83
N MET A 133 0.66 -6.09 30.89
CA MET A 133 1.76 -5.73 31.80
C MET A 133 3.08 -6.35 31.34
N HIS A 134 4.01 -5.48 30.94
CA HIS A 134 5.34 -5.90 30.53
C HIS A 134 6.36 -5.65 31.63
N TRP A 135 7.21 -6.65 31.88
CA TRP A 135 8.28 -6.51 32.83
C TRP A 135 9.58 -6.19 32.07
N HIS A 136 9.83 -4.89 31.88
CA HIS A 136 10.89 -4.41 31.01
C HIS A 136 12.26 -4.88 31.47
N GLY A 137 12.98 -5.57 30.59
CA GLY A 137 14.34 -5.98 30.86
C GLY A 137 14.44 -7.41 31.36
N LEU A 138 13.29 -7.97 31.75
CA LEU A 138 13.29 -9.36 32.18
C LEU A 138 13.59 -10.30 31.01
N ARG A 139 14.51 -11.23 31.24
CA ARG A 139 15.00 -12.13 30.19
C ARG A 139 13.92 -13.12 29.80
N GLN A 140 12.93 -13.30 30.67
CA GLN A 140 11.88 -14.27 30.44
C GLN A 140 12.46 -15.53 29.80
N LEU A 141 13.50 -16.09 30.40
CA LEU A 141 14.14 -17.25 29.83
C LEU A 141 13.10 -18.38 29.74
N GLY A 142 12.98 -18.97 28.56
CA GLY A 142 12.01 -20.00 28.32
C GLY A 142 10.65 -19.77 28.97
N ASN A 143 10.26 -18.52 29.15
CA ASN A 143 8.97 -18.18 29.78
C ASN A 143 8.22 -17.10 29.02
N VAL A 144 8.08 -17.28 27.70
CA VAL A 144 7.50 -16.27 26.83
C VAL A 144 6.08 -15.87 27.22
N PHE A 145 5.31 -16.84 27.72
CA PHE A 145 3.91 -16.63 28.06
C PHE A 145 3.65 -15.46 29.02
N ASN A 146 4.68 -15.10 29.78
CA ASN A 146 4.53 -14.06 30.80
C ASN A 146 5.29 -12.80 30.46
N ASP A 147 5.78 -12.69 29.24
CA ASP A 147 6.51 -11.50 28.82
C ASP A 147 5.65 -10.24 28.98
N GLY A 148 4.42 -10.31 28.48
CA GLY A 148 3.52 -9.19 28.60
C GLY A 148 3.48 -8.32 27.35
N ALA A 149 3.30 -8.94 26.20
CA ALA A 149 3.15 -8.18 24.97
C ALA A 149 1.87 -8.58 24.23
N ASN A 150 0.87 -7.71 24.26
CA ASN A 150 -0.42 -8.04 23.66
C ASN A 150 -0.33 -8.22 22.14
N GLY A 151 -1.14 -9.15 21.63
CA GLY A 151 -1.07 -9.50 20.23
C GLY A 151 0.19 -10.27 19.86
N VAL A 152 1.08 -10.46 20.84
CA VAL A 152 2.32 -11.18 20.61
C VAL A 152 2.45 -12.41 21.51
N THR A 153 2.30 -12.22 22.82
CA THR A 153 2.42 -13.31 23.78
C THR A 153 1.17 -13.49 24.64
N GLU A 154 0.20 -12.62 24.42
CA GLU A 154 -1.03 -12.64 25.23
C GLU A 154 -2.14 -11.82 24.58
N CYS A 155 -3.37 -12.11 24.97
CA CYS A 155 -4.48 -11.22 24.67
C CYS A 155 -4.64 -10.29 25.87
N PRO A 156 -4.96 -9.03 25.60
CA PRO A 156 -5.24 -8.02 26.62
C PRO A 156 -6.27 -8.48 27.68
N ILE A 157 -5.99 -8.13 28.93
CA ILE A 157 -6.87 -8.43 30.05
C ILE A 157 -8.06 -7.50 29.91
N PRO A 158 -9.29 -8.04 29.99
CA PRO A 158 -10.44 -7.18 29.73
C PRO A 158 -10.63 -6.15 30.83
N PRO A 159 -11.40 -5.07 30.57
CA PRO A 159 -11.63 -4.10 31.64
C PRO A 159 -12.63 -4.67 32.64
N LYS A 160 -13.25 -3.81 33.43
CA LYS A 160 -14.32 -4.23 34.31
C LYS A 160 -13.94 -5.38 35.24
N GLY A 161 -12.66 -5.42 35.61
CA GLY A 161 -12.22 -6.33 36.66
C GLY A 161 -11.67 -7.65 36.18
N GLY A 162 -11.36 -7.75 34.89
CA GLY A 162 -10.69 -8.92 34.35
C GLY A 162 -9.25 -8.94 34.84
N ARG A 163 -8.68 -10.12 35.04
CA ARG A 163 -7.35 -10.22 35.63
C ARG A 163 -6.47 -11.29 34.98
N LYS A 164 -5.23 -11.36 35.47
CA LYS A 164 -4.28 -12.41 35.10
C LYS A 164 -3.14 -12.39 36.11
N THR A 165 -2.68 -13.57 36.54
CA THR A 165 -1.51 -13.64 37.41
C THR A 165 -0.26 -14.07 36.65
N TYR A 166 0.60 -13.07 36.38
CA TYR A 166 1.90 -13.29 35.73
C TYR A 166 2.88 -13.97 36.64
N LYS A 167 3.46 -15.06 36.16
CA LYS A 167 4.47 -15.80 36.92
C LYS A 167 5.80 -15.78 36.17
N PHE A 168 6.90 -15.59 36.90
CA PHE A 168 8.23 -15.56 36.30
C PHE A 168 9.35 -15.61 37.36
N ARG A 169 10.54 -16.00 36.94
CA ARG A 169 11.66 -16.17 37.86
C ARG A 169 12.71 -15.07 37.69
N ALA A 170 13.20 -14.54 38.81
CA ALA A 170 14.28 -13.55 38.76
C ALA A 170 15.61 -14.23 38.44
N THR A 171 15.96 -14.28 37.16
CA THR A 171 17.25 -14.83 36.76
C THR A 171 18.26 -13.71 36.54
N GLN A 172 17.94 -12.53 37.05
CA GLN A 172 18.84 -11.40 37.01
C GLN A 172 18.74 -10.62 38.31
N TYR A 173 19.62 -9.63 38.46
CA TYR A 173 19.56 -8.71 39.59
C TYR A 173 19.97 -7.30 39.13
N GLY A 174 19.27 -6.30 39.64
CA GLY A 174 19.55 -4.94 39.26
C GLY A 174 18.32 -4.06 39.38
N THR A 175 18.21 -3.09 38.49
CA THR A 175 17.10 -2.15 38.53
C THR A 175 16.35 -2.16 37.20
N SER A 176 15.03 -2.34 37.25
CA SER A 176 14.23 -2.09 36.06
C SER A 176 12.83 -1.53 36.38
N TRP A 177 11.91 -1.74 35.45
CA TRP A 177 10.56 -1.21 35.60
C TRP A 177 9.55 -2.07 34.85
N TYR A 178 8.27 -1.85 35.14
CA TYR A 178 7.21 -2.51 34.41
C TYR A 178 6.23 -1.48 33.88
N HIS A 179 5.50 -1.83 32.83
CA HIS A 179 4.60 -0.88 32.19
C HIS A 179 3.70 -1.55 31.15
N SER A 180 2.54 -0.96 30.91
CA SER A 180 1.62 -1.47 29.89
C SER A 180 2.22 -1.54 28.51
N HIS A 181 1.80 -2.54 27.74
CA HIS A 181 2.15 -2.59 26.33
C HIS A 181 0.92 -2.37 25.46
N PHE A 182 -0.19 -2.00 26.11
CA PHE A 182 -1.46 -1.78 25.42
C PHE A 182 -1.51 -0.37 24.83
N SER A 183 -1.02 -0.23 23.59
CA SER A 183 -0.83 1.08 23.01
C SER A 183 0.05 1.94 23.91
N ALA A 184 -0.25 3.23 23.97
CA ALA A 184 0.56 4.17 24.74
C ALA A 184 0.01 4.31 26.16
N GLN A 185 -0.61 3.25 26.66
CA GLN A 185 -1.39 3.36 27.90
C GLN A 185 -0.57 3.71 29.14
N TYR A 186 0.70 3.31 29.16
CA TYR A 186 1.51 3.54 30.35
C TYR A 186 1.75 5.02 30.59
N GLY A 187 1.69 5.82 29.53
CA GLY A 187 1.86 7.24 29.65
C GLY A 187 0.69 7.87 30.37
N ASN A 188 -0.26 7.04 30.77
CA ASN A 188 -1.45 7.49 31.51
C ASN A 188 -1.31 7.20 32.99
N GLY A 189 -0.23 6.52 33.37
CA GLY A 189 0.01 6.22 34.76
C GLY A 189 0.23 4.74 35.07
N VAL A 190 0.09 3.89 34.06
CA VAL A 190 0.33 2.46 34.21
C VAL A 190 1.82 2.17 34.03
N VAL A 191 2.59 2.46 35.06
CA VAL A 191 4.04 2.29 35.04
C VAL A 191 4.46 2.01 36.47
N GLY A 192 5.64 1.43 36.66
CA GLY A 192 6.10 1.05 37.98
C GLY A 192 7.49 0.47 37.88
N THR A 193 8.06 0.07 39.01
CA THR A 193 9.48 -0.27 39.09
C THR A 193 9.76 -1.74 39.44
N ILE A 194 11.00 -2.16 39.20
CA ILE A 194 11.45 -3.48 39.64
C ILE A 194 12.75 -3.28 40.42
N GLN A 195 13.02 -4.14 41.40
CA GLN A 195 14.32 -4.14 42.06
C GLN A 195 14.62 -5.50 42.66
N ILE A 196 15.43 -6.27 41.95
CA ILE A 196 15.88 -7.55 42.44
C ILE A 196 17.25 -7.40 43.11
N ASP A 197 17.31 -7.70 44.41
CA ASP A 197 18.55 -7.51 45.14
C ASP A 197 19.61 -8.58 44.78
N GLY A 198 20.86 -8.13 44.66
CA GLY A 198 21.96 -8.99 44.28
C GLY A 198 23.25 -8.36 44.73
N PRO A 199 24.38 -8.81 44.18
CA PRO A 199 25.71 -8.23 44.46
C PRO A 199 25.91 -6.90 43.75
N ALA A 200 27.04 -6.25 44.02
CA ALA A 200 27.39 -5.02 43.34
C ALA A 200 28.87 -5.00 42.97
N SER A 201 29.22 -4.18 41.98
CA SER A 201 30.61 -4.10 41.55
C SER A 201 31.40 -3.10 42.41
N LEU A 202 30.71 -2.34 43.24
CA LEU A 202 31.38 -1.38 44.12
C LEU A 202 30.71 -1.29 45.49
N PRO A 203 31.52 -1.36 46.56
CA PRO A 203 31.02 -1.26 47.93
C PRO A 203 30.26 0.02 48.18
N TYR A 204 29.39 0.00 49.19
CA TYR A 204 28.64 1.17 49.59
C TYR A 204 27.90 0.85 50.87
N ASP A 205 27.31 1.87 51.49
CA ASP A 205 26.72 1.73 52.83
C ASP A 205 25.19 1.77 52.82
N ILE A 206 24.62 2.84 52.27
CA ILE A 206 23.17 3.00 52.17
C ILE A 206 22.74 2.74 50.73
N ASP A 207 21.53 2.19 50.56
CA ASP A 207 20.91 2.02 49.24
C ASP A 207 19.61 2.82 49.20
N LEU A 208 19.68 4.01 48.61
CA LEU A 208 18.55 4.93 48.62
C LEU A 208 17.25 4.31 48.10
N GLY A 209 17.35 3.49 47.05
CA GLY A 209 16.18 2.87 46.46
C GLY A 209 15.92 3.39 45.06
N VAL A 210 14.89 2.86 44.43
CA VAL A 210 14.58 3.24 43.06
C VAL A 210 14.24 4.72 42.96
N PHE A 211 14.53 5.31 41.80
CA PHE A 211 14.37 6.74 41.59
C PHE A 211 13.87 6.98 40.17
N PRO A 212 12.59 6.64 39.94
CA PRO A 212 11.97 6.73 38.62
C PRO A 212 11.84 8.17 38.18
N LEU A 213 12.39 8.52 37.03
CA LEU A 213 12.16 9.83 36.44
C LEU A 213 11.30 9.63 35.20
N MET A 214 10.25 10.44 35.07
CA MET A 214 9.34 10.26 33.96
C MET A 214 8.70 11.56 33.52
N ASP A 215 8.78 11.84 32.22
CA ASP A 215 8.15 13.04 31.66
C ASP A 215 6.67 13.05 31.97
N TYR A 216 6.07 14.24 32.00
CA TYR A 216 4.68 14.40 32.41
C TYR A 216 3.93 15.37 31.48
N TYR A 217 2.85 14.91 30.90
CA TYR A 217 2.00 15.75 30.07
C TYR A 217 0.61 15.89 30.69
N TYR A 218 0.03 17.09 30.57
CA TYR A 218 -1.34 17.29 30.96
C TYR A 218 -2.29 16.64 29.97
N ARG A 219 -1.89 16.52 28.71
CA ARG A 219 -2.70 15.81 27.73
C ARG A 219 -2.64 14.29 27.97
N SER A 220 -3.65 13.59 27.50
CA SER A 220 -3.75 12.16 27.77
C SER A 220 -2.98 11.37 26.73
N ALA A 221 -2.71 10.11 27.03
CA ALA A 221 -1.92 9.26 26.16
C ALA A 221 -2.58 9.09 24.81
N ASP A 222 -3.91 9.08 24.77
CA ASP A 222 -4.61 8.89 23.50
C ASP A 222 -4.71 10.18 22.70
N GLU A 223 -4.68 11.31 23.38
CA GLU A 223 -4.64 12.61 22.70
C GLU A 223 -3.24 12.83 22.12
N LEU A 224 -2.22 12.42 22.87
CA LEU A 224 -0.86 12.52 22.39
C LEU A 224 -0.56 11.54 21.25
N VAL A 225 -1.24 10.41 21.24
CA VAL A 225 -1.07 9.49 20.12
C VAL A 225 -1.69 10.11 18.89
N HIS A 226 -2.85 10.72 19.09
CA HIS A 226 -3.56 11.40 18.01
C HIS A 226 -2.88 12.68 17.58
N PHE A 227 -2.24 13.35 18.52
CA PHE A 227 -1.53 14.59 18.23
C PHE A 227 -0.35 14.34 17.30
N THR A 228 0.44 13.33 17.65
CA THR A 228 1.69 13.04 16.95
C THR A 228 1.50 12.29 15.64
N GLN A 229 0.27 11.87 15.37
CA GLN A 229 -0.04 11.23 14.09
C GLN A 229 -0.02 12.24 12.93
N SER A 230 0.14 13.52 13.24
CA SER A 230 0.33 14.53 12.22
C SER A 230 1.11 15.73 12.75
N ASN A 231 1.64 15.61 13.96
CA ASN A 231 2.52 16.63 14.52
C ASN A 231 3.81 16.05 15.08
N GLY A 232 4.84 16.87 15.12
CA GLY A 232 6.09 16.46 15.72
C GLY A 232 5.87 16.24 17.21
N ALA A 233 6.79 15.53 17.86
CA ALA A 233 6.69 15.27 19.28
C ALA A 233 6.70 16.56 20.09
N PRO A 234 5.76 16.69 21.04
CA PRO A 234 5.64 17.88 21.88
C PRO A 234 6.63 17.80 23.05
N PRO A 235 6.95 18.93 23.71
CA PRO A 235 7.77 18.85 24.93
C PRO A 235 6.90 18.30 26.05
N SER A 236 7.49 17.94 27.18
CA SER A 236 6.70 17.47 28.31
C SER A 236 6.18 18.68 29.06
N ASP A 237 5.07 18.53 29.76
CA ASP A 237 4.55 19.65 30.54
C ASP A 237 5.25 19.75 31.88
N ASN A 238 5.91 18.67 32.27
CA ASN A 238 6.66 18.61 33.52
C ASN A 238 7.44 17.29 33.60
N VAL A 239 8.34 17.18 34.58
CA VAL A 239 9.07 15.96 34.85
C VAL A 239 8.71 15.48 36.25
N LEU A 240 8.43 14.19 36.41
CA LEU A 240 8.13 13.63 37.71
C LEU A 240 9.40 13.15 38.40
N PHE A 241 9.44 13.26 39.72
CA PHE A 241 10.57 12.78 40.48
C PHE A 241 10.12 11.75 41.52
N ASN A 242 10.32 10.46 41.18
CA ASN A 242 9.87 9.37 42.03
C ASN A 242 8.41 9.54 42.42
N GLY A 243 7.59 9.91 41.44
CA GLY A 243 6.15 9.99 41.62
C GLY A 243 5.67 11.30 42.21
N THR A 244 6.39 12.37 41.92
CA THR A 244 6.04 13.70 42.40
C THR A 244 6.38 14.77 41.39
N ALA A 245 5.68 15.89 41.47
CA ALA A 245 5.92 17.00 40.56
C ALA A 245 5.67 18.36 41.24
N ARG A 246 6.37 19.37 40.76
CA ARG A 246 6.18 20.74 41.23
C ARG A 246 5.98 21.69 40.05
N HIS A 247 4.92 22.49 40.10
CA HIS A 247 4.62 23.40 39.00
C HIS A 247 5.58 24.59 38.94
N PRO A 248 6.07 24.91 37.72
CA PRO A 248 6.95 26.07 37.47
C PRO A 248 6.29 27.39 37.88
N GLU A 249 5.03 27.58 37.50
CA GLU A 249 4.36 28.85 37.73
C GLU A 249 3.76 28.98 39.12
N THR A 250 2.72 28.21 39.40
CA THR A 250 2.03 28.32 40.68
C THR A 250 2.91 27.92 41.85
N GLY A 251 4.09 27.41 41.54
CA GLY A 251 4.97 26.90 42.58
C GLY A 251 4.27 25.84 43.41
N ALA A 252 3.16 25.32 42.89
CA ALA A 252 2.41 24.27 43.56
C ALA A 252 3.16 22.96 43.50
N GLY A 253 2.48 21.86 43.84
CA GLY A 253 3.18 20.59 43.96
C GLY A 253 4.19 20.64 45.09
N GLN A 254 5.33 19.97 44.91
CA GLN A 254 6.35 19.88 45.95
C GLN A 254 7.68 19.37 45.40
N TRP A 255 8.77 19.79 46.04
CA TRP A 255 10.08 19.26 45.72
C TRP A 255 10.24 17.88 46.37
N TYR A 256 10.82 16.94 45.64
CA TYR A 256 11.12 15.63 46.21
C TYR A 256 12.48 15.63 46.91
N ASN A 257 12.51 15.19 48.16
CA ASN A 257 13.73 15.17 48.95
C ASN A 257 14.41 13.81 48.98
N VAL A 258 15.75 13.83 48.88
CA VAL A 258 16.59 12.66 49.10
C VAL A 258 17.62 13.04 50.17
N THR A 259 17.76 12.21 51.21
CA THR A 259 18.69 12.53 52.28
C THR A 259 20.02 11.78 52.17
N LEU A 260 21.11 12.49 52.42
CA LEU A 260 22.46 11.93 52.38
C LEU A 260 23.04 11.84 53.79
N THR A 261 23.83 10.78 54.04
CA THR A 261 24.47 10.65 55.34
C THR A 261 25.95 10.93 55.21
N PRO A 262 26.37 12.10 55.69
CA PRO A 262 27.72 12.64 55.55
C PRO A 262 28.81 11.56 55.52
N GLY A 263 29.55 11.49 54.41
CA GLY A 263 30.62 10.53 54.26
C GLY A 263 30.20 9.19 53.67
N LYS A 264 29.14 8.60 54.21
CA LYS A 264 28.66 7.30 53.73
C LYS A 264 28.39 7.32 52.22
N ARG A 265 28.72 6.23 51.57
CA ARG A 265 28.47 6.06 50.15
C ARG A 265 27.06 5.50 49.93
N HIS A 266 26.31 6.12 49.00
CA HIS A 266 24.93 5.72 48.71
C HIS A 266 24.81 5.12 47.32
N ARG A 267 23.77 4.32 47.11
CA ARG A 267 23.48 3.76 45.80
C ARG A 267 22.14 4.27 45.29
N LEU A 268 22.14 4.85 44.09
CA LEU A 268 20.94 5.41 43.51
C LEU A 268 20.54 4.66 42.25
N ARG A 269 19.27 4.27 42.18
CA ARG A 269 18.74 3.50 41.06
C ARG A 269 17.87 4.37 40.15
N ILE A 270 18.49 4.98 39.15
CA ILE A 270 17.79 5.93 38.28
C ILE A 270 17.13 5.23 37.07
N ILE A 271 15.81 5.40 36.95
CA ILE A 271 15.07 4.87 35.81
C ILE A 271 14.41 6.00 35.00
N ASN A 272 14.50 5.93 33.68
CA ASN A 272 13.75 6.82 32.82
C ASN A 272 12.54 6.09 32.23
N THR A 273 11.38 6.28 32.85
CA THR A 273 10.18 5.60 32.41
C THR A 273 9.32 6.49 31.53
N SER A 274 9.96 7.37 30.76
CA SER A 274 9.21 8.34 29.99
C SER A 274 8.51 7.71 28.82
N THR A 275 7.75 8.53 28.10
CA THR A 275 7.16 8.15 26.81
C THR A 275 7.94 8.82 25.65
N ASP A 276 8.70 9.87 25.96
CA ASP A 276 9.45 10.58 24.93
C ASP A 276 10.81 11.12 25.39
N ASN A 277 10.81 11.96 26.41
CA ASN A 277 12.03 12.65 26.85
C ASN A 277 13.19 11.74 27.21
N HIS A 278 14.38 12.13 26.76
CA HIS A 278 15.63 11.50 27.15
C HIS A 278 16.32 12.44 28.09
N PHE A 279 16.55 12.02 29.31
CA PHE A 279 17.04 12.92 30.34
C PHE A 279 18.56 12.98 30.50
N GLN A 280 19.08 14.19 30.64
CA GLN A 280 20.42 14.40 31.18
C GLN A 280 20.23 14.74 32.65
N VAL A 281 20.79 13.93 33.52
CA VAL A 281 20.72 14.20 34.95
C VAL A 281 22.11 14.51 35.49
N SER A 282 22.16 15.27 36.58
CA SER A 282 23.42 15.60 37.24
C SER A 282 23.11 16.10 38.66
N LEU A 283 24.10 16.00 39.55
CA LEU A 283 23.95 16.44 40.93
C LEU A 283 24.95 17.54 41.25
N VAL A 284 24.44 18.72 41.60
CA VAL A 284 25.30 19.85 41.91
C VAL A 284 26.18 19.55 43.10
N GLY A 285 27.48 19.61 42.89
CA GLY A 285 28.45 19.44 43.95
C GLY A 285 28.98 18.04 44.04
N HIS A 286 28.42 17.14 43.24
CA HIS A 286 28.80 15.74 43.32
C HIS A 286 28.98 15.07 41.96
N ASN A 287 29.86 14.07 41.92
CA ASN A 287 29.93 13.17 40.78
C ASN A 287 29.15 11.90 41.09
N MET A 288 28.97 11.06 40.09
CA MET A 288 28.16 9.85 40.22
C MET A 288 28.88 8.65 39.60
N THR A 289 29.17 7.63 40.40
CA THR A 289 29.89 6.46 39.87
C THR A 289 28.94 5.38 39.36
N VAL A 290 28.97 5.13 38.05
CA VAL A 290 28.16 4.07 37.46
C VAL A 290 28.69 2.71 37.87
N ILE A 291 27.79 1.78 38.18
CA ILE A 291 28.19 0.41 38.51
C ILE A 291 27.18 -0.57 37.96
N ALA A 292 26.23 -0.06 37.18
CA ALA A 292 25.27 -0.91 36.50
C ALA A 292 24.60 -0.14 35.37
N THR A 293 24.51 -0.76 34.20
CA THR A 293 23.75 -0.23 33.08
C THR A 293 22.62 -1.22 32.80
N ASP A 294 21.39 -0.79 32.96
CA ASP A 294 20.27 -1.71 32.81
C ASP A 294 20.43 -2.87 33.81
N MET A 295 20.23 -4.11 33.34
CA MET A 295 20.31 -5.29 34.22
C MET A 295 21.73 -5.87 34.26
N VAL A 296 22.68 -5.07 33.82
CA VAL A 296 24.05 -5.53 33.71
C VAL A 296 24.97 -4.71 34.61
N PRO A 297 25.55 -5.36 35.63
CA PRO A 297 26.60 -4.74 36.46
C PRO A 297 27.81 -4.41 35.60
N VAL A 298 28.44 -3.27 35.82
CA VAL A 298 29.59 -2.85 35.04
C VAL A 298 30.68 -2.27 35.92
N ASN A 299 31.91 -2.24 35.41
CA ASN A 299 33.04 -1.71 36.17
C ASN A 299 32.92 -0.24 36.50
N ALA A 300 33.16 0.10 37.77
CA ALA A 300 32.91 1.45 38.27
C ALA A 300 33.44 2.52 37.32
N PHE A 301 32.52 3.32 36.80
CA PHE A 301 32.88 4.42 35.90
C PHE A 301 32.20 5.68 36.40
N THR A 302 32.99 6.65 36.84
CA THR A 302 32.45 7.89 37.39
C THR A 302 32.16 8.89 36.30
N VAL A 303 31.08 9.63 36.49
CA VAL A 303 30.72 10.69 35.55
C VAL A 303 30.31 11.92 36.35
N SER A 304 30.09 13.01 35.64
CA SER A 304 29.59 14.24 36.26
C SER A 304 28.15 14.47 35.82
N SER A 305 27.84 14.07 34.59
CA SER A 305 26.47 14.10 34.10
C SER A 305 26.18 12.80 33.34
N LEU A 306 24.93 12.33 33.39
CA LEU A 306 24.59 11.06 32.73
C LEU A 306 23.33 11.13 31.87
N PHE A 307 23.42 10.59 30.66
CA PHE A 307 22.33 10.60 29.68
C PHE A 307 21.48 9.35 29.79
N LEU A 308 20.17 9.55 29.92
CA LEU A 308 19.24 8.44 30.09
C LEU A 308 18.27 8.37 28.92
N ALA A 309 18.43 7.34 28.09
CA ALA A 309 17.47 7.12 27.01
C ALA A 309 16.20 6.56 27.60
N VAL A 310 15.11 6.61 26.84
CA VAL A 310 13.84 6.06 27.29
C VAL A 310 13.99 4.56 27.56
N GLY A 311 13.63 4.15 28.78
CA GLY A 311 13.70 2.75 29.15
C GLY A 311 14.99 2.35 29.84
N GLN A 312 16.04 3.17 29.67
CA GLN A 312 17.34 2.85 30.26
C GLN A 312 17.31 3.12 31.74
N ARG A 313 18.06 2.33 32.50
CA ARG A 313 18.40 2.72 33.86
C ARG A 313 19.88 2.51 34.17
N TYR A 314 20.34 3.23 35.18
CA TYR A 314 21.72 3.15 35.61
C TYR A 314 21.74 3.07 37.13
N ASP A 315 22.71 2.35 37.69
CA ASP A 315 22.91 2.34 39.13
C ASP A 315 24.20 3.07 39.49
N VAL A 316 24.08 4.26 40.04
CA VAL A 316 25.24 5.05 40.39
C VAL A 316 25.53 4.98 41.89
N THR A 317 26.81 5.15 42.24
CA THR A 317 27.15 5.40 43.64
C THR A 317 27.44 6.88 43.88
N ILE A 318 27.03 7.37 45.04
CA ILE A 318 27.25 8.76 45.41
C ILE A 318 27.93 8.87 46.78
N ASP A 319 29.17 9.36 46.78
CA ASP A 319 29.91 9.63 48.01
C ASP A 319 29.57 11.03 48.52
N ALA A 320 29.02 11.11 49.73
CA ALA A 320 28.58 12.39 50.28
C ALA A 320 29.71 13.11 51.02
N ASN A 321 30.78 13.41 50.30
CA ASN A 321 31.94 14.08 50.88
C ASN A 321 31.90 15.60 50.75
N SER A 322 30.70 16.16 50.80
CA SER A 322 30.47 17.58 50.63
C SER A 322 30.00 18.24 51.93
N PRO A 323 29.95 19.58 51.96
CA PRO A 323 29.40 20.35 53.07
C PRO A 323 27.92 20.07 53.37
N VAL A 324 27.56 20.04 54.66
CA VAL A 324 26.18 19.78 55.05
C VAL A 324 25.25 20.91 54.60
N GLY A 325 24.78 20.79 53.36
CA GLY A 325 23.96 21.82 52.76
C GLY A 325 22.92 21.19 51.88
N ASN A 326 22.53 21.90 50.84
CA ASN A 326 21.51 21.40 49.92
C ASN A 326 21.90 21.53 48.46
N TYR A 327 21.63 20.48 47.69
CA TYR A 327 22.15 20.36 46.33
C TYR A 327 21.08 19.98 45.31
N TRP A 328 20.99 20.77 44.24
CA TRP A 328 20.02 20.51 43.18
C TRP A 328 20.32 19.21 42.46
N PHE A 329 19.28 18.41 42.21
CA PHE A 329 19.42 17.27 41.30
C PHE A 329 18.72 17.65 40.01
N ASN A 330 19.50 18.14 39.06
CA ASN A 330 18.94 18.80 37.89
C ASN A 330 18.56 17.89 36.74
N VAL A 331 17.46 18.22 36.07
CA VAL A 331 17.12 17.61 34.81
C VAL A 331 17.33 18.63 33.70
N THR A 332 18.17 18.28 32.73
CA THR A 332 18.50 19.17 31.62
C THR A 332 18.39 18.42 30.29
N PHE A 333 18.38 19.16 29.18
CA PHE A 333 18.23 18.54 27.86
C PHE A 333 19.31 18.92 26.85
N GLY A 334 19.67 17.98 25.98
CA GLY A 334 20.60 18.27 24.90
C GLY A 334 19.89 18.75 23.66
N ASP A 335 20.08 18.05 22.54
CA ASP A 335 19.37 18.36 21.31
C ASP A 335 17.89 18.05 21.47
N GLY A 336 17.05 19.02 21.10
CA GLY A 336 15.61 18.92 21.25
C GLY A 336 14.95 17.83 20.42
N LEU A 337 15.74 17.12 19.63
CA LEU A 337 15.20 16.02 18.84
C LEU A 337 14.96 14.77 19.70
N CYS A 338 15.47 14.80 20.93
CA CYS A 338 15.21 13.72 21.89
C CYS A 338 14.61 14.25 23.19
N GLY A 339 13.85 15.33 23.08
CA GLY A 339 13.07 15.84 24.18
C GLY A 339 13.34 17.26 24.63
N SER A 340 12.35 17.83 25.31
CA SER A 340 12.47 19.08 26.02
C SER A 340 11.25 19.18 26.94
N SER A 341 11.20 20.17 27.83
CA SER A 341 10.06 20.32 28.72
C SER A 341 9.67 21.78 28.89
N ASN A 342 8.38 22.03 29.08
CA ASN A 342 7.87 23.36 29.34
C ASN A 342 8.30 23.82 30.72
N ASN A 343 8.78 22.88 31.50
CA ASN A 343 9.43 23.19 32.76
C ASN A 343 10.91 23.30 32.48
N LYS A 344 11.45 24.52 32.58
CA LYS A 344 12.82 24.74 32.13
C LYS A 344 13.86 24.38 33.18
N PHE A 345 13.43 24.20 34.42
CA PHE A 345 14.33 23.74 35.46
C PHE A 345 13.65 22.72 36.39
N PRO A 346 13.51 21.47 35.91
CA PRO A 346 13.00 20.39 36.78
C PRO A 346 14.13 19.83 37.62
N ALA A 347 13.85 19.56 38.88
CA ALA A 347 14.88 19.09 39.81
C ALA A 347 14.26 18.51 41.07
N ALA A 348 15.10 17.85 41.87
CA ALA A 348 14.74 17.38 43.19
C ALA A 348 15.80 17.92 44.15
N ILE A 349 15.61 17.69 45.45
CA ILE A 349 16.50 18.24 46.46
C ILE A 349 17.18 17.14 47.26
N PHE A 350 18.49 17.04 47.10
CA PHE A 350 19.30 16.14 47.91
C PHE A 350 19.86 16.89 49.11
N ARG A 351 19.54 16.41 50.31
CA ARG A 351 19.83 17.15 51.53
C ARG A 351 20.72 16.32 52.45
N TYR A 352 21.73 16.94 53.02
CA TYR A 352 22.57 16.26 53.99
C TYR A 352 21.83 16.16 55.32
N GLN A 353 22.08 15.08 56.04
CA GLN A 353 21.48 14.95 57.36
C GLN A 353 21.97 16.11 58.22
N GLY A 354 21.02 16.88 58.75
CA GLY A 354 21.37 17.98 59.61
C GLY A 354 21.17 19.31 58.91
N ALA A 355 21.11 19.27 57.58
CA ALA A 355 20.91 20.46 56.79
C ALA A 355 19.50 21.00 57.02
N PRO A 356 19.34 22.33 56.95
CA PRO A 356 18.03 22.95 57.21
C PRO A 356 17.01 22.60 56.14
N ALA A 357 15.78 23.11 56.29
CA ALA A 357 14.76 22.87 55.29
C ALA A 357 14.68 24.04 54.31
N THR A 358 15.85 24.54 53.91
CA THR A 358 15.95 25.57 52.88
C THR A 358 16.08 24.90 51.50
N LEU A 359 16.29 25.73 50.49
CA LEU A 359 16.54 25.23 49.13
C LEU A 359 18.02 25.39 48.83
N PRO A 360 18.54 24.56 47.90
CA PRO A 360 19.90 24.77 47.41
C PRO A 360 20.05 26.19 46.86
N THR A 361 21.19 26.82 47.14
CA THR A 361 21.42 28.19 46.69
C THR A 361 22.41 28.23 45.53
N ASP A 362 23.11 27.13 45.31
CA ASP A 362 24.02 26.99 44.19
C ASP A 362 23.28 26.35 43.02
N GLN A 363 23.18 27.10 41.93
CA GLN A 363 22.39 26.65 40.78
C GLN A 363 23.18 25.70 39.90
N GLY A 364 24.39 25.39 40.34
CA GLY A 364 25.27 24.46 39.62
C GLY A 364 25.84 25.03 38.34
N LEU A 365 26.71 24.26 37.69
CA LEU A 365 27.37 24.67 36.47
C LEU A 365 26.53 24.32 35.23
N PRO A 366 27.03 24.67 34.04
CA PRO A 366 26.36 24.26 32.80
C PRO A 366 26.64 22.81 32.45
N VAL A 367 25.61 22.10 32.05
CA VAL A 367 25.72 20.68 31.69
C VAL A 367 25.92 20.53 30.19
N PRO A 368 27.00 19.81 29.80
CA PRO A 368 27.37 19.49 28.42
C PRO A 368 26.25 18.77 27.68
N ASN A 369 26.15 19.04 26.39
CA ASN A 369 25.14 18.45 25.52
C ASN A 369 25.56 17.03 25.16
N HIS A 370 24.79 16.05 25.61
CA HIS A 370 25.08 14.64 25.35
C HIS A 370 24.52 14.20 24.00
N MET A 371 24.09 15.17 23.21
CA MET A 371 23.71 14.97 21.81
C MET A 371 22.82 13.77 21.53
N CYS A 372 21.88 13.50 22.43
CA CYS A 372 20.93 12.42 22.22
C CYS A 372 21.67 11.11 22.01
N LEU A 373 22.69 10.88 22.82
CA LEU A 373 23.49 9.67 22.70
C LEU A 373 23.89 9.15 24.07
N ASP A 374 23.68 7.86 24.31
CA ASP A 374 24.15 7.22 25.52
C ASP A 374 25.61 6.74 25.38
N ASN A 375 26.36 6.82 26.47
CA ASN A 375 27.79 6.55 26.46
C ASN A 375 28.07 5.06 26.41
N LEU A 376 29.05 4.67 25.60
CA LEU A 376 29.31 3.26 25.34
C LEU A 376 30.56 2.72 26.05
N ASN A 377 31.39 3.61 26.56
CA ASN A 377 32.62 3.19 27.23
C ASN A 377 32.37 2.55 28.60
N LEU A 378 31.56 1.49 28.62
CA LEU A 378 31.28 0.76 29.85
C LEU A 378 31.62 -0.70 29.71
N THR A 379 32.24 -1.24 30.75
CA THR A 379 32.73 -2.60 30.73
C THR A 379 31.93 -3.51 31.67
N PRO A 380 31.16 -4.45 31.10
CA PRO A 380 30.40 -5.40 31.92
C PRO A 380 31.33 -6.28 32.75
N VAL A 381 30.95 -6.59 33.99
CA VAL A 381 31.78 -7.42 34.86
C VAL A 381 31.80 -8.88 34.41
N VAL A 382 30.65 -9.41 33.99
CA VAL A 382 30.62 -10.71 33.31
C VAL A 382 30.84 -10.46 31.82
N THR A 383 31.94 -11.00 31.27
CA THR A 383 32.39 -10.67 29.92
C THR A 383 31.77 -11.53 28.82
N ARG A 384 31.56 -10.90 27.67
CA ARG A 384 31.07 -11.56 26.46
C ARG A 384 32.00 -11.27 25.29
N SER A 385 31.80 -11.98 24.18
CA SER A 385 32.72 -11.89 23.07
C SER A 385 32.11 -12.44 21.79
N ALA A 386 31.85 -11.55 20.83
CA ALA A 386 31.36 -11.97 19.52
C ALA A 386 32.35 -11.55 18.46
N PRO A 387 32.44 -12.33 17.37
CA PRO A 387 33.27 -11.96 16.22
C PRO A 387 32.62 -10.81 15.50
N VAL A 388 33.40 -9.81 15.11
CA VAL A 388 32.87 -8.63 14.44
C VAL A 388 33.66 -8.37 13.18
N ASN A 389 34.80 -9.06 13.08
CA ASN A 389 35.75 -8.83 12.00
C ASN A 389 35.26 -9.42 10.68
N ASN A 390 34.09 -10.06 10.74
CA ASN A 390 33.54 -10.81 9.62
C ASN A 390 32.19 -10.28 9.14
N PHE A 391 31.73 -9.19 9.74
CA PHE A 391 30.41 -8.67 9.43
C PHE A 391 30.25 -8.16 8.00
N VAL A 392 29.27 -8.70 7.30
CA VAL A 392 28.97 -8.26 5.94
C VAL A 392 27.48 -7.93 5.76
N LYS A 393 27.21 -6.64 5.56
CA LYS A 393 25.86 -6.15 5.35
C LYS A 393 25.11 -6.84 4.22
N ARG A 394 23.86 -7.22 4.50
CA ARG A 394 22.98 -7.82 3.49
C ARG A 394 21.53 -7.76 3.93
N PRO A 395 20.59 -7.99 3.01
CA PRO A 395 19.16 -7.94 3.31
C PRO A 395 18.73 -8.71 4.55
N SER A 396 19.20 -9.94 4.71
CA SER A 396 18.73 -10.83 5.79
C SER A 396 19.17 -10.44 7.21
N ASN A 397 20.10 -9.48 7.33
CA ASN A 397 20.50 -8.98 8.64
C ASN A 397 20.40 -7.46 8.81
N THR A 398 19.64 -6.81 7.92
CA THR A 398 19.52 -5.35 7.92
C THR A 398 18.07 -4.89 8.08
N LEU A 399 17.83 -4.07 9.09
CA LEU A 399 16.50 -3.53 9.34
C LEU A 399 16.45 -2.03 9.04
N GLY A 400 15.69 -1.67 8.00
CA GLY A 400 15.62 -0.30 7.55
C GLY A 400 14.46 0.43 8.19
N VAL A 401 14.78 1.46 8.95
CA VAL A 401 13.78 2.27 9.62
C VAL A 401 13.39 3.43 8.73
N THR A 402 12.09 3.65 8.57
CA THR A 402 11.62 4.71 7.69
C THR A 402 10.42 5.45 8.27
N LEU A 403 10.26 6.70 7.87
CA LEU A 403 9.06 7.47 8.17
C LEU A 403 8.32 7.75 6.87
N ASP A 404 7.15 7.13 6.71
CA ASP A 404 6.31 7.41 5.55
C ASP A 404 5.46 8.64 5.81
N ILE A 405 5.81 9.74 5.16
CA ILE A 405 5.03 10.97 5.22
C ILE A 405 4.09 10.99 4.02
N GLY A 406 2.88 10.51 4.22
CA GLY A 406 1.94 10.36 3.12
C GLY A 406 0.59 10.93 3.47
N GLY A 407 -0.30 10.12 4.05
CA GLY A 407 -1.61 10.61 4.43
C GLY A 407 -2.40 9.68 5.31
N THR A 408 -2.93 10.23 6.39
CA THR A 408 -3.89 9.54 7.24
C THR A 408 -3.38 8.16 7.72
N PRO A 409 -2.45 8.16 8.71
CA PRO A 409 -1.89 9.34 9.37
C PRO A 409 -0.76 9.96 8.56
N LEU A 410 -0.45 11.22 8.83
CA LEU A 410 0.64 11.91 8.14
C LEU A 410 1.99 11.31 8.51
N PHE A 411 2.17 10.98 9.78
CA PHE A 411 3.41 10.38 10.23
C PHE A 411 3.24 8.88 10.54
N VAL A 412 4.00 8.06 9.82
CA VAL A 412 3.92 6.61 9.97
C VAL A 412 5.33 5.99 9.95
N TRP A 413 5.71 5.33 11.01
CA TRP A 413 7.01 4.66 11.06
C TRP A 413 6.93 3.23 10.58
N LYS A 414 7.90 2.84 9.76
CA LYS A 414 7.93 1.53 9.17
C LYS A 414 9.32 0.94 9.30
N VAL A 415 9.38 -0.38 9.47
CA VAL A 415 10.63 -1.09 9.42
C VAL A 415 10.59 -2.03 8.23
N ASN A 416 11.66 -2.03 7.44
CA ASN A 416 11.78 -2.85 6.23
C ASN A 416 10.52 -2.79 5.37
N GLY A 417 9.98 -1.59 5.22
CA GLY A 417 8.87 -1.34 4.32
C GLY A 417 7.52 -1.54 4.93
N SER A 418 7.49 -1.94 6.21
CA SER A 418 6.23 -2.30 6.85
C SER A 418 6.05 -1.70 8.24
N ALA A 419 4.87 -1.14 8.46
CA ALA A 419 4.48 -0.70 9.78
C ALA A 419 3.88 -1.90 10.50
N ILE A 420 4.31 -2.11 11.74
CA ILE A 420 3.78 -3.21 12.51
C ILE A 420 2.40 -2.86 13.08
N ASN A 421 1.51 -3.85 13.11
CA ASN A 421 0.16 -3.65 13.58
C ASN A 421 -0.47 -4.92 14.12
N VAL A 422 -0.06 -5.29 15.33
CA VAL A 422 -0.49 -6.54 15.96
C VAL A 422 -2.01 -6.71 16.06
N ASP A 423 -2.46 -7.94 16.33
CA ASP A 423 -3.87 -8.24 16.54
C ASP A 423 -4.13 -8.67 17.98
N TRP A 424 -4.85 -7.83 18.72
CA TRP A 424 -5.09 -8.08 20.14
C TRP A 424 -5.82 -9.40 20.39
N GLY A 425 -6.47 -9.92 19.36
CA GLY A 425 -7.22 -11.15 19.46
C GLY A 425 -6.38 -12.37 19.13
N LYS A 426 -5.61 -12.28 18.07
CA LYS A 426 -4.87 -13.43 17.57
C LYS A 426 -3.35 -13.21 17.67
N PRO A 427 -2.78 -13.54 18.84
CA PRO A 427 -1.35 -13.34 19.11
C PRO A 427 -0.48 -14.33 18.33
N ILE A 428 0.75 -13.91 18.06
CA ILE A 428 1.68 -14.74 17.31
C ILE A 428 1.80 -16.12 17.93
N LEU A 429 1.83 -16.18 19.26
CA LEU A 429 1.92 -17.47 19.94
C LEU A 429 0.86 -18.45 19.43
N ASP A 430 -0.31 -17.93 19.05
CA ASP A 430 -1.35 -18.76 18.47
C ASP A 430 -0.88 -19.46 17.19
N TYR A 431 -0.36 -18.68 16.25
CA TYR A 431 0.20 -19.26 15.03
C TYR A 431 1.25 -20.32 15.37
N VAL A 432 1.98 -20.09 16.46
CA VAL A 432 3.04 -21.01 16.87
C VAL A 432 2.48 -22.29 17.48
N MET A 433 1.54 -22.16 18.41
CA MET A 433 0.94 -23.32 19.07
C MET A 433 0.00 -24.11 18.16
N SER A 434 -0.02 -23.74 16.88
CA SER A 434 -0.73 -24.52 15.88
C SER A 434 0.16 -24.62 14.65
N GLY A 435 -0.37 -25.18 13.58
CA GLY A 435 0.41 -25.38 12.38
C GLY A 435 0.57 -24.15 11.51
N ASN A 436 -0.24 -23.12 11.77
CA ASN A 436 -0.30 -21.94 10.92
C ASN A 436 0.97 -21.09 10.98
N THR A 437 1.72 -21.09 9.88
CA THR A 437 2.91 -20.27 9.75
C THR A 437 2.63 -19.10 8.83
N SER A 438 1.35 -18.92 8.50
CA SER A 438 0.93 -17.83 7.63
C SER A 438 0.70 -16.55 8.42
N TYR A 439 1.74 -16.07 9.10
CA TYR A 439 1.65 -14.83 9.84
C TYR A 439 1.36 -13.65 8.91
N PRO A 440 0.54 -12.71 9.38
CA PRO A 440 0.23 -11.49 8.63
C PRO A 440 1.47 -10.64 8.39
N VAL A 441 1.49 -9.86 7.32
CA VAL A 441 2.65 -9.07 6.96
C VAL A 441 2.97 -7.98 7.98
N SER A 442 1.90 -7.43 8.58
CA SER A 442 2.02 -6.32 9.53
C SER A 442 2.55 -6.77 10.89
N ASP A 443 2.75 -8.06 11.07
CA ASP A 443 3.35 -8.53 12.32
C ASP A 443 4.86 -8.45 12.19
N ASN A 444 5.33 -8.10 11.00
CA ASN A 444 6.76 -7.93 10.73
C ASN A 444 7.57 -8.96 11.48
N ILE A 445 7.34 -10.21 11.13
CA ILE A 445 8.03 -11.33 11.74
C ILE A 445 9.40 -11.46 11.11
N VAL A 446 10.43 -11.41 11.94
CA VAL A 446 11.79 -11.70 11.48
C VAL A 446 12.26 -13.01 12.07
N GLN A 447 12.16 -14.07 11.26
CA GLN A 447 12.49 -15.42 11.71
C GLN A 447 13.99 -15.66 11.84
N VAL A 448 14.36 -16.35 12.90
CA VAL A 448 15.74 -16.71 13.19
C VAL A 448 15.78 -18.18 13.57
N ASP A 449 16.44 -18.98 12.75
CA ASP A 449 16.46 -20.43 12.93
C ASP A 449 17.74 -20.91 13.63
N ALA A 450 18.77 -20.07 13.62
CA ALA A 450 20.03 -20.38 14.28
C ALA A 450 19.81 -20.84 15.70
N VAL A 451 20.43 -21.96 16.05
CA VAL A 451 20.28 -22.52 17.40
C VAL A 451 21.43 -22.06 18.30
N ASP A 452 21.10 -21.25 19.31
CA ASP A 452 22.09 -20.74 20.26
C ASP A 452 23.40 -20.26 19.61
N GLN A 453 23.29 -19.55 18.49
CA GLN A 453 24.46 -18.88 17.90
C GLN A 453 24.28 -17.38 18.05
N TRP A 454 25.38 -16.63 17.96
CA TRP A 454 25.29 -15.17 17.88
C TRP A 454 24.55 -14.78 16.62
N THR A 455 23.86 -13.66 16.68
CA THR A 455 23.10 -13.17 15.52
C THR A 455 23.20 -11.63 15.39
N TYR A 456 23.58 -11.18 14.20
CA TYR A 456 23.94 -9.78 13.95
C TYR A 456 22.86 -9.03 13.19
N TRP A 457 22.55 -7.81 13.64
CA TRP A 457 21.54 -6.97 13.05
C TRP A 457 22.03 -5.55 12.92
N LEU A 458 21.97 -5.02 11.70
CA LEU A 458 22.36 -3.64 11.45
C LEU A 458 21.11 -2.79 11.24
N ILE A 459 20.83 -1.89 12.17
CA ILE A 459 19.67 -1.01 12.00
C ILE A 459 20.07 0.28 11.30
N GLU A 460 19.35 0.60 10.23
CA GLU A 460 19.61 1.78 9.42
C GLU A 460 18.49 2.81 9.59
N ASN A 461 18.87 4.02 9.99
CA ASN A 461 17.91 5.04 10.34
C ASN A 461 17.55 5.99 9.19
N ASP A 462 16.81 5.49 8.20
CA ASP A 462 16.26 6.31 7.12
C ASP A 462 17.32 7.21 6.51
N PRO A 463 18.32 6.60 5.84
CA PRO A 463 19.51 7.31 5.35
C PRO A 463 19.30 8.09 4.04
N THR A 464 18.27 7.74 3.28
CA THR A 464 17.99 8.44 2.02
C THR A 464 16.90 9.51 2.17
N ASN A 465 16.51 9.79 3.40
CA ASN A 465 15.50 10.79 3.69
C ASN A 465 16.22 12.12 3.92
N PRO A 466 16.03 13.08 3.00
CA PRO A 466 16.80 14.33 3.05
C PRO A 466 16.13 15.35 3.97
N ILE A 467 14.91 15.05 4.39
CA ILE A 467 14.10 16.04 5.11
C ILE A 467 14.10 15.85 6.63
N VAL A 468 14.21 14.61 7.10
CA VAL A 468 14.29 14.37 8.55
C VAL A 468 14.84 12.99 8.93
N SER A 469 15.43 12.92 10.11
CA SER A 469 15.93 11.67 10.68
C SER A 469 16.07 11.84 12.19
N LEU A 470 15.35 11.03 12.95
CA LEU A 470 15.24 11.25 14.39
C LEU A 470 16.01 10.18 15.14
N PRO A 471 16.50 10.50 16.35
CA PRO A 471 17.11 9.50 17.21
C PRO A 471 16.04 8.56 17.75
N HIS A 472 16.36 7.26 17.80
CA HIS A 472 15.44 6.27 18.30
C HIS A 472 16.12 5.42 19.35
N PRO A 473 15.51 5.28 20.54
CA PRO A 473 15.94 4.34 21.57
C PRO A 473 15.40 2.93 21.28
N MET A 474 16.22 2.06 20.72
CA MET A 474 15.82 0.71 20.36
C MET A 474 15.86 -0.27 21.55
N HIS A 475 14.81 -1.07 21.69
CA HIS A 475 14.71 -2.05 22.77
C HIS A 475 14.37 -3.47 22.28
N LEU A 476 15.13 -4.45 22.75
CA LEU A 476 14.90 -5.85 22.41
C LEU A 476 14.24 -6.62 23.56
N HIS A 477 13.19 -7.36 23.24
CA HIS A 477 12.52 -8.17 24.24
C HIS A 477 13.23 -9.49 24.37
N GLY A 478 13.41 -9.95 25.60
CA GLY A 478 13.84 -11.31 25.82
C GLY A 478 15.32 -11.51 25.85
N HIS A 479 16.07 -10.54 25.33
CA HIS A 479 17.54 -10.61 25.33
C HIS A 479 18.22 -9.33 25.82
N ASP A 480 19.47 -9.47 26.26
CA ASP A 480 20.38 -8.33 26.32
C ASP A 480 21.14 -8.42 25.01
N PHE A 481 21.55 -7.29 24.49
CA PHE A 481 22.38 -7.30 23.28
C PHE A 481 23.73 -6.65 23.52
N LEU A 482 24.73 -7.08 22.76
CA LEU A 482 26.01 -6.37 22.72
C LEU A 482 25.86 -5.25 21.71
N VAL A 483 26.38 -4.08 22.05
CA VAL A 483 26.33 -2.94 21.15
C VAL A 483 27.66 -2.90 20.40
N LEU A 484 27.70 -3.61 19.26
CA LEU A 484 28.91 -3.76 18.47
C LEU A 484 29.48 -2.43 17.98
N GLY A 485 28.61 -1.49 17.63
CA GLY A 485 29.04 -0.21 17.12
C GLY A 485 27.93 0.63 16.52
N ARG A 486 28.19 1.94 16.41
CA ARG A 486 27.24 2.88 15.84
C ARG A 486 28.00 3.97 15.09
N SER A 487 27.28 4.72 14.25
CA SER A 487 27.91 5.76 13.46
C SER A 487 28.55 6.84 14.33
N PRO A 488 29.56 7.55 13.79
CA PRO A 488 30.25 8.59 14.55
C PRO A 488 29.30 9.58 15.25
N ASP A 489 29.60 9.86 16.51
CA ASP A 489 28.80 10.79 17.30
C ASP A 489 28.60 12.13 16.60
N GLU A 490 27.33 12.55 16.49
CA GLU A 490 26.95 13.81 15.85
C GLU A 490 25.93 14.63 16.64
N LEU A 491 25.82 15.91 16.30
CA LEU A 491 24.72 16.76 16.77
C LEU A 491 23.55 16.52 15.83
N PRO A 492 22.46 15.93 16.36
CA PRO A 492 21.34 15.47 15.53
C PRO A 492 20.81 16.55 14.59
N SER A 493 20.58 17.75 15.13
CA SER A 493 19.97 18.84 14.39
C SER A 493 20.89 19.45 13.33
N ALA A 494 22.12 18.95 13.23
CA ALA A 494 23.04 19.36 12.17
C ALA A 494 22.86 18.53 10.91
N GLY A 495 22.06 17.47 11.02
CA GLY A 495 21.63 16.67 9.88
C GLY A 495 22.72 15.90 9.15
N VAL A 496 23.82 15.62 9.84
CA VAL A 496 24.95 14.89 9.26
C VAL A 496 24.61 13.40 9.13
N ARG A 497 24.54 12.91 7.90
CA ARG A 497 24.17 11.50 7.66
C ARG A 497 25.39 10.59 7.60
N HIS A 498 25.19 9.31 7.94
CA HIS A 498 26.23 8.29 7.93
C HIS A 498 25.61 6.97 7.54
N ILE A 499 26.09 6.42 6.42
CA ILE A 499 25.70 5.09 5.97
C ILE A 499 26.84 4.14 6.29
N PHE A 500 26.52 2.88 6.55
CA PHE A 500 27.52 1.90 6.94
C PHE A 500 28.55 1.64 5.85
N ASP A 501 29.82 1.86 6.18
CA ASP A 501 30.91 1.62 5.24
C ASP A 501 31.95 0.65 5.81
N PRO A 502 32.04 -0.56 5.24
CA PRO A 502 32.99 -1.58 5.70
C PRO A 502 34.42 -1.06 5.91
N ALA A 503 34.88 -0.14 5.06
CA ALA A 503 36.26 0.33 5.09
C ALA A 503 36.59 1.28 6.25
N LYS A 504 35.57 1.93 6.82
CA LYS A 504 35.81 2.89 7.89
C LYS A 504 35.38 2.38 9.26
N ASP A 505 34.34 1.53 9.27
CA ASP A 505 33.64 1.17 10.49
C ASP A 505 34.02 -0.18 11.10
N LEU A 506 34.40 -1.17 10.28
CA LEU A 506 34.81 -2.46 10.82
C LEU A 506 35.97 -2.34 11.82
N PRO A 507 36.89 -1.40 11.57
CA PRO A 507 37.95 -1.11 12.54
C PRO A 507 37.41 -0.49 13.82
N ARG A 508 36.20 0.05 13.78
CA ARG A 508 35.60 0.73 14.94
C ARG A 508 34.59 -0.13 15.70
N LEU A 509 34.13 -1.21 15.06
CA LEU A 509 33.26 -2.18 15.72
C LEU A 509 33.99 -2.86 16.88
N LYS A 510 33.24 -3.16 17.95
CA LYS A 510 33.82 -3.78 19.14
C LYS A 510 33.17 -5.13 19.43
N GLY A 511 33.97 -6.19 19.44
CA GLY A 511 33.45 -7.53 19.66
C GLY A 511 33.96 -8.14 20.94
N ASN A 512 34.96 -7.49 21.53
CA ASN A 512 35.51 -7.95 22.79
C ASN A 512 34.82 -7.29 23.99
N ASN A 513 33.74 -7.92 24.46
CA ASN A 513 32.96 -7.45 25.61
C ASN A 513 32.52 -5.99 25.53
N PRO A 514 31.61 -5.69 24.58
CA PRO A 514 31.06 -4.33 24.48
C PRO A 514 30.14 -4.07 25.65
N VAL A 515 29.45 -2.94 25.62
CA VAL A 515 28.36 -2.70 26.55
C VAL A 515 27.23 -3.62 26.13
N ARG A 516 26.55 -4.21 27.10
CA ARG A 516 25.35 -4.98 26.77
C ARG A 516 24.21 -4.62 27.70
N ARG A 517 23.04 -4.43 27.09
CA ARG A 517 21.89 -3.96 27.81
C ARG A 517 20.66 -4.16 26.93
N ASP A 518 19.52 -3.69 27.41
CA ASP A 518 18.26 -3.90 26.68
C ASP A 518 17.80 -2.65 25.93
N VAL A 519 18.43 -1.51 26.21
CA VAL A 519 18.13 -0.27 25.49
C VAL A 519 19.39 0.48 25.06
N THR A 520 19.42 0.91 23.80
CA THR A 520 20.54 1.69 23.29
C THR A 520 20.12 2.62 22.15
N MET A 521 20.92 3.66 21.92
CA MET A 521 20.57 4.72 20.98
C MET A 521 20.88 4.40 19.53
N LEU A 522 19.83 4.34 18.71
CA LEU A 522 20.00 4.42 17.27
C LEU A 522 20.22 5.89 16.94
N PRO A 523 21.38 6.23 16.36
CA PRO A 523 21.72 7.64 16.10
C PRO A 523 20.90 8.28 14.99
N ALA A 524 20.63 9.58 15.12
CA ALA A 524 19.89 10.34 14.13
C ALA A 524 20.64 10.42 12.80
N GLY A 525 20.02 9.94 11.73
CA GLY A 525 20.65 9.93 10.43
C GLY A 525 21.81 8.95 10.29
N GLY A 526 21.94 8.04 11.25
CA GLY A 526 23.03 7.08 11.25
C GLY A 526 22.61 5.62 11.13
N TRP A 527 23.27 4.76 11.91
CA TRP A 527 23.07 3.32 11.84
C TRP A 527 23.58 2.71 13.14
N LEU A 528 22.97 1.60 13.54
CA LEU A 528 23.39 0.91 14.77
C LEU A 528 23.59 -0.59 14.48
N LEU A 529 24.67 -1.15 15.02
CA LEU A 529 24.93 -2.57 14.89
C LEU A 529 24.78 -3.32 16.22
N LEU A 530 23.97 -4.38 16.23
CA LEU A 530 23.69 -5.13 17.45
C LEU A 530 23.80 -6.65 17.33
N ALA A 531 24.05 -7.32 18.45
CA ALA A 531 24.01 -8.77 18.47
C ALA A 531 23.38 -9.32 19.76
N PHE A 532 22.57 -10.37 19.61
CA PHE A 532 22.10 -11.17 20.74
C PHE A 532 22.26 -12.64 20.39
N LYS A 533 22.26 -13.49 21.41
CA LYS A 533 22.41 -14.91 21.16
C LYS A 533 21.05 -15.58 21.24
N THR A 534 20.59 -16.13 20.12
CA THR A 534 19.31 -16.85 20.04
C THR A 534 19.27 -18.05 21.00
N ASP A 535 19.25 -17.77 22.30
CA ASP A 535 19.27 -18.80 23.35
C ASP A 535 17.93 -18.86 24.12
N ASN A 536 16.84 -18.44 23.47
CA ASN A 536 15.58 -18.27 24.14
C ASN A 536 14.38 -18.33 23.20
N PRO A 537 14.16 -19.50 22.57
CA PRO A 537 13.03 -19.71 21.67
C PRO A 537 11.82 -18.91 22.12
N GLY A 538 11.39 -17.95 21.30
CA GLY A 538 10.27 -17.11 21.65
C GLY A 538 9.92 -16.19 20.51
N ALA A 539 8.94 -15.31 20.72
CA ALA A 539 8.63 -14.23 19.78
C ALA A 539 8.93 -12.91 20.46
N TRP A 540 10.01 -12.23 20.07
CA TRP A 540 10.46 -11.03 20.79
C TRP A 540 10.36 -9.74 19.99
N LEU A 541 9.61 -8.78 20.52
CA LEU A 541 9.53 -7.46 19.92
C LEU A 541 10.88 -6.74 19.92
N PHE A 542 11.18 -6.09 18.81
CA PHE A 542 12.32 -5.21 18.73
C PHE A 542 11.82 -3.89 18.20
N HIS A 543 11.73 -2.88 19.05
CA HIS A 543 11.03 -1.66 18.66
C HIS A 543 11.64 -0.42 19.26
N CYS A 544 11.03 0.72 18.93
CA CYS A 544 11.41 1.99 19.50
C CYS A 544 10.60 2.21 20.75
N HIS A 545 11.25 2.68 21.82
CA HIS A 545 10.57 2.80 23.10
C HIS A 545 9.96 4.20 23.29
N ILE A 546 9.93 4.96 22.21
CA ILE A 546 9.17 6.20 22.21
C ILE A 546 7.72 5.84 21.90
N ALA A 547 6.83 6.13 22.83
CA ALA A 547 5.44 5.71 22.72
C ALA A 547 4.82 6.10 21.37
N TRP A 548 5.15 7.32 20.90
CA TRP A 548 4.55 7.83 19.66
C TRP A 548 5.04 7.06 18.44
N HIS A 549 6.29 6.65 18.46
CA HIS A 549 6.87 5.98 17.30
C HIS A 549 6.42 4.53 17.19
N VAL A 550 6.34 3.84 18.32
CA VAL A 550 5.95 2.43 18.29
C VAL A 550 4.44 2.25 18.07
N SER A 551 3.68 3.29 18.39
CA SER A 551 2.26 3.35 18.03
C SER A 551 2.18 3.64 16.56
N GLY A 552 3.19 4.38 16.07
CA GLY A 552 3.28 4.75 14.67
C GLY A 552 3.67 3.58 13.79
N GLY A 553 4.22 2.55 14.41
CA GLY A 553 4.51 1.31 13.71
C GLY A 553 5.97 0.89 13.65
N LEU A 554 6.79 1.39 14.55
CA LEU A 554 8.23 1.19 14.44
C LEU A 554 8.69 -0.02 15.25
N SER A 555 8.41 -1.21 14.74
CA SER A 555 8.79 -2.42 15.44
C SER A 555 8.90 -3.59 14.45
N VAL A 556 9.67 -4.59 14.84
CA VAL A 556 9.64 -5.90 14.17
C VAL A 556 9.42 -6.96 15.24
N ASP A 557 9.13 -8.18 14.80
CA ASP A 557 8.88 -9.29 15.72
C ASP A 557 9.78 -10.47 15.38
N PHE A 558 10.82 -10.64 16.18
CA PHE A 558 11.74 -11.75 16.00
C PHE A 558 11.08 -13.06 16.41
N LEU A 559 10.76 -13.89 15.44
CA LEU A 559 10.27 -15.23 15.70
C LEU A 559 11.43 -16.19 15.85
N GLU A 560 11.88 -16.35 17.08
CA GLU A 560 13.13 -17.08 17.36
C GLU A 560 12.92 -18.57 17.64
N ARG A 561 13.60 -19.41 16.84
CA ARG A 561 13.55 -20.87 16.99
C ARG A 561 12.12 -21.41 17.14
N PRO A 562 11.29 -21.22 16.09
CA PRO A 562 9.87 -21.59 16.06
C PRO A 562 9.66 -23.07 16.37
N ASN A 563 10.49 -23.93 15.79
CA ASN A 563 10.45 -25.37 16.06
C ASN A 563 10.57 -25.67 17.56
N ASP A 564 11.65 -25.22 18.18
CA ASP A 564 11.88 -25.42 19.60
C ASP A 564 10.78 -24.76 20.41
N LEU A 565 10.39 -23.56 20.00
CA LEU A 565 9.37 -22.79 20.72
C LEU A 565 8.01 -23.48 20.78
N ARG A 566 7.55 -24.01 19.64
CA ARG A 566 6.27 -24.69 19.61
C ARG A 566 6.26 -25.87 20.56
N THR A 567 7.29 -26.71 20.47
CA THR A 567 7.45 -27.82 21.39
C THR A 567 7.38 -27.36 22.85
N GLN A 568 7.92 -26.18 23.14
CA GLN A 568 7.91 -25.63 24.49
C GLN A 568 6.49 -25.26 24.91
N LEU A 569 5.89 -24.33 24.19
CA LEU A 569 4.54 -23.86 24.51
C LEU A 569 3.49 -24.98 24.64
N ASN A 570 3.76 -26.12 24.01
CA ASN A 570 2.81 -27.23 24.01
C ASN A 570 3.12 -28.36 25.02
N SER A 571 4.36 -28.41 25.51
CA SER A 571 4.76 -29.43 26.46
C SER A 571 3.87 -29.43 27.69
N ASN A 572 3.75 -30.59 28.34
CA ASN A 572 2.97 -30.72 29.56
C ASN A 572 3.21 -29.59 30.54
N ALA A 573 4.49 -29.32 30.81
CA ALA A 573 4.90 -28.28 31.74
C ALA A 573 4.08 -27.01 31.62
N LYS A 574 3.90 -26.54 30.39
CA LYS A 574 3.28 -25.26 30.13
C LYS A 574 1.75 -25.24 30.23
N ARG A 575 1.14 -26.42 30.35
CA ARG A 575 -0.32 -26.53 30.39
C ARG A 575 -0.99 -25.36 31.11
N ALA A 576 -0.46 -24.97 32.25
CA ALA A 576 -1.08 -23.91 33.06
C ALA A 576 -0.91 -22.55 32.41
N ASP A 577 0.22 -22.34 31.74
CA ASP A 577 0.46 -21.10 31.03
C ASP A 577 -0.36 -21.03 29.75
N ARG A 578 -0.25 -22.04 28.90
CA ARG A 578 -1.01 -22.08 27.67
C ARG A 578 -2.52 -21.95 27.94
N ASP A 579 -3.00 -22.57 29.01
CA ASP A 579 -4.41 -22.53 29.38
C ASP A 579 -4.83 -21.14 29.85
N ASP A 580 -3.97 -20.46 30.60
CA ASP A 580 -4.25 -19.08 31.01
C ASP A 580 -4.29 -18.18 29.78
N PHE A 581 -3.20 -18.22 28.99
CA PHE A 581 -3.15 -17.59 27.67
C PHE A 581 -4.47 -17.77 26.94
N ASN A 582 -4.77 -18.99 26.56
CA ASN A 582 -6.05 -19.31 25.93
C ASN A 582 -7.27 -18.72 26.66
N ARG A 583 -7.20 -18.59 27.97
CA ARG A 583 -8.35 -18.13 28.75
C ARG A 583 -8.61 -16.62 28.65
N VAL A 584 -7.56 -15.84 28.87
CA VAL A 584 -7.65 -14.39 28.81
C VAL A 584 -8.00 -13.94 27.38
N CYS A 585 -7.61 -14.74 26.39
CA CYS A 585 -7.96 -14.47 24.99
C CYS A 585 -9.44 -14.60 24.72
N ARG A 586 -10.05 -15.60 25.35
CA ARG A 586 -11.46 -15.87 25.20
C ARG A 586 -12.30 -14.72 25.77
N GLU A 587 -11.90 -14.19 26.93
CA GLU A 587 -12.67 -13.13 27.56
C GLU A 587 -12.45 -11.80 26.87
N TRP A 588 -11.32 -11.67 26.17
CA TRP A 588 -11.04 -10.42 25.46
C TRP A 588 -11.74 -10.38 24.12
N ASN A 589 -11.74 -11.50 23.41
CA ASN A 589 -12.42 -11.60 22.13
C ASN A 589 -13.92 -11.42 22.28
N ALA A 590 -14.42 -11.74 23.48
CA ALA A 590 -15.85 -11.65 23.80
C ALA A 590 -16.22 -10.23 24.21
N TYR A 591 -15.32 -9.58 24.94
CA TYR A 591 -15.52 -8.21 25.36
C TYR A 591 -15.39 -7.24 24.21
N TRP A 592 -14.33 -7.42 23.43
CA TRP A 592 -13.97 -6.50 22.37
C TRP A 592 -15.15 -5.81 21.69
N PRO A 593 -16.06 -6.60 21.09
CA PRO A 593 -17.16 -6.01 20.33
C PRO A 593 -18.10 -5.11 21.14
N THR A 594 -17.93 -5.08 22.45
CA THR A 594 -18.71 -4.17 23.29
C THR A 594 -17.94 -2.88 23.53
N ASN A 595 -16.66 -2.86 23.15
CA ASN A 595 -15.86 -1.65 23.28
C ASN A 595 -16.37 -0.54 22.36
N PRO A 596 -16.52 0.68 22.90
CA PRO A 596 -17.03 1.86 22.18
C PRO A 596 -15.94 2.53 21.37
N PHE A 597 -14.68 2.21 21.67
CA PHE A 597 -13.56 2.84 20.99
C PHE A 597 -12.84 1.89 20.04
N PRO A 598 -12.35 2.41 18.91
CA PRO A 598 -11.52 1.68 17.94
C PRO A 598 -10.06 1.61 18.36
N LYS A 599 -9.29 0.81 17.65
CA LYS A 599 -7.85 0.75 17.81
C LYS A 599 -7.20 1.73 16.83
N ILE A 600 -6.60 2.79 17.37
CA ILE A 600 -6.12 3.89 16.56
C ILE A 600 -4.70 3.71 16.05
N ASP A 601 -3.88 2.95 16.79
CA ASP A 601 -2.50 2.73 16.40
C ASP A 601 -2.18 1.25 16.24
N SER A 602 -0.90 0.97 16.16
CA SER A 602 -0.41 -0.38 15.90
C SER A 602 -0.85 -1.34 16.99
N GLY A 603 -1.18 -0.79 18.16
CA GLY A 603 -1.60 -1.59 19.28
C GLY A 603 -0.51 -1.72 20.33
N LEU A 604 0.70 -1.34 19.94
CA LEU A 604 1.87 -1.53 20.80
C LEU A 604 2.33 -0.24 21.45
N SER B 41 37.30 67.19 4.75
CA SER B 41 36.71 67.49 6.05
C SER B 41 36.43 66.21 6.85
N GLY B 42 37.32 65.91 7.79
CA GLY B 42 37.10 64.79 8.70
C GLY B 42 36.40 65.26 9.95
N PRO B 43 36.80 64.69 11.11
CA PRO B 43 36.26 65.07 12.42
C PRO B 43 36.82 66.41 12.87
N THR B 44 36.23 67.01 13.90
CA THR B 44 36.83 68.20 14.50
C THR B 44 36.82 68.18 16.03
N CYS B 45 36.09 67.23 16.63
CA CYS B 45 36.01 67.14 18.08
C CYS B 45 35.87 65.72 18.63
N ASN B 46 36.10 64.72 17.78
CA ASN B 46 36.02 63.31 18.17
C ASN B 46 37.27 62.87 18.93
N THR B 47 37.17 62.78 20.25
CA THR B 47 38.32 62.45 21.08
C THR B 47 37.98 61.34 22.04
N PRO B 48 39.01 60.74 22.66
CA PRO B 48 38.84 59.63 23.61
C PRO B 48 37.73 59.86 24.66
N SER B 49 37.52 61.11 25.08
CA SER B 49 36.58 61.40 26.15
C SER B 49 35.24 61.88 25.60
N ASN B 50 35.26 62.36 24.37
CA ASN B 50 34.05 62.90 23.75
C ASN B 50 33.81 62.36 22.34
N ARG B 51 33.60 61.05 22.24
CA ARG B 51 33.34 60.40 20.98
C ARG B 51 32.00 60.84 20.40
N ALA B 52 31.07 61.23 21.27
CA ALA B 52 29.77 61.70 20.85
C ALA B 52 29.88 62.80 19.79
N CYS B 53 30.87 63.68 19.97
CA CYS B 53 31.05 64.84 19.10
C CYS B 53 31.86 64.46 17.86
N TRP B 54 31.36 64.85 16.69
CA TRP B 54 32.02 64.52 15.45
C TRP B 54 32.64 65.75 14.81
N THR B 55 31.79 66.74 14.53
CA THR B 55 32.23 68.04 14.05
C THR B 55 31.37 69.10 14.71
N ASN B 56 31.31 70.27 14.09
CA ASN B 56 30.54 71.38 14.64
C ASN B 56 29.06 71.26 14.29
N GLY B 57 28.26 70.80 15.25
CA GLY B 57 26.84 70.64 15.04
C GLY B 57 26.45 69.28 14.48
N PHE B 58 27.40 68.36 14.46
CA PHE B 58 27.13 66.99 14.05
C PHE B 58 27.62 66.04 15.14
N ASP B 59 26.69 65.38 15.84
CA ASP B 59 27.07 64.43 16.90
C ASP B 59 26.23 63.15 16.87
N ILE B 60 26.40 62.31 17.89
CA ILE B 60 25.73 61.03 17.97
C ILE B 60 24.22 61.17 18.07
N ASN B 61 23.76 62.39 18.32
CA ASN B 61 22.32 62.65 18.45
C ASN B 61 21.69 63.25 17.20
N THR B 62 22.51 63.69 16.25
CA THR B 62 22.04 64.18 14.95
C THR B 62 21.30 63.08 14.21
N ASP B 63 20.22 63.42 13.52
CA ASP B 63 19.46 62.44 12.74
C ASP B 63 20.12 62.25 11.37
N TYR B 64 20.85 61.14 11.20
CA TYR B 64 21.68 60.95 10.01
C TYR B 64 20.83 60.73 8.75
N GLU B 65 19.59 60.31 8.95
CA GLU B 65 18.69 60.11 7.81
C GLU B 65 18.10 61.42 7.26
N VAL B 66 18.42 62.55 7.91
CA VAL B 66 17.95 63.84 7.45
C VAL B 66 19.09 64.82 7.25
N SER B 67 19.98 64.90 8.23
CA SER B 67 21.14 65.78 8.15
C SER B 67 22.41 65.01 7.87
N THR B 68 23.24 65.55 6.99
CA THR B 68 24.46 64.88 6.55
C THR B 68 25.61 65.87 6.39
N PRO B 69 26.79 65.50 6.92
CA PRO B 69 27.98 66.34 6.82
C PRO B 69 28.37 66.54 5.37
N ASN B 70 28.51 67.80 4.96
CA ASN B 70 28.92 68.09 3.60
C ASN B 70 30.44 68.19 3.51
N THR B 71 31.11 67.06 3.41
CA THR B 71 32.54 67.07 3.18
C THR B 71 32.75 67.13 1.67
N GLY B 72 33.63 68.02 1.23
CA GLY B 72 33.93 68.16 -0.17
C GLY B 72 34.98 67.17 -0.61
N ARG B 73 34.97 66.01 0.03
CA ARG B 73 35.92 64.97 -0.29
C ARG B 73 35.24 63.81 -1.01
N THR B 74 35.97 63.25 -1.97
CA THR B 74 35.60 62.02 -2.64
C THR B 74 36.74 61.03 -2.48
N VAL B 75 36.41 59.78 -2.19
CA VAL B 75 37.40 58.72 -2.14
C VAL B 75 37.14 57.74 -3.26
N ALA B 76 38.14 56.95 -3.58
CA ALA B 76 38.05 55.99 -4.67
C ALA B 76 38.77 54.72 -4.26
N TYR B 77 38.21 53.58 -4.66
CA TYR B 77 38.88 52.30 -4.47
C TYR B 77 38.74 51.47 -5.75
N GLN B 78 39.67 50.53 -5.93
CA GLN B 78 39.58 49.62 -7.06
C GLN B 78 39.58 48.18 -6.55
N LEU B 79 38.51 47.44 -6.83
CA LEU B 79 38.42 46.04 -6.46
C LEU B 79 38.57 45.15 -7.69
N THR B 80 39.63 44.34 -7.71
CA THR B 80 39.90 43.47 -8.85
C THR B 80 39.64 42.00 -8.54
N LEU B 81 38.57 41.46 -9.11
CA LEU B 81 38.19 40.06 -8.89
C LEU B 81 38.91 39.13 -9.85
N THR B 82 39.69 38.23 -9.29
CA THR B 82 40.38 37.22 -10.08
C THR B 82 39.90 35.82 -9.68
N GLU B 83 40.09 34.85 -10.57
CA GLU B 83 39.65 33.49 -10.34
C GLU B 83 40.84 32.52 -10.37
N LYS B 84 40.96 31.67 -9.35
CA LYS B 84 42.07 30.73 -9.25
C LYS B 84 41.60 29.29 -8.99
N GLU B 85 42.20 28.34 -9.69
CA GLU B 85 41.79 26.93 -9.56
C GLU B 85 42.81 26.11 -8.77
N ASN B 86 42.32 25.16 -7.98
CA ASN B 86 43.21 24.28 -7.25
C ASN B 86 44.20 25.07 -6.38
N TRP B 87 43.64 25.78 -5.41
CA TRP B 87 44.31 26.83 -4.65
C TRP B 87 44.37 26.49 -3.17
N ILE B 88 45.59 26.45 -2.60
CA ILE B 88 45.76 26.17 -1.17
C ILE B 88 45.23 27.34 -0.32
N GLY B 89 44.21 27.08 0.49
CA GLY B 89 43.57 28.13 1.27
C GLY B 89 44.26 28.42 2.59
N PRO B 90 43.64 29.29 3.43
CA PRO B 90 44.22 29.68 4.72
C PRO B 90 44.64 28.48 5.57
N ASP B 91 43.73 27.54 5.81
CA ASP B 91 44.04 26.36 6.62
C ASP B 91 44.78 25.26 5.85
N GLY B 92 45.27 25.61 4.66
CA GLY B 92 46.15 24.73 3.91
C GLY B 92 45.51 23.57 3.19
N VAL B 93 44.20 23.62 2.99
CA VAL B 93 43.54 22.57 2.20
C VAL B 93 43.19 23.07 0.80
N LEU B 94 43.39 22.19 -0.18
CA LEU B 94 43.14 22.47 -1.58
C LEU B 94 41.70 22.93 -1.80
N LYS B 95 41.55 24.12 -2.37
CA LYS B 95 40.25 24.62 -2.81
C LYS B 95 40.21 24.52 -4.31
N ASN B 96 39.43 23.59 -4.86
CA ASN B 96 39.38 23.42 -6.31
C ASN B 96 39.14 24.73 -7.08
N VAL B 97 38.53 25.72 -6.44
CA VAL B 97 38.28 27.02 -7.09
C VAL B 97 37.88 28.13 -6.11
N VAL B 98 38.52 29.30 -6.24
CA VAL B 98 38.13 30.49 -5.48
C VAL B 98 38.04 31.73 -6.37
N MET B 99 37.65 32.85 -5.76
CA MET B 99 37.39 34.08 -6.48
C MET B 99 37.72 35.25 -5.58
N LEU B 100 38.85 35.89 -5.84
CA LEU B 100 39.49 36.79 -4.87
C LEU B 100 39.26 38.26 -5.18
N VAL B 101 39.26 39.09 -4.14
CA VAL B 101 39.21 40.55 -4.31
C VAL B 101 40.57 41.14 -3.96
N ASN B 102 41.28 41.60 -4.99
CA ASN B 102 42.62 42.10 -4.84
C ASN B 102 43.60 41.03 -4.37
N ASP B 103 43.35 39.81 -4.84
CA ASP B 103 44.29 38.70 -4.70
C ASP B 103 44.38 38.08 -3.30
N LYS B 104 43.49 38.44 -2.40
CA LYS B 104 43.49 37.83 -1.08
C LYS B 104 42.20 37.09 -0.80
N ILE B 105 42.17 36.31 0.28
CA ILE B 105 40.94 35.61 0.69
C ILE B 105 39.82 36.59 1.14
N ILE B 106 40.19 37.78 1.57
CA ILE B 106 39.24 38.80 1.99
C ILE B 106 39.55 40.12 1.27
N GLY B 107 38.52 40.89 0.95
CA GLY B 107 38.69 42.15 0.25
C GLY B 107 39.20 43.26 1.15
N PRO B 108 39.52 44.42 0.55
CA PRO B 108 39.97 45.64 1.24
C PRO B 108 38.84 46.31 2.00
N THR B 109 39.17 47.05 3.05
CA THR B 109 38.18 47.86 3.74
C THR B 109 37.91 49.13 2.97
N ILE B 110 36.66 49.31 2.58
CA ILE B 110 36.25 50.56 1.94
C ILE B 110 36.05 51.59 3.02
N ARG B 111 37.07 52.42 3.24
CA ARG B 111 37.03 53.37 4.33
C ARG B 111 36.62 54.76 3.86
N ALA B 112 36.04 55.55 4.77
CA ALA B 112 35.59 56.90 4.46
C ALA B 112 35.09 57.57 5.72
N ASN B 113 34.74 58.84 5.58
CA ASN B 113 34.15 59.62 6.66
C ASN B 113 32.68 59.92 6.40
N TRP B 114 31.91 60.06 7.48
CA TRP B 114 30.52 60.51 7.38
C TRP B 114 30.41 61.67 6.40
N GLY B 115 29.56 61.52 5.39
CA GLY B 115 29.32 62.56 4.40
C GLY B 115 30.09 62.37 3.11
N ASP B 116 31.29 61.81 3.22
CA ASP B 116 32.15 61.56 2.07
C ASP B 116 31.37 61.02 0.88
N ASN B 117 31.80 61.41 -0.32
CA ASN B 117 31.41 60.70 -1.54
C ASN B 117 32.38 59.55 -1.76
N ILE B 118 31.93 58.54 -2.51
CA ILE B 118 32.73 57.34 -2.71
C ILE B 118 32.58 56.84 -4.13
N GLU B 119 33.68 56.30 -4.67
CA GLU B 119 33.66 55.70 -5.99
C GLU B 119 34.46 54.41 -5.94
N VAL B 120 33.81 53.28 -6.17
CA VAL B 120 34.49 51.99 -6.17
C VAL B 120 34.43 51.27 -7.52
N THR B 121 35.54 51.31 -8.26
CA THR B 121 35.63 50.63 -9.55
C THR B 121 35.80 49.12 -9.39
N VAL B 122 34.89 48.35 -9.99
CA VAL B 122 34.94 46.90 -9.95
C VAL B 122 35.30 46.31 -11.32
N ILE B 123 36.37 45.52 -11.36
CA ILE B 123 36.81 44.86 -12.59
C ILE B 123 36.64 43.34 -12.47
N ASN B 124 35.87 42.76 -13.38
CA ASN B 124 35.51 41.34 -13.30
C ASN B 124 36.32 40.44 -14.21
N ASN B 125 37.56 40.16 -13.81
CA ASN B 125 38.42 39.23 -14.53
C ASN B 125 38.11 37.77 -14.25
N LEU B 126 36.86 37.46 -13.93
CA LEU B 126 36.47 36.08 -13.71
C LEU B 126 36.39 35.38 -15.06
N LYS B 127 36.58 34.07 -15.07
CA LYS B 127 36.59 33.31 -16.31
C LYS B 127 35.22 33.29 -16.95
N THR B 128 34.22 32.94 -16.17
CA THR B 128 32.90 32.67 -16.73
C THR B 128 31.78 33.41 -15.99
N ASN B 129 31.95 33.59 -14.68
CA ASN B 129 30.94 34.27 -13.88
C ASN B 129 30.89 35.77 -14.11
N GLY B 130 29.69 36.31 -14.26
CA GLY B 130 29.48 37.74 -14.18
C GLY B 130 29.44 38.13 -12.72
N THR B 131 29.29 39.41 -12.43
CA THR B 131 29.27 39.85 -11.04
C THR B 131 28.30 41.01 -10.73
N SER B 132 28.12 41.27 -9.43
CA SER B 132 27.14 42.20 -8.94
C SER B 132 27.53 42.53 -7.51
N MET B 133 28.05 43.73 -7.28
CA MET B 133 28.60 44.11 -5.98
C MET B 133 27.64 44.94 -5.17
N HIS B 134 27.10 44.34 -4.11
CA HIS B 134 26.14 44.98 -3.21
C HIS B 134 26.85 45.57 -1.99
N TRP B 135 26.41 46.74 -1.56
CA TRP B 135 27.01 47.39 -0.39
C TRP B 135 26.02 47.29 0.78
N HIS B 136 26.19 46.24 1.57
CA HIS B 136 25.20 45.82 2.56
C HIS B 136 24.94 46.87 3.60
N GLY B 137 23.67 47.22 3.77
CA GLY B 137 23.27 48.14 4.82
C GLY B 137 23.36 49.61 4.46
N LEU B 138 23.84 49.92 3.26
CA LEU B 138 23.86 51.29 2.80
C LEU B 138 22.49 51.68 2.26
N ARG B 139 22.03 52.85 2.70
CA ARG B 139 20.66 53.30 2.45
C ARG B 139 20.45 53.52 0.97
N GLN B 140 21.51 53.98 0.31
CA GLN B 140 21.44 54.36 -1.09
C GLN B 140 20.19 55.21 -1.36
N LEU B 141 19.97 56.22 -0.51
CA LEU B 141 18.81 57.10 -0.67
C LEU B 141 18.82 57.73 -2.06
N GLY B 142 17.70 57.60 -2.77
CA GLY B 142 17.58 58.12 -4.13
C GLY B 142 18.77 57.77 -5.00
N ASN B 143 19.34 56.57 -4.78
CA ASN B 143 20.55 56.15 -5.48
C ASN B 143 20.49 54.67 -5.84
N VAL B 144 19.36 54.24 -6.38
CA VAL B 144 19.10 52.83 -6.54
C VAL B 144 20.02 52.18 -7.55
N PHE B 145 20.28 52.90 -8.65
CA PHE B 145 21.13 52.39 -9.74
C PHE B 145 22.43 51.79 -9.23
N ASN B 146 22.78 52.09 -7.98
CA ASN B 146 24.02 51.59 -7.40
C ASN B 146 23.83 50.59 -6.28
N ASP B 147 22.59 50.16 -6.05
CA ASP B 147 22.32 49.19 -4.99
C ASP B 147 23.18 47.94 -5.17
N GLY B 148 23.24 47.44 -6.40
CA GLY B 148 24.12 46.33 -6.72
C GLY B 148 23.42 44.99 -6.72
N ALA B 149 22.20 44.96 -7.24
CA ALA B 149 21.40 43.74 -7.19
C ALA B 149 21.00 43.29 -8.59
N ASN B 150 21.77 42.39 -9.18
CA ASN B 150 21.47 41.96 -10.55
C ASN B 150 20.05 41.41 -10.75
N GLY B 151 19.46 41.70 -11.90
CA GLY B 151 18.09 41.32 -12.18
C GLY B 151 17.08 42.30 -11.60
N VAL B 152 17.58 43.22 -10.80
CA VAL B 152 16.76 44.20 -10.11
C VAL B 152 17.24 45.60 -10.50
N THR B 153 18.33 46.03 -9.86
CA THR B 153 18.85 47.37 -10.05
C THR B 153 19.99 47.39 -11.08
N GLU B 154 20.28 46.25 -11.69
CA GLU B 154 21.33 46.20 -12.70
C GLU B 154 21.45 44.85 -13.37
N CYS B 155 22.35 44.77 -14.35
CA CYS B 155 22.69 43.51 -14.99
C CYS B 155 24.07 43.12 -14.49
N PRO B 156 24.33 41.80 -14.39
CA PRO B 156 25.67 41.31 -14.03
C PRO B 156 26.75 41.87 -14.94
N ILE B 157 27.90 42.17 -14.35
CA ILE B 157 29.05 42.67 -15.10
C ILE B 157 29.79 41.49 -15.70
N PRO B 158 30.01 41.52 -17.03
CA PRO B 158 30.56 40.38 -17.78
C PRO B 158 31.96 40.00 -17.35
N PRO B 159 32.37 38.73 -17.61
CA PRO B 159 33.72 38.26 -17.27
C PRO B 159 34.77 38.88 -18.19
N LYS B 160 36.00 38.37 -18.14
CA LYS B 160 37.04 38.79 -19.07
C LYS B 160 37.15 40.30 -19.20
N GLY B 161 37.21 41.00 -18.07
CA GLY B 161 37.50 42.43 -18.09
C GLY B 161 36.33 43.38 -18.00
N GLY B 162 35.11 42.86 -17.95
CA GLY B 162 33.94 43.70 -17.72
C GLY B 162 34.11 44.54 -16.45
N ARG B 163 33.62 45.78 -16.47
CA ARG B 163 33.76 46.67 -15.30
C ARG B 163 32.59 47.67 -15.11
N LYS B 164 32.66 48.43 -14.00
CA LYS B 164 31.69 49.49 -13.66
C LYS B 164 32.17 50.24 -12.41
N THR B 165 31.84 51.52 -12.31
CA THR B 165 32.19 52.29 -11.13
C THR B 165 30.95 52.67 -10.33
N TYR B 166 30.71 51.96 -9.23
CA TYR B 166 29.64 52.29 -8.32
C TYR B 166 29.97 53.59 -7.59
N LYS B 167 29.01 54.50 -7.56
CA LYS B 167 29.16 55.77 -6.92
C LYS B 167 28.02 56.00 -5.90
N PHE B 168 28.40 56.31 -4.65
CA PHE B 168 27.42 56.51 -3.58
C PHE B 168 27.95 57.41 -2.46
N ARG B 169 27.05 58.00 -1.68
CA ARG B 169 27.49 58.86 -0.58
C ARG B 169 27.39 58.15 0.76
N ALA B 170 28.24 58.52 1.71
CA ALA B 170 28.13 57.97 3.05
C ALA B 170 27.22 58.86 3.91
N THR B 171 25.92 58.65 3.77
CA THR B 171 24.93 59.32 4.59
C THR B 171 24.66 58.53 5.87
N GLN B 172 25.58 57.65 6.22
CA GLN B 172 25.49 56.88 7.44
C GLN B 172 26.90 56.67 7.93
N TYR B 173 27.03 56.32 9.20
CA TYR B 173 28.34 55.92 9.70
C TYR B 173 28.18 54.65 10.51
N GLY B 174 29.13 53.74 10.38
CA GLY B 174 29.11 52.50 11.12
C GLY B 174 30.06 51.49 10.51
N THR B 175 29.72 50.21 10.64
CA THR B 175 30.51 49.12 10.13
C THR B 175 29.64 48.35 9.16
N SER B 176 30.18 47.95 8.01
CA SER B 176 29.43 47.05 7.15
C SER B 176 30.33 46.16 6.30
N TRP B 177 29.78 45.69 5.19
CA TRP B 177 30.51 44.85 4.25
C TRP B 177 29.89 44.87 2.86
N TYR B 178 30.63 44.38 1.88
CA TYR B 178 30.13 44.26 0.53
C TYR B 178 30.30 42.83 0.05
N HIS B 179 29.50 42.44 -0.93
CA HIS B 179 29.52 41.10 -1.46
C HIS B 179 28.79 41.02 -2.80
N SER B 180 29.06 39.99 -3.58
CA SER B 180 28.34 39.79 -4.84
C SER B 180 26.95 39.24 -4.62
N HIS B 181 25.97 39.84 -5.28
CA HIS B 181 24.63 39.29 -5.32
C HIS B 181 24.43 38.38 -6.53
N PHE B 182 25.53 37.90 -7.10
CA PHE B 182 25.47 36.98 -8.23
C PHE B 182 25.40 35.54 -7.72
N SER B 183 24.19 35.01 -7.61
CA SER B 183 23.98 33.70 -6.97
C SER B 183 24.65 33.62 -5.59
N ALA B 184 25.34 32.52 -5.28
CA ALA B 184 26.01 32.39 -3.99
C ALA B 184 27.49 32.66 -4.15
N GLN B 185 27.81 33.47 -5.14
CA GLN B 185 29.20 33.69 -5.53
C GLN B 185 30.10 34.14 -4.39
N TYR B 186 29.60 34.99 -3.50
CA TYR B 186 30.46 35.55 -2.45
C TYR B 186 30.92 34.47 -1.48
N GLY B 187 30.36 33.28 -1.61
CA GLY B 187 30.80 32.13 -0.84
C GLY B 187 32.10 31.57 -1.40
N ASN B 188 32.52 32.15 -2.53
CA ASN B 188 33.73 31.71 -3.21
C ASN B 188 34.90 32.66 -3.00
N GLY B 189 34.71 33.70 -2.21
CA GLY B 189 35.78 34.65 -1.94
C GLY B 189 35.52 36.10 -2.28
N VAL B 190 34.38 36.38 -2.89
CA VAL B 190 34.05 37.74 -3.31
C VAL B 190 33.36 38.51 -2.18
N VAL B 191 34.14 39.03 -1.25
CA VAL B 191 33.59 39.71 -0.09
C VAL B 191 34.59 40.77 0.38
N GLY B 192 34.16 41.64 1.28
CA GLY B 192 35.04 42.63 1.84
C GLY B 192 34.32 43.41 2.91
N THR B 193 35.00 44.42 3.45
CA THR B 193 34.43 45.22 4.52
C THR B 193 34.27 46.68 4.15
N ILE B 194 33.53 47.41 4.99
CA ILE B 194 33.29 48.83 4.83
C ILE B 194 33.29 49.50 6.21
N GLN B 195 33.92 50.66 6.32
CA GLN B 195 33.96 51.37 7.58
C GLN B 195 33.93 52.87 7.39
N ILE B 196 32.82 53.49 7.82
CA ILE B 196 32.66 54.95 7.75
C ILE B 196 32.68 55.55 9.16
N ASP B 197 33.56 56.53 9.36
CA ASP B 197 33.76 57.08 10.70
C ASP B 197 32.83 58.23 11.03
N GLY B 198 32.51 58.35 12.31
CA GLY B 198 31.56 59.32 12.82
C GLY B 198 31.54 59.28 14.34
N PRO B 199 30.50 59.85 14.95
CA PRO B 199 30.34 59.85 16.41
C PRO B 199 30.13 58.44 16.95
N ALA B 200 30.19 58.31 18.27
CA ALA B 200 29.92 57.03 18.94
C ALA B 200 29.02 57.27 20.13
N SER B 201 28.38 56.22 20.63
CA SER B 201 27.44 56.36 21.74
C SER B 201 28.10 56.04 23.08
N LEU B 202 29.44 56.05 23.08
CA LEU B 202 30.21 55.73 24.27
C LEU B 202 31.66 56.03 23.96
N PRO B 203 32.37 56.69 24.88
CA PRO B 203 33.79 57.02 24.67
C PRO B 203 34.70 55.77 24.61
N TYR B 204 35.84 55.90 23.91
CA TYR B 204 36.87 54.85 23.86
C TYR B 204 38.21 55.41 23.40
N ASP B 205 39.29 54.72 23.75
CA ASP B 205 40.64 55.13 23.38
C ASP B 205 40.99 54.69 21.97
N ILE B 206 41.08 53.38 21.74
CA ILE B 206 41.51 52.83 20.44
C ILE B 206 40.37 52.20 19.60
N ASP B 207 40.44 52.40 18.29
CA ASP B 207 39.59 51.71 17.32
C ASP B 207 40.40 50.56 16.72
N LEU B 208 40.12 49.32 17.15
CA LEU B 208 40.89 48.15 16.70
C LEU B 208 40.67 47.84 15.23
N GLY B 209 39.50 48.19 14.71
CA GLY B 209 39.23 48.03 13.30
C GLY B 209 38.24 46.92 13.03
N VAL B 210 38.00 46.65 11.75
CA VAL B 210 37.04 45.62 11.40
C VAL B 210 37.59 44.26 11.78
N PHE B 211 36.67 43.34 12.08
CA PHE B 211 37.04 42.00 12.52
C PHE B 211 36.10 40.97 11.90
N PRO B 212 36.11 40.87 10.57
CA PRO B 212 35.18 39.97 9.86
C PRO B 212 35.25 38.54 10.38
N LEU B 213 34.12 37.85 10.40
CA LEU B 213 34.08 36.43 10.73
C LEU B 213 33.26 35.72 9.66
N MET B 214 33.84 34.72 9.03
CA MET B 214 33.18 34.05 7.92
C MET B 214 33.39 32.54 7.94
N ASP B 215 32.30 31.80 7.77
CA ASP B 215 32.36 30.36 7.69
C ASP B 215 33.11 29.95 6.44
N TYR B 216 33.70 28.76 6.48
CA TYR B 216 34.56 28.31 5.41
C TYR B 216 34.25 26.86 5.04
N TYR B 217 34.16 26.58 3.74
CA TYR B 217 33.92 25.22 3.28
C TYR B 217 34.94 24.86 2.22
N TYR B 218 35.28 23.59 2.11
CA TYR B 218 36.21 23.14 1.07
C TYR B 218 35.49 22.87 -0.24
N ARG B 219 34.19 23.14 -0.26
CA ARG B 219 33.42 23.05 -1.50
C ARG B 219 33.14 24.45 -2.07
N SER B 220 32.77 24.50 -3.35
CA SER B 220 32.56 25.76 -4.04
C SER B 220 31.14 26.23 -3.81
N ALA B 221 30.93 27.52 -4.04
CA ALA B 221 29.60 28.11 -3.91
C ALA B 221 28.56 27.33 -4.71
N ASP B 222 28.84 27.07 -5.98
CA ASP B 222 27.89 26.35 -6.82
C ASP B 222 27.65 24.92 -6.32
N GLU B 223 28.72 24.24 -5.91
CA GLU B 223 28.61 22.88 -5.41
C GLU B 223 27.74 22.89 -4.15
N LEU B 224 27.99 23.84 -3.27
CA LEU B 224 27.13 24.00 -2.10
C LEU B 224 25.68 24.33 -2.49
N VAL B 225 25.50 25.16 -3.51
CA VAL B 225 24.15 25.51 -3.99
C VAL B 225 23.42 24.29 -4.54
N HIS B 226 24.14 23.42 -5.25
CA HIS B 226 23.58 22.20 -5.85
C HIS B 226 23.27 21.13 -4.82
N PHE B 227 24.19 20.95 -3.88
CA PHE B 227 24.00 20.02 -2.80
C PHE B 227 22.73 20.39 -2.02
N THR B 228 22.60 21.69 -1.70
CA THR B 228 21.51 22.15 -0.83
C THR B 228 20.13 22.13 -1.52
N GLN B 229 20.12 21.98 -2.85
CA GLN B 229 18.88 21.84 -3.60
C GLN B 229 18.21 20.48 -3.35
N SER B 230 18.91 19.59 -2.68
CA SER B 230 18.40 18.25 -2.39
C SER B 230 18.89 17.66 -1.06
N ASN B 231 19.66 18.44 -0.30
CA ASN B 231 20.00 18.07 1.08
C ASN B 231 19.93 19.27 2.02
N GLY B 232 20.13 19.01 3.30
CA GLY B 232 20.18 20.09 4.27
C GLY B 232 21.52 20.79 4.23
N ALA B 233 21.53 22.05 4.64
CA ALA B 233 22.78 22.81 4.75
C ALA B 233 23.77 22.06 5.64
N PRO B 234 25.00 21.87 5.11
CA PRO B 234 26.14 21.17 5.73
C PRO B 234 26.81 22.02 6.81
N PRO B 235 27.61 21.40 7.67
CA PRO B 235 28.42 22.17 8.62
C PRO B 235 29.54 22.84 7.83
N SER B 236 30.08 23.94 8.37
CA SER B 236 31.24 24.56 7.76
C SER B 236 32.44 23.65 7.97
N ASP B 237 33.52 23.91 7.28
CA ASP B 237 34.72 23.11 7.43
C ASP B 237 35.64 23.83 8.40
N ASN B 238 35.48 25.15 8.46
CA ASN B 238 36.28 25.99 9.32
C ASN B 238 35.68 27.38 9.48
N VAL B 239 36.41 28.27 10.13
CA VAL B 239 35.94 29.63 10.34
C VAL B 239 37.08 30.62 10.11
N LEU B 240 36.82 31.68 9.36
CA LEU B 240 37.85 32.68 9.11
C LEU B 240 37.81 33.75 10.19
N PHE B 241 38.98 34.24 10.57
CA PHE B 241 39.06 35.34 11.51
C PHE B 241 39.86 36.44 10.84
N ASN B 242 39.15 37.42 10.30
CA ASN B 242 39.78 38.53 9.58
C ASN B 242 40.69 37.97 8.50
N GLY B 243 40.19 37.00 7.74
CA GLY B 243 40.89 36.47 6.56
C GLY B 243 41.93 35.40 6.79
N THR B 244 41.93 34.80 7.98
CA THR B 244 42.88 33.73 8.28
C THR B 244 42.15 32.54 8.88
N ALA B 245 42.82 31.39 8.96
CA ALA B 245 42.22 30.19 9.52
C ALA B 245 43.27 29.19 9.97
N ARG B 246 42.94 28.42 11.00
CA ARG B 246 43.82 27.37 11.48
C ARG B 246 43.10 26.03 11.41
N HIS B 247 43.79 24.99 10.94
CA HIS B 247 43.18 23.67 10.81
C HIS B 247 43.23 22.92 12.14
N PRO B 248 42.06 22.44 12.60
CA PRO B 248 41.86 21.74 13.87
C PRO B 248 42.83 20.57 14.00
N GLU B 249 43.12 19.92 12.88
CA GLU B 249 43.89 18.70 12.90
C GLU B 249 45.38 18.98 12.73
N THR B 250 45.75 19.44 11.54
CA THR B 250 47.15 19.65 11.20
C THR B 250 47.74 20.83 11.95
N GLY B 251 46.88 21.69 12.46
CA GLY B 251 47.35 22.91 13.10
C GLY B 251 47.95 23.85 12.09
N ALA B 252 47.85 23.47 10.81
CA ALA B 252 48.24 24.34 9.70
C ALA B 252 47.44 25.63 9.73
N GLY B 253 47.86 26.61 8.94
CA GLY B 253 47.23 27.93 9.03
C GLY B 253 47.88 28.75 10.13
N GLN B 254 47.06 29.37 10.98
CA GLN B 254 47.56 30.25 12.04
C GLN B 254 46.44 30.86 12.89
N TRP B 255 46.74 31.14 14.14
CA TRP B 255 45.82 31.85 15.03
C TRP B 255 45.88 33.35 14.73
N TYR B 256 44.74 34.04 14.82
CA TYR B 256 44.74 35.50 14.62
C TYR B 256 44.94 36.27 15.93
N ASN B 257 45.94 37.15 15.96
CA ASN B 257 46.28 37.90 17.16
C ASN B 257 45.68 39.32 17.19
N VAL B 258 45.06 39.66 18.32
CA VAL B 258 44.47 40.98 18.51
C VAL B 258 45.05 41.63 19.77
N THR B 259 45.99 42.56 19.59
CA THR B 259 46.74 43.12 20.72
C THR B 259 45.96 44.18 21.48
N LEU B 260 45.87 44.00 22.79
CA LEU B 260 45.15 44.93 23.67
C LEU B 260 46.13 45.78 24.47
N THR B 261 45.69 47.00 24.79
CA THR B 261 46.48 47.92 25.61
C THR B 261 45.85 48.10 26.98
N PRO B 262 46.52 47.58 28.01
CA PRO B 262 46.02 47.51 29.40
C PRO B 262 45.38 48.80 29.89
N GLY B 263 44.15 48.71 30.40
CA GLY B 263 43.46 49.85 30.98
C GLY B 263 42.62 50.62 29.99
N LYS B 264 43.13 50.78 28.77
CA LYS B 264 42.42 51.53 27.74
C LYS B 264 41.19 50.78 27.23
N ARG B 265 40.28 51.50 26.60
CA ARG B 265 39.03 50.91 26.10
C ARG B 265 39.04 50.89 24.58
N HIS B 266 38.74 49.72 24.01
CA HIS B 266 38.83 49.49 22.57
C HIS B 266 37.46 49.31 21.92
N ARG B 267 37.33 49.78 20.68
CA ARG B 267 36.16 49.48 19.87
C ARG B 267 36.47 48.31 18.94
N LEU B 268 35.55 47.35 18.90
CA LEU B 268 35.70 46.18 18.05
C LEU B 268 34.48 46.06 17.14
N ARG B 269 34.75 45.94 15.85
CA ARG B 269 33.70 45.93 14.84
C ARG B 269 33.52 44.52 14.30
N ILE B 270 32.68 43.74 14.96
CA ILE B 270 32.48 42.35 14.60
C ILE B 270 31.43 42.23 13.49
N ILE B 271 31.74 41.43 12.47
CA ILE B 271 30.89 41.26 11.31
C ILE B 271 30.71 39.77 11.02
N ASN B 272 29.52 39.40 10.58
CA ASN B 272 29.25 38.04 10.12
C ASN B 272 28.96 38.06 8.63
N THR B 273 29.98 37.76 7.83
CA THR B 273 29.84 37.79 6.38
C THR B 273 29.74 36.38 5.83
N SER B 274 28.96 35.56 6.52
CA SER B 274 28.84 34.15 6.20
C SER B 274 27.88 33.89 5.06
N THR B 275 27.87 32.65 4.58
CA THR B 275 26.81 32.20 3.68
C THR B 275 25.66 31.49 4.45
N ASP B 276 25.96 30.98 5.65
CA ASP B 276 25.05 30.12 6.40
C ASP B 276 25.16 30.21 7.93
N ASN B 277 26.35 30.01 8.47
CA ASN B 277 26.55 29.92 9.92
C ASN B 277 26.07 31.16 10.69
N HIS B 278 25.38 30.92 11.81
CA HIS B 278 25.02 32.00 12.73
C HIS B 278 25.89 31.88 13.98
N PHE B 279 26.70 32.91 14.24
CA PHE B 279 27.78 32.79 15.22
C PHE B 279 27.44 33.32 16.60
N GLN B 280 27.89 32.60 17.63
CA GLN B 280 27.89 33.14 18.99
C GLN B 280 29.31 33.47 19.35
N VAL B 281 29.54 34.71 19.76
CA VAL B 281 30.88 35.14 20.10
C VAL B 281 30.99 35.52 21.57
N SER B 282 32.18 35.30 22.15
CA SER B 282 32.43 35.57 23.55
C SER B 282 33.93 35.66 23.83
N LEU B 283 34.31 36.60 24.69
CA LEU B 283 35.72 36.81 25.04
C LEU B 283 35.99 36.38 26.47
N VAL B 284 36.77 35.32 26.62
CA VAL B 284 37.00 34.72 27.92
C VAL B 284 37.73 35.65 28.87
N GLY B 285 37.07 35.99 29.98
CA GLY B 285 37.62 36.88 30.97
C GLY B 285 37.14 38.31 30.87
N HIS B 286 36.47 38.63 29.77
CA HIS B 286 36.02 39.99 29.50
C HIS B 286 34.55 40.01 29.09
N ASN B 287 33.92 41.16 29.26
CA ASN B 287 32.61 41.39 28.69
C ASN B 287 32.74 42.34 27.53
N MET B 288 31.70 42.40 26.70
CA MET B 288 31.70 43.26 25.53
C MET B 288 30.49 44.18 25.62
N THR B 289 30.72 45.48 25.46
CA THR B 289 29.63 46.44 25.56
C THR B 289 29.20 46.91 24.16
N VAL B 290 27.92 46.75 23.83
CA VAL B 290 27.44 47.07 22.50
C VAL B 290 27.08 48.55 22.39
N ILE B 291 27.41 49.16 21.26
CA ILE B 291 27.13 50.57 21.06
C ILE B 291 26.65 50.84 19.63
N ALA B 292 26.35 49.78 18.90
CA ALA B 292 25.82 49.90 17.55
C ALA B 292 25.55 48.51 16.94
N THR B 293 24.28 48.28 16.56
CA THR B 293 23.94 47.13 15.77
C THR B 293 23.77 47.59 14.32
N ASP B 294 24.44 46.89 13.41
CA ASP B 294 24.39 47.25 12.01
C ASP B 294 24.83 48.70 11.89
N MET B 295 24.16 49.51 11.07
CA MET B 295 24.57 50.91 10.89
C MET B 295 23.85 51.87 11.85
N VAL B 296 23.37 51.35 12.97
CA VAL B 296 22.55 52.11 13.90
C VAL B 296 23.09 52.06 15.34
N PRO B 297 23.78 53.13 15.76
CA PRO B 297 24.29 53.17 17.13
C PRO B 297 23.15 53.07 18.17
N VAL B 298 23.36 52.23 19.18
CA VAL B 298 22.38 52.01 20.23
C VAL B 298 22.95 52.37 21.60
N ASN B 299 22.05 52.59 22.56
CA ASN B 299 22.47 52.84 23.93
C ASN B 299 23.30 51.69 24.48
N ALA B 300 24.43 52.03 25.11
CA ALA B 300 25.34 51.04 25.70
C ALA B 300 24.63 49.91 26.47
N PHE B 301 24.89 48.68 26.05
CA PHE B 301 24.33 47.50 26.67
C PHE B 301 25.39 46.41 26.73
N THR B 302 25.71 45.96 27.94
CA THR B 302 26.79 45.00 28.14
C THR B 302 26.32 43.57 28.17
N VAL B 303 27.12 42.68 27.59
CA VAL B 303 26.82 41.26 27.59
C VAL B 303 28.10 40.47 27.83
N SER B 304 27.95 39.16 28.05
CA SER B 304 29.11 38.27 28.11
C SER B 304 29.22 37.38 26.86
N SER B 305 28.10 37.19 26.17
CA SER B 305 28.08 36.52 24.86
C SER B 305 27.15 37.26 23.88
N LEU B 306 27.46 37.17 22.58
CA LEU B 306 26.69 37.87 21.55
C LEU B 306 26.37 36.98 20.34
N PHE B 307 25.09 36.94 19.97
CA PHE B 307 24.65 36.20 18.80
C PHE B 307 24.63 37.10 17.54
N LEU B 308 25.38 36.67 16.52
CA LEU B 308 25.41 37.34 15.22
C LEU B 308 24.74 36.48 14.13
N ALA B 309 23.67 36.99 13.54
CA ALA B 309 23.04 36.35 12.38
C ALA B 309 23.85 36.71 11.15
N VAL B 310 23.67 35.95 10.07
CA VAL B 310 24.42 36.20 8.84
C VAL B 310 24.16 37.62 8.30
N GLY B 311 25.20 38.44 8.25
CA GLY B 311 25.06 39.78 7.73
C GLY B 311 25.02 40.84 8.82
N GLN B 312 24.61 40.45 10.02
CA GLN B 312 24.55 41.37 11.13
C GLN B 312 25.96 41.79 11.51
N ARG B 313 26.10 43.03 12.01
CA ARG B 313 27.36 43.44 12.62
C ARG B 313 27.12 44.17 13.95
N TYR B 314 28.14 44.15 14.81
CA TYR B 314 28.03 44.76 16.14
C TYR B 314 29.30 45.52 16.46
N ASP B 315 29.15 46.78 16.90
CA ASP B 315 30.28 47.54 17.39
C ASP B 315 30.32 47.46 18.91
N VAL B 316 31.22 46.64 19.45
CA VAL B 316 31.34 46.49 20.89
C VAL B 316 32.58 47.20 21.42
N THR B 317 32.55 47.61 22.68
CA THR B 317 33.75 48.09 23.35
C THR B 317 34.26 47.05 24.34
N ILE B 318 35.55 47.15 24.63
CA ILE B 318 36.23 46.22 25.51
C ILE B 318 37.27 46.95 26.36
N ASP B 319 37.01 47.03 27.65
CA ASP B 319 37.95 47.56 28.62
C ASP B 319 38.99 46.51 28.99
N ALA B 320 40.26 46.84 28.82
CA ALA B 320 41.33 45.94 29.23
C ALA B 320 41.68 46.12 30.72
N ASN B 321 40.80 45.60 31.58
CA ASN B 321 40.97 45.70 33.03
C ASN B 321 41.31 44.36 33.68
N SER B 322 41.92 43.46 32.90
CA SER B 322 42.30 42.14 33.41
C SER B 322 43.80 41.91 33.32
N PRO B 323 44.28 40.86 34.00
CA PRO B 323 45.71 40.49 34.02
C PRO B 323 46.35 40.47 32.63
N VAL B 324 47.64 40.81 32.56
CA VAL B 324 48.35 40.82 31.29
C VAL B 324 48.65 39.40 30.82
N GLY B 325 47.68 38.80 30.14
CA GLY B 325 47.81 37.45 29.64
C GLY B 325 47.14 37.27 28.30
N ASN B 326 46.91 36.02 27.92
CA ASN B 326 46.37 35.67 26.61
C ASN B 326 45.00 35.02 26.72
N TYR B 327 44.02 35.59 26.03
CA TYR B 327 42.61 35.17 26.16
C TYR B 327 42.00 34.66 24.85
N TRP B 328 41.08 33.70 24.97
CA TRP B 328 40.39 33.16 23.81
C TRP B 328 39.28 34.09 23.32
N PHE B 329 39.10 34.14 22.01
CA PHE B 329 37.89 34.70 21.44
C PHE B 329 37.21 33.56 20.73
N ASN B 330 36.08 33.14 21.26
CA ASN B 330 35.47 31.88 20.86
C ASN B 330 34.26 31.99 19.95
N VAL B 331 34.21 31.07 18.98
CA VAL B 331 33.03 30.89 18.14
C VAL B 331 32.34 29.59 18.53
N THR B 332 31.20 29.73 19.21
CA THR B 332 30.36 28.60 19.58
C THR B 332 29.00 28.67 18.89
N PHE B 333 28.25 27.58 18.97
CA PHE B 333 26.98 27.43 18.26
C PHE B 333 25.86 27.00 19.19
N GLY B 334 24.68 27.58 19.00
CA GLY B 334 23.52 27.15 19.74
C GLY B 334 22.89 25.99 19.01
N ASP B 335 21.60 26.12 18.71
CA ASP B 335 20.91 25.06 18.04
C ASP B 335 21.55 24.79 16.69
N GLY B 336 21.48 23.54 16.25
CA GLY B 336 22.05 23.13 15.00
C GLY B 336 21.28 23.58 13.77
N LEU B 337 20.12 24.20 13.94
CA LEU B 337 19.32 24.59 12.78
C LEU B 337 19.78 25.90 12.15
N CYS B 338 20.77 26.55 12.78
CA CYS B 338 21.31 27.78 12.24
C CYS B 338 22.83 27.75 12.14
N GLY B 339 23.39 26.56 12.00
CA GLY B 339 24.79 26.45 11.71
C GLY B 339 25.62 25.64 12.67
N SER B 340 26.68 25.05 12.13
CA SER B 340 27.66 24.32 12.92
C SER B 340 28.92 24.21 12.09
N SER B 341 29.99 23.71 12.68
CA SER B 341 31.27 23.61 11.98
C SER B 341 31.98 22.32 12.35
N ASN B 342 32.83 21.84 11.44
CA ASN B 342 33.67 20.68 11.70
C ASN B 342 34.90 21.01 12.55
N ASN B 343 35.15 22.29 12.70
CA ASN B 343 36.13 22.77 13.66
C ASN B 343 35.36 23.04 14.93
N LYS B 344 35.64 22.28 15.98
CA LYS B 344 34.77 22.27 17.16
C LYS B 344 35.11 23.33 18.19
N PHE B 345 36.14 24.13 17.92
CA PHE B 345 36.53 25.23 18.81
C PHE B 345 37.21 26.32 18.01
N PRO B 346 36.46 27.01 17.16
CA PRO B 346 37.11 28.10 16.41
C PRO B 346 37.39 29.26 17.36
N ALA B 347 38.51 29.94 17.14
CA ALA B 347 38.91 31.00 18.04
C ALA B 347 40.05 31.85 17.50
N ALA B 348 40.16 33.05 18.05
CA ALA B 348 41.32 33.90 17.84
C ALA B 348 42.00 34.11 19.19
N ILE B 349 42.98 35.02 19.23
CA ILE B 349 43.71 35.27 20.47
C ILE B 349 43.85 36.76 20.74
N PHE B 350 43.32 37.19 21.88
CA PHE B 350 43.49 38.57 22.32
C PHE B 350 44.67 38.67 23.27
N ARG B 351 45.67 39.45 22.86
CA ARG B 351 46.93 39.52 23.56
C ARG B 351 47.07 40.87 24.25
N TYR B 352 47.53 40.85 25.49
CA TYR B 352 47.86 42.07 26.18
C TYR B 352 49.27 42.51 25.83
N GLN B 353 49.43 43.81 25.63
CA GLN B 353 50.75 44.38 25.43
C GLN B 353 51.61 44.03 26.65
N GLY B 354 52.60 43.16 26.43
CA GLY B 354 53.44 42.72 27.52
C GLY B 354 53.20 41.27 27.92
N ALA B 355 52.39 40.58 27.12
CA ALA B 355 52.13 39.17 27.35
C ALA B 355 53.03 38.32 26.44
N PRO B 356 53.19 37.03 26.77
CA PRO B 356 54.04 36.10 25.99
C PRO B 356 53.37 35.62 24.71
N ALA B 357 54.13 35.00 23.82
CA ALA B 357 53.59 34.51 22.56
C ALA B 357 52.93 33.12 22.68
N THR B 358 52.57 32.75 23.90
CA THR B 358 51.94 31.46 24.17
C THR B 358 50.43 31.50 23.92
N LEU B 359 49.78 30.35 24.11
CA LEU B 359 48.34 30.25 23.91
C LEU B 359 47.58 30.47 25.22
N PRO B 360 46.36 31.02 25.13
CA PRO B 360 45.51 31.19 26.31
C PRO B 360 45.40 29.88 27.05
N THR B 361 45.53 29.94 28.38
CA THR B 361 45.53 28.73 29.18
C THR B 361 44.15 28.46 29.74
N ASP B 362 43.32 29.49 29.74
CA ASP B 362 41.97 29.39 30.31
C ASP B 362 40.90 29.19 29.23
N GLN B 363 40.13 28.12 29.35
CA GLN B 363 39.17 27.72 28.33
C GLN B 363 37.82 28.42 28.45
N GLY B 364 37.68 29.26 29.47
CA GLY B 364 36.45 30.02 29.67
C GLY B 364 35.30 29.15 30.10
N LEU B 365 34.14 29.78 30.32
CA LEU B 365 32.95 29.08 30.75
C LEU B 365 32.09 28.67 29.57
N PRO B 366 31.23 27.67 29.77
CA PRO B 366 30.32 27.25 28.70
C PRO B 366 29.39 28.42 28.32
N VAL B 367 29.28 28.67 27.03
CA VAL B 367 28.46 29.75 26.52
C VAL B 367 26.99 29.33 26.37
N PRO B 368 26.06 30.14 26.86
CA PRO B 368 24.62 29.84 26.76
C PRO B 368 24.18 29.65 25.31
N ASN B 369 22.99 29.11 25.13
CA ASN B 369 22.47 28.81 23.80
C ASN B 369 21.48 29.88 23.37
N HIS B 370 21.93 30.79 22.52
CA HIS B 370 21.12 31.94 22.12
C HIS B 370 19.90 31.54 21.29
N MET B 371 19.77 30.23 21.07
CA MET B 371 18.62 29.64 20.39
C MET B 371 18.31 30.20 19.01
N CYS B 372 19.34 30.45 18.20
CA CYS B 372 19.16 30.95 16.84
C CYS B 372 18.35 32.23 16.80
N LEU B 373 18.49 33.05 17.84
CA LEU B 373 17.77 34.31 17.93
C LEU B 373 18.71 35.43 18.27
N ASP B 374 18.60 36.54 17.55
CA ASP B 374 19.34 37.77 17.91
C ASP B 374 18.59 38.49 19.04
N ASN B 375 19.30 39.34 19.78
CA ASN B 375 18.72 40.07 20.91
C ASN B 375 18.00 41.35 20.51
N LEU B 376 16.83 41.58 21.08
CA LEU B 376 15.95 42.69 20.72
C LEU B 376 15.85 43.78 21.80
N ASN B 377 16.57 43.61 22.90
CA ASN B 377 16.58 44.61 23.96
C ASN B 377 17.72 45.61 23.80
N LEU B 378 17.72 46.34 22.69
CA LEU B 378 18.71 47.39 22.47
C LEU B 378 17.99 48.67 22.07
N THR B 379 18.45 49.81 22.60
CA THR B 379 17.75 51.08 22.43
C THR B 379 18.49 52.03 21.49
N PRO B 380 17.86 52.37 20.36
CA PRO B 380 18.50 53.28 19.40
C PRO B 380 18.66 54.68 19.98
N VAL B 381 19.76 55.34 19.65
CA VAL B 381 20.01 56.71 20.10
C VAL B 381 19.10 57.72 19.41
N VAL B 382 19.01 57.62 18.09
CA VAL B 382 18.12 58.44 17.30
C VAL B 382 16.80 57.68 17.24
N THR B 383 15.79 58.17 17.95
CA THR B 383 14.60 57.39 18.16
C THR B 383 13.65 57.40 16.97
N ARG B 384 12.76 56.42 16.94
CA ARG B 384 11.65 56.39 16.00
C ARG B 384 10.40 55.93 16.73
N SER B 385 9.25 56.17 16.11
CA SER B 385 7.97 55.82 16.71
C SER B 385 7.01 55.41 15.61
N ALA B 386 6.29 54.32 15.82
CA ALA B 386 5.28 53.92 14.86
C ALA B 386 4.09 53.27 15.55
N PRO B 387 2.88 53.62 15.10
CA PRO B 387 1.64 53.05 15.62
C PRO B 387 1.58 51.53 15.42
N VAL B 388 1.81 50.76 16.48
CA VAL B 388 1.66 49.31 16.41
C VAL B 388 0.32 48.89 17.00
N ASN B 389 -0.24 49.75 17.85
CA ASN B 389 -1.51 49.49 18.53
C ASN B 389 -2.67 49.28 17.57
N ASN B 390 -2.42 49.50 16.28
CA ASN B 390 -3.49 49.55 15.28
C ASN B 390 -3.41 48.45 14.23
N PHE B 391 -2.52 47.49 14.43
CA PHE B 391 -2.22 46.52 13.40
C PHE B 391 -3.33 45.50 13.22
N VAL B 392 -3.77 45.33 11.96
CA VAL B 392 -4.64 44.24 11.60
C VAL B 392 -4.00 43.38 10.51
N LYS B 393 -4.02 42.06 10.70
CA LYS B 393 -3.43 41.15 9.74
C LYS B 393 -4.33 40.97 8.50
N ARG B 394 -3.72 41.04 7.32
CA ARG B 394 -4.47 40.89 6.07
C ARG B 394 -3.52 40.61 4.91
N PRO B 395 -4.04 39.97 3.85
CA PRO B 395 -3.25 39.48 2.72
C PRO B 395 -2.30 40.52 2.13
N SER B 396 -2.59 41.81 2.33
CA SER B 396 -1.78 42.87 1.74
C SER B 396 -0.52 43.22 2.54
N ASN B 397 -0.51 42.84 3.82
CA ASN B 397 0.65 43.06 4.69
C ASN B 397 1.22 41.76 5.30
N THR B 398 0.88 40.62 4.68
CA THR B 398 1.33 39.33 5.17
C THR B 398 2.17 38.63 4.12
N LEU B 399 3.34 38.16 4.55
CA LEU B 399 4.28 37.50 3.66
C LEU B 399 4.57 36.10 4.17
N GLY B 400 3.98 35.11 3.51
CA GLY B 400 4.03 33.75 4.02
C GLY B 400 5.14 32.90 3.43
N VAL B 401 6.24 32.78 4.17
CA VAL B 401 7.37 31.95 3.77
C VAL B 401 7.06 30.45 3.85
N THR B 402 7.28 29.76 2.74
CA THR B 402 7.05 28.32 2.72
C THR B 402 8.20 27.56 2.08
N LEU B 403 8.37 26.31 2.51
CA LEU B 403 9.27 25.38 1.87
C LEU B 403 8.42 24.40 1.06
N ASP B 404 8.74 24.25 -0.21
CA ASP B 404 7.99 23.37 -1.10
C ASP B 404 8.86 22.14 -1.35
N ILE B 405 8.46 21.00 -0.78
CA ILE B 405 9.20 19.75 -0.96
C ILE B 405 8.54 18.91 -2.05
N GLY B 406 8.93 19.15 -3.28
CA GLY B 406 8.34 18.46 -4.41
C GLY B 406 9.42 17.80 -5.26
N GLY B 407 9.88 18.51 -6.29
CA GLY B 407 10.90 17.97 -7.17
C GLY B 407 11.54 18.98 -8.07
N THR B 408 12.76 18.66 -8.51
CA THR B 408 13.47 19.54 -9.43
C THR B 408 13.23 21.01 -9.07
N PRO B 409 14.00 21.52 -8.10
CA PRO B 409 14.81 20.68 -7.22
C PRO B 409 13.94 20.19 -6.08
N LEU B 410 14.52 19.49 -5.10
CA LEU B 410 13.75 18.95 -3.98
C LEU B 410 13.37 20.05 -3.00
N PHE B 411 14.33 20.95 -2.74
CA PHE B 411 14.09 22.02 -1.78
C PHE B 411 13.99 23.39 -2.46
N VAL B 412 12.77 23.93 -2.47
CA VAL B 412 12.46 25.23 -3.09
C VAL B 412 11.79 26.15 -2.07
N TRP B 413 12.33 27.35 -1.88
CA TRP B 413 11.71 28.31 -0.96
C TRP B 413 10.82 29.31 -1.68
N LYS B 414 9.69 29.63 -1.06
CA LYS B 414 8.69 30.49 -1.66
C LYS B 414 8.24 31.54 -0.67
N VAL B 415 7.70 32.63 -1.19
CA VAL B 415 7.06 33.65 -0.37
C VAL B 415 5.79 34.09 -1.07
N ASN B 416 4.65 33.89 -0.41
CA ASN B 416 3.36 34.17 -1.01
C ASN B 416 3.12 33.29 -2.25
N GLY B 417 3.74 32.11 -2.23
CA GLY B 417 3.46 31.07 -3.21
C GLY B 417 4.32 31.11 -4.45
N SER B 418 5.36 31.95 -4.42
CA SER B 418 6.22 32.16 -5.57
C SER B 418 7.68 32.18 -5.16
N ALA B 419 8.46 31.27 -5.73
CA ALA B 419 9.90 31.33 -5.60
C ALA B 419 10.44 32.38 -6.55
N ILE B 420 11.25 33.30 -6.04
CA ILE B 420 11.74 34.40 -6.83
C ILE B 420 12.76 33.92 -7.85
N ASN B 421 12.68 34.45 -9.07
CA ASN B 421 13.65 34.11 -10.12
C ASN B 421 13.91 35.30 -11.04
N VAL B 422 14.87 36.13 -10.66
CA VAL B 422 15.18 37.37 -11.38
C VAL B 422 15.70 37.12 -12.80
N ASP B 423 15.47 38.09 -13.69
CA ASP B 423 16.03 38.05 -15.04
C ASP B 423 17.30 38.85 -15.07
N TRP B 424 18.44 38.17 -15.09
CA TRP B 424 19.73 38.85 -15.12
C TRP B 424 19.87 39.81 -16.29
N GLY B 425 19.06 39.60 -17.34
CA GLY B 425 19.17 40.35 -18.57
C GLY B 425 18.25 41.55 -18.67
N LYS B 426 17.12 41.49 -17.98
CA LYS B 426 16.13 42.55 -18.00
C LYS B 426 15.71 42.95 -16.58
N PRO B 427 16.52 43.78 -15.92
CA PRO B 427 16.27 44.22 -14.54
C PRO B 427 14.94 44.94 -14.37
N ILE B 428 14.41 44.95 -13.16
CA ILE B 428 13.11 45.57 -12.93
C ILE B 428 13.14 47.06 -13.26
N LEU B 429 14.28 47.70 -13.06
CA LEU B 429 14.41 49.13 -13.34
C LEU B 429 14.33 49.42 -14.84
N ASP B 430 14.22 48.36 -15.63
CA ASP B 430 13.98 48.49 -17.06
C ASP B 430 12.47 48.64 -17.26
N TYR B 431 11.71 47.79 -16.57
CA TYR B 431 10.26 47.84 -16.61
C TYR B 431 9.72 49.19 -16.12
N VAL B 432 10.45 49.82 -15.21
CA VAL B 432 10.02 51.07 -14.59
C VAL B 432 10.38 52.28 -15.44
N MET B 433 11.58 52.27 -16.01
CA MET B 433 12.01 53.36 -16.91
C MET B 433 11.16 53.38 -18.18
N SER B 434 10.48 52.27 -18.46
CA SER B 434 9.48 52.23 -19.51
C SER B 434 8.11 52.13 -18.83
N GLY B 435 7.03 52.12 -19.59
CA GLY B 435 5.72 52.07 -18.99
C GLY B 435 5.34 50.66 -18.59
N ASN B 436 6.20 49.71 -18.94
CA ASN B 436 5.92 48.30 -18.78
C ASN B 436 5.68 47.94 -17.31
N THR B 437 4.44 47.61 -16.99
CA THR B 437 4.09 47.18 -15.64
C THR B 437 3.67 45.72 -15.62
N SER B 438 4.01 44.98 -16.68
CA SER B 438 3.69 43.56 -16.72
C SER B 438 4.81 42.75 -16.09
N TYR B 439 5.17 43.10 -14.86
CA TYR B 439 6.25 42.42 -14.18
C TYR B 439 5.95 40.93 -14.12
N PRO B 440 6.92 40.09 -14.49
CA PRO B 440 6.72 38.65 -14.35
C PRO B 440 6.26 38.31 -12.94
N VAL B 441 5.66 37.14 -12.76
CA VAL B 441 5.18 36.73 -11.45
C VAL B 441 6.34 36.34 -10.53
N SER B 442 7.39 35.77 -11.13
CA SER B 442 8.49 35.19 -10.37
C SER B 442 9.47 36.24 -9.86
N ASP B 443 9.24 37.51 -10.20
CA ASP B 443 10.03 38.59 -9.64
C ASP B 443 9.53 38.96 -8.24
N ASN B 444 8.43 38.35 -7.81
CA ASN B 444 7.84 38.59 -6.49
C ASN B 444 7.78 40.06 -6.10
N ILE B 445 7.34 40.90 -7.02
CA ILE B 445 7.12 42.33 -6.75
C ILE B 445 5.98 42.58 -5.77
N VAL B 446 6.30 43.29 -4.69
CA VAL B 446 5.30 43.75 -3.73
C VAL B 446 5.20 45.27 -3.80
N GLN B 447 4.31 45.77 -4.65
CA GLN B 447 4.20 47.22 -4.87
C GLN B 447 3.76 48.01 -3.63
N VAL B 448 4.45 49.13 -3.38
CA VAL B 448 4.08 50.02 -2.28
C VAL B 448 3.96 51.47 -2.76
N ASP B 449 2.72 51.98 -2.81
CA ASP B 449 2.45 53.28 -3.40
C ASP B 449 2.38 54.44 -2.39
N ALA B 450 2.26 54.10 -1.10
CA ALA B 450 2.21 55.13 -0.07
C ALA B 450 3.45 56.02 -0.13
N VAL B 451 3.25 57.32 0.13
CA VAL B 451 4.31 58.31 0.07
C VAL B 451 4.79 58.75 1.46
N ASP B 452 5.88 58.16 1.93
CA ASP B 452 6.48 58.55 3.20
C ASP B 452 5.78 57.99 4.46
N GLN B 453 4.94 56.98 4.27
CA GLN B 453 4.15 56.42 5.37
C GLN B 453 4.76 55.13 5.90
N TRP B 454 4.61 54.89 7.20
CA TRP B 454 5.01 53.62 7.78
C TRP B 454 4.24 52.51 7.11
N THR B 455 4.95 51.44 6.72
CA THR B 455 4.29 50.26 6.19
C THR B 455 4.65 49.04 7.02
N TYR B 456 3.65 48.20 7.29
CA TYR B 456 3.80 47.11 8.25
C TYR B 456 3.77 45.75 7.56
N TRP B 457 4.77 44.91 7.87
CA TRP B 457 4.91 43.58 7.26
C TRP B 457 5.05 42.49 8.30
N LEU B 458 4.11 41.55 8.29
CA LEU B 458 4.16 40.37 9.15
C LEU B 458 4.76 39.21 8.37
N ILE B 459 5.91 38.71 8.77
CA ILE B 459 6.48 37.55 8.11
C ILE B 459 6.14 36.26 8.84
N GLU B 460 5.55 35.32 8.11
CA GLU B 460 5.18 34.04 8.66
C GLU B 460 6.12 32.97 8.14
N ASN B 461 6.62 32.16 9.06
CA ASN B 461 7.60 31.17 8.72
C ASN B 461 6.95 29.79 8.61
N ASP B 462 6.30 29.53 7.48
CA ASP B 462 5.74 28.23 7.15
C ASP B 462 5.10 27.55 8.36
N PRO B 463 4.00 28.12 8.86
CA PRO B 463 3.32 27.64 10.06
C PRO B 463 2.60 26.30 9.90
N THR B 464 2.11 25.99 8.71
CA THR B 464 1.32 24.78 8.50
C THR B 464 2.19 23.59 8.16
N ASN B 465 3.50 23.81 8.13
CA ASN B 465 4.45 22.74 7.87
C ASN B 465 4.74 21.96 9.15
N PRO B 466 4.33 20.69 9.21
CA PRO B 466 4.52 19.89 10.41
C PRO B 466 5.80 19.08 10.34
N ILE B 467 6.55 19.24 9.25
CA ILE B 467 7.80 18.49 9.08
C ILE B 467 9.10 19.27 9.37
N VAL B 468 9.20 20.51 8.93
CA VAL B 468 10.39 21.33 9.20
C VAL B 468 10.12 22.83 9.18
N SER B 469 10.88 23.58 9.97
CA SER B 469 10.78 25.03 10.00
C SER B 469 12.11 25.58 10.52
N LEU B 470 12.88 26.18 9.62
CA LEU B 470 14.21 26.69 9.97
C LEU B 470 14.18 28.18 10.35
N PRO B 471 15.23 28.65 11.05
CA PRO B 471 15.44 30.09 11.29
C PRO B 471 15.96 30.79 10.04
N HIS B 472 15.42 31.97 9.76
CA HIS B 472 15.85 32.75 8.59
C HIS B 472 16.31 34.16 8.98
N PRO B 473 17.56 34.52 8.66
CA PRO B 473 18.06 35.89 8.86
C PRO B 473 17.47 36.81 7.81
N MET B 474 16.52 37.66 8.16
CA MET B 474 15.87 38.48 7.14
C MET B 474 16.57 39.83 6.94
N HIS B 475 16.89 40.14 5.69
CA HIS B 475 17.57 41.39 5.33
C HIS B 475 16.74 42.29 4.38
N LEU B 476 16.71 43.60 4.69
CA LEU B 476 16.05 44.59 3.83
C LEU B 476 17.04 45.51 3.11
N HIS B 477 16.89 45.59 1.79
CA HIS B 477 17.65 46.56 1.02
C HIS B 477 17.02 47.95 1.13
N GLY B 478 17.88 48.96 1.24
CA GLY B 478 17.44 50.34 1.09
C GLY B 478 17.00 51.00 2.36
N HIS B 479 16.63 50.19 3.34
CA HIS B 479 16.12 50.71 4.61
C HIS B 479 16.73 49.98 5.82
N ASP B 480 16.61 50.62 6.98
CA ASP B 480 16.63 49.91 8.25
C ASP B 480 15.15 49.77 8.61
N PHE B 481 14.78 48.63 9.17
CA PHE B 481 13.41 48.41 9.60
C PHE B 481 13.32 48.50 11.12
N LEU B 482 12.11 48.68 11.62
CA LEU B 482 11.86 48.62 13.05
C LEU B 482 11.33 47.22 13.33
N VAL B 483 11.76 46.64 14.44
CA VAL B 483 11.33 45.29 14.79
C VAL B 483 10.19 45.36 15.80
N LEU B 484 8.96 45.40 15.29
CA LEU B 484 7.78 45.58 16.15
C LEU B 484 7.60 44.39 17.09
N GLY B 485 7.99 43.20 16.64
CA GLY B 485 7.90 42.03 17.49
C GLY B 485 8.11 40.73 16.76
N ARG B 486 8.03 39.63 17.51
CA ARG B 486 8.29 38.30 17.00
C ARG B 486 7.84 37.24 18.00
N SER B 487 7.44 36.06 17.52
CA SER B 487 6.85 35.04 18.37
C SER B 487 7.70 34.71 19.61
N PRO B 488 7.05 34.31 20.71
CA PRO B 488 7.77 33.90 21.92
C PRO B 488 8.98 33.02 21.62
N ASP B 489 10.10 33.29 22.28
CA ASP B 489 11.33 32.53 22.08
C ASP B 489 11.14 31.02 22.27
N GLU B 490 11.70 30.24 21.36
CA GLU B 490 11.65 28.78 21.47
C GLU B 490 12.98 28.18 21.00
N LEU B 491 13.29 26.98 21.48
CA LEU B 491 14.42 26.21 20.96
C LEU B 491 14.03 25.60 19.61
N PRO B 492 14.67 26.08 18.54
CA PRO B 492 14.22 25.76 17.17
C PRO B 492 13.97 24.27 16.90
N SER B 493 14.87 23.42 17.37
CA SER B 493 14.79 21.99 17.09
C SER B 493 13.78 21.27 18.00
N ALA B 494 13.04 22.06 18.77
CA ALA B 494 11.97 21.54 19.61
C ALA B 494 10.61 21.66 18.92
N GLY B 495 10.60 22.32 17.76
CA GLY B 495 9.42 22.34 16.89
C GLY B 495 8.16 22.99 17.46
N VAL B 496 8.34 24.01 18.29
CA VAL B 496 7.19 24.70 18.85
C VAL B 496 6.80 25.82 17.91
N ARG B 497 5.61 25.70 17.32
CA ARG B 497 5.16 26.66 16.33
C ARG B 497 4.32 27.76 16.98
N HIS B 498 4.41 28.99 16.46
CA HIS B 498 3.52 30.05 16.92
C HIS B 498 2.89 30.77 15.74
N ILE B 499 1.56 30.89 15.78
CA ILE B 499 0.84 31.62 14.73
C ILE B 499 0.24 32.91 15.28
N PHE B 500 0.53 34.03 14.61
CA PHE B 500 0.09 35.35 15.06
C PHE B 500 -1.32 35.29 15.60
N ASP B 501 -1.46 35.72 16.84
CA ASP B 501 -2.75 35.81 17.47
C ASP B 501 -2.81 37.20 18.08
N PRO B 502 -3.70 38.04 17.54
CA PRO B 502 -3.72 39.43 18.01
C PRO B 502 -3.94 39.46 19.52
N ALA B 503 -4.86 38.63 20.01
CA ALA B 503 -5.25 38.64 21.41
C ALA B 503 -4.03 38.57 22.31
N LYS B 504 -3.06 37.76 21.92
CA LYS B 504 -1.89 37.52 22.77
C LYS B 504 -0.72 38.43 22.37
N ASP B 505 -0.63 38.76 21.09
CA ASP B 505 0.56 39.37 20.53
C ASP B 505 0.56 40.91 20.49
N LEU B 506 -0.54 41.51 20.08
CA LEU B 506 -0.62 42.97 20.09
C LEU B 506 -0.09 43.59 21.40
N PRO B 507 -0.49 43.02 22.55
CA PRO B 507 0.07 43.54 23.81
C PRO B 507 1.61 43.48 23.84
N ARG B 508 2.19 42.72 22.93
CA ARG B 508 3.62 42.44 22.95
C ARG B 508 4.44 43.32 21.98
N LEU B 509 3.78 43.78 20.91
CA LEU B 509 4.43 44.62 19.90
C LEU B 509 4.95 45.93 20.48
N LYS B 510 6.10 46.37 19.98
CA LYS B 510 6.72 47.58 20.50
C LYS B 510 6.78 48.67 19.45
N GLY B 511 6.24 49.84 19.79
CA GLY B 511 6.18 50.95 18.86
C GLY B 511 7.10 52.09 19.26
N ASN B 512 7.35 52.19 20.56
CA ASN B 512 8.19 53.26 21.08
C ASN B 512 9.69 52.94 20.95
N ASN B 513 10.20 53.16 19.74
CA ASN B 513 11.63 53.08 19.47
C ASN B 513 12.25 51.69 19.69
N PRO B 514 11.81 50.68 18.91
CA PRO B 514 12.39 49.33 18.97
C PRO B 514 13.74 49.29 18.29
N VAL B 515 14.39 48.14 18.38
CA VAL B 515 15.62 47.90 17.65
C VAL B 515 15.37 48.08 16.14
N ARG B 516 16.22 48.87 15.49
CA ARG B 516 16.16 48.99 14.03
C ARG B 516 17.53 48.75 13.38
N ARG B 517 17.52 48.04 12.27
CA ARG B 517 18.73 47.49 11.70
C ARG B 517 18.37 46.84 10.36
N ASP B 518 19.34 46.30 9.64
CA ASP B 518 19.04 45.70 8.33
C ASP B 518 19.03 44.15 8.28
N VAL B 519 19.43 43.51 9.37
CA VAL B 519 19.32 42.06 9.51
C VAL B 519 18.74 41.69 10.87
N THR B 520 17.79 40.76 10.86
CA THR B 520 17.24 40.23 12.11
C THR B 520 16.65 38.85 11.81
N MET B 521 16.43 38.06 12.84
CA MET B 521 16.00 36.68 12.67
C MET B 521 14.50 36.53 12.56
N LEU B 522 14.06 35.84 11.50
CA LEU B 522 12.73 35.27 11.45
C LEU B 522 12.83 33.93 12.18
N PRO B 523 12.09 33.80 13.29
CA PRO B 523 12.19 32.62 14.17
C PRO B 523 11.66 31.32 13.55
N ALA B 524 12.31 30.21 13.88
CA ALA B 524 11.89 28.90 13.39
C ALA B 524 10.48 28.58 13.87
N GLY B 525 9.58 28.33 12.94
CA GLY B 525 8.21 27.99 13.29
C GLY B 525 7.30 29.16 13.64
N GLY B 526 7.89 30.36 13.78
CA GLY B 526 7.14 31.51 14.30
C GLY B 526 6.83 32.61 13.29
N TRP B 527 6.95 33.86 13.73
CA TRP B 527 6.65 35.02 12.89
C TRP B 527 7.41 36.28 13.28
N LEU B 528 7.70 37.14 12.31
CA LEU B 528 8.38 38.41 12.59
C LEU B 528 7.55 39.62 12.13
N LEU B 529 7.56 40.68 12.93
CA LEU B 529 6.86 41.90 12.56
C LEU B 529 7.83 43.05 12.44
N LEU B 530 7.86 43.66 11.25
CA LEU B 530 8.81 44.72 10.93
C LEU B 530 8.09 45.91 10.34
N ALA B 531 8.74 47.07 10.35
CA ALA B 531 8.12 48.28 9.82
C ALA B 531 9.15 49.22 9.24
N PHE B 532 8.96 49.61 7.98
CA PHE B 532 9.81 50.61 7.36
C PHE B 532 9.01 51.71 6.69
N LYS B 533 9.54 52.92 6.70
CA LYS B 533 8.86 54.06 6.14
C LYS B 533 9.23 54.23 4.67
N THR B 534 8.25 54.48 3.82
CA THR B 534 8.50 54.57 2.39
C THR B 534 9.08 55.91 1.98
N ASP B 535 10.29 56.17 2.48
CA ASP B 535 10.95 57.46 2.28
C ASP B 535 11.95 57.41 1.13
N ASN B 536 11.95 56.31 0.38
CA ASN B 536 13.00 56.06 -0.58
C ASN B 536 12.57 55.28 -1.82
N PRO B 537 11.99 55.96 -2.82
CA PRO B 537 11.54 55.24 -4.02
C PRO B 537 12.67 54.38 -4.64
N GLY B 538 12.35 53.12 -4.94
CA GLY B 538 13.31 52.20 -5.52
C GLY B 538 12.71 50.80 -5.67
N ALA B 539 13.57 49.83 -5.97
CA ALA B 539 13.19 48.42 -5.96
C ALA B 539 14.15 47.65 -5.05
N TRP B 540 13.71 47.36 -3.84
CA TRP B 540 14.57 46.77 -2.84
C TRP B 540 14.17 45.31 -2.55
N LEU B 541 15.17 44.46 -2.42
CA LEU B 541 14.93 43.08 -2.09
C LEU B 541 14.76 42.92 -0.59
N PHE B 542 13.85 42.03 -0.22
CA PHE B 542 13.74 41.53 1.13
C PHE B 542 13.91 40.01 1.06
N HIS B 543 14.92 39.48 1.71
CA HIS B 543 15.21 38.06 1.57
C HIS B 543 15.93 37.47 2.77
N CYS B 544 16.27 36.20 2.65
CA CYS B 544 17.05 35.48 3.65
C CYS B 544 18.53 35.64 3.29
N HIS B 545 19.36 35.92 4.28
CA HIS B 545 20.78 36.12 3.97
C HIS B 545 21.57 34.80 4.04
N ILE B 546 20.84 33.69 4.09
CA ILE B 546 21.44 32.38 3.85
C ILE B 546 21.45 32.10 2.35
N ALA B 547 22.65 32.09 1.78
CA ALA B 547 22.85 31.92 0.34
C ALA B 547 22.02 30.81 -0.30
N TRP B 548 22.00 29.62 0.31
CA TRP B 548 21.23 28.49 -0.23
C TRP B 548 19.73 28.78 -0.21
N HIS B 549 19.29 29.66 0.68
CA HIS B 549 17.88 29.91 0.85
C HIS B 549 17.36 30.96 -0.13
N VAL B 550 18.17 32.00 -0.35
CA VAL B 550 17.82 33.03 -1.31
C VAL B 550 18.02 32.48 -2.72
N SER B 551 18.95 31.54 -2.88
CA SER B 551 19.14 30.83 -4.15
C SER B 551 17.92 30.03 -4.49
N GLY B 552 17.37 29.38 -3.46
CA GLY B 552 16.21 28.52 -3.60
C GLY B 552 14.91 29.28 -3.57
N GLY B 553 15.00 30.60 -3.64
CA GLY B 553 13.82 31.42 -3.91
C GLY B 553 13.24 32.21 -2.77
N LEU B 554 13.89 32.16 -1.60
CA LEU B 554 13.37 32.88 -0.46
C LEU B 554 13.65 34.37 -0.55
N SER B 555 12.78 35.07 -1.28
CA SER B 555 12.88 36.52 -1.38
C SER B 555 11.63 37.14 -2.00
N VAL B 556 11.46 38.43 -1.76
CA VAL B 556 10.47 39.25 -2.44
C VAL B 556 11.13 40.55 -2.87
N ASP B 557 10.39 41.38 -3.58
CA ASP B 557 10.93 42.63 -4.10
C ASP B 557 9.89 43.74 -3.95
N PHE B 558 10.12 44.63 -2.98
CA PHE B 558 9.30 45.81 -2.78
C PHE B 558 9.53 46.85 -3.88
N LEU B 559 8.52 47.11 -4.72
CA LEU B 559 8.61 48.24 -5.64
C LEU B 559 8.04 49.46 -4.92
N GLU B 560 8.91 50.42 -4.63
CA GLU B 560 8.55 51.52 -3.75
C GLU B 560 8.30 52.81 -4.54
N ARG B 561 7.06 53.29 -4.49
CA ARG B 561 6.65 54.49 -5.22
C ARG B 561 7.21 54.45 -6.67
N PRO B 562 6.54 53.69 -7.56
CA PRO B 562 7.05 53.44 -8.92
C PRO B 562 7.00 54.67 -9.81
N ASN B 563 5.98 55.51 -9.61
CA ASN B 563 5.80 56.74 -10.37
C ASN B 563 6.83 57.82 -9.99
N ASP B 564 6.99 58.04 -8.69
CA ASP B 564 8.04 58.91 -8.16
C ASP B 564 9.40 58.44 -8.63
N LEU B 565 9.60 57.13 -8.59
CA LEU B 565 10.90 56.54 -8.96
C LEU B 565 11.16 56.70 -10.45
N ARG B 566 10.16 56.39 -11.27
CA ARG B 566 10.34 56.47 -12.71
C ARG B 566 10.81 57.84 -13.15
N THR B 567 10.24 58.88 -12.54
CA THR B 567 10.63 60.26 -12.82
C THR B 567 12.11 60.48 -12.47
N GLN B 568 12.55 59.87 -11.37
CA GLN B 568 13.93 60.00 -10.93
C GLN B 568 14.86 59.29 -11.89
N LEU B 569 14.66 57.99 -12.07
CA LEU B 569 15.53 57.20 -12.94
C LEU B 569 15.63 57.83 -14.35
N ASN B 570 14.57 58.49 -14.78
CA ASN B 570 14.54 59.10 -16.10
C ASN B 570 14.93 60.59 -16.13
N SER B 571 15.06 61.19 -14.95
CA SER B 571 15.38 62.61 -14.87
C SER B 571 16.71 62.90 -15.55
N ASN B 572 16.95 64.17 -15.84
CA ASN B 572 18.22 64.58 -16.45
C ASN B 572 19.39 64.31 -15.52
N ALA B 573 19.10 64.36 -14.22
CA ALA B 573 20.09 64.18 -13.18
C ALA B 573 20.67 62.77 -13.17
N LYS B 574 19.94 61.81 -13.72
CA LYS B 574 20.38 60.42 -13.67
C LYS B 574 21.05 59.93 -14.96
N ARG B 575 20.99 60.76 -16.01
CA ARG B 575 21.60 60.40 -17.30
C ARG B 575 22.85 59.55 -17.13
N ALA B 576 23.77 60.03 -16.30
CA ALA B 576 25.00 59.29 -16.01
C ALA B 576 24.73 57.85 -15.59
N ASP B 577 23.93 57.68 -14.54
CA ASP B 577 23.63 56.35 -14.04
C ASP B 577 22.80 55.51 -15.01
N ARG B 578 21.74 56.12 -15.55
CA ARG B 578 20.86 55.42 -16.49
C ARG B 578 21.65 54.79 -17.63
N ASP B 579 22.45 55.62 -18.29
CA ASP B 579 23.20 55.15 -19.44
C ASP B 579 24.06 53.96 -19.06
N ASP B 580 24.79 54.10 -17.96
CA ASP B 580 25.64 53.02 -17.47
C ASP B 580 24.82 51.76 -17.13
N PHE B 581 23.55 51.96 -16.78
CA PHE B 581 22.66 50.83 -16.55
C PHE B 581 22.47 50.11 -17.86
N ASN B 582 21.79 50.78 -18.79
CA ASN B 582 21.62 50.29 -20.16
C ASN B 582 22.90 49.74 -20.84
N ARG B 583 24.05 50.31 -20.50
CA ARG B 583 25.31 49.91 -21.11
C ARG B 583 25.81 48.54 -20.64
N VAL B 584 25.81 48.32 -19.33
CA VAL B 584 26.27 47.07 -18.79
C VAL B 584 25.29 45.95 -19.18
N CYS B 585 24.00 46.28 -19.19
CA CYS B 585 22.97 45.35 -19.65
C CYS B 585 23.19 44.98 -21.11
N ARG B 586 23.58 45.97 -21.91
CA ARG B 586 23.87 45.75 -23.31
C ARG B 586 25.02 44.76 -23.40
N GLU B 587 26.13 45.10 -22.75
CA GLU B 587 27.29 44.23 -22.72
C GLU B 587 26.98 42.84 -22.19
N TRP B 588 26.15 42.76 -21.15
CA TRP B 588 25.87 41.48 -20.53
C TRP B 588 24.99 40.60 -21.41
N ASN B 589 24.06 41.21 -22.12
CA ASN B 589 23.20 40.45 -23.00
C ASN B 589 23.96 39.90 -24.19
N ALA B 590 25.09 40.54 -24.49
CA ALA B 590 25.98 40.09 -25.55
C ALA B 590 26.71 38.84 -25.10
N TYR B 591 27.32 38.91 -23.92
CA TYR B 591 28.11 37.81 -23.39
C TYR B 591 27.27 36.59 -23.15
N TRP B 592 26.21 36.76 -22.36
CA TRP B 592 25.44 35.64 -21.83
C TRP B 592 25.39 34.39 -22.73
N PRO B 593 24.96 34.54 -24.00
CA PRO B 593 24.86 33.36 -24.88
C PRO B 593 26.15 32.54 -24.92
N THR B 594 27.30 33.23 -24.92
CA THR B 594 28.60 32.57 -25.03
C THR B 594 29.07 31.95 -23.70
N ASN B 595 28.14 31.80 -22.76
CA ASN B 595 28.45 31.25 -21.45
C ASN B 595 28.24 29.74 -21.41
N PRO B 596 29.23 29.02 -20.87
CA PRO B 596 29.25 27.56 -20.99
C PRO B 596 28.35 26.93 -19.95
N PHE B 597 27.96 27.71 -18.94
CA PHE B 597 27.21 27.18 -17.81
C PHE B 597 25.80 27.75 -17.72
N PRO B 598 24.86 26.95 -17.21
CA PRO B 598 23.48 27.36 -17.02
C PRO B 598 23.30 28.17 -15.73
N LYS B 599 22.26 29.00 -15.67
CA LYS B 599 21.82 29.57 -14.39
C LYS B 599 21.03 28.50 -13.63
N ILE B 600 21.60 28.01 -12.53
CA ILE B 600 20.99 26.91 -11.78
C ILE B 600 20.05 27.32 -10.65
N ASP B 601 20.01 28.60 -10.30
CA ASP B 601 19.19 29.02 -9.18
C ASP B 601 18.42 30.29 -9.47
N SER B 602 18.01 30.97 -8.40
CA SER B 602 17.20 32.19 -8.49
C SER B 602 18.00 33.36 -9.02
N GLY B 603 19.33 33.24 -8.99
CA GLY B 603 20.19 34.28 -9.52
C GLY B 603 20.64 35.33 -8.51
N LEU B 604 20.15 35.22 -7.29
CA LEU B 604 20.53 36.19 -6.26
C LEU B 604 21.37 35.50 -5.19
N SER C 41 0.63 25.46 -29.03
CA SER C 41 0.04 25.74 -27.73
C SER C 41 -0.25 24.46 -26.95
N GLY C 42 0.64 24.11 -26.03
CA GLY C 42 0.43 22.99 -25.14
C GLY C 42 -0.27 23.45 -23.86
N PRO C 43 0.11 22.86 -22.72
CA PRO C 43 -0.42 23.22 -21.40
C PRO C 43 0.11 24.56 -20.94
N THR C 44 -0.49 25.14 -19.90
CA THR C 44 0.10 26.31 -19.27
C THR C 44 0.10 26.25 -17.74
N CYS C 45 -0.61 25.28 -17.16
CA CYS C 45 -0.72 25.17 -15.70
C CYS C 45 -0.88 23.74 -15.18
N ASN C 46 -0.64 22.77 -16.06
CA ASN C 46 -0.74 21.35 -15.69
C ASN C 46 0.52 20.92 -14.93
N THR C 47 0.41 20.80 -13.61
CA THR C 47 1.55 20.45 -12.77
C THR C 47 1.20 19.31 -11.82
N PRO C 48 2.24 18.70 -11.22
CA PRO C 48 2.07 17.58 -10.28
C PRO C 48 0.94 17.78 -9.25
N SER C 49 0.72 19.03 -8.82
CA SER C 49 -0.24 19.30 -7.76
C SER C 49 -1.57 19.79 -8.30
N ASN C 50 -1.54 20.30 -9.53
CA ASN C 50 -2.74 20.84 -10.13
C ASN C 50 -2.96 20.33 -11.56
N ARG C 51 -3.18 19.02 -11.68
CA ARG C 51 -3.43 18.40 -12.96
C ARG C 51 -4.76 18.86 -13.55
N ALA C 52 -5.69 19.24 -12.67
CA ALA C 52 -6.99 19.70 -13.11
C ALA C 52 -6.85 20.81 -14.15
N CYS C 53 -5.87 21.67 -13.94
CA CYS C 53 -5.69 22.86 -14.78
C CYS C 53 -4.87 22.51 -16.01
N TRP C 54 -5.36 22.93 -17.17
CA TRP C 54 -4.69 22.62 -18.42
C TRP C 54 -4.07 23.88 -19.03
N THR C 55 -4.91 24.86 -19.31
CA THR C 55 -4.46 26.16 -19.76
C THR C 55 -5.35 27.20 -19.10
N ASN C 56 -5.41 28.39 -19.69
CA ASN C 56 -6.17 29.49 -19.13
C ASN C 56 -7.65 29.38 -19.49
N GLY C 57 -8.43 28.88 -18.54
CA GLY C 57 -9.87 28.74 -18.77
C GLY C 57 -10.25 27.40 -19.37
N PHE C 58 -9.32 26.45 -19.37
CA PHE C 58 -9.59 25.09 -19.80
C PHE C 58 -9.09 24.11 -18.74
N ASP C 59 -10.02 23.44 -18.06
CA ASP C 59 -9.68 22.49 -17.01
C ASP C 59 -10.50 21.21 -17.08
N ILE C 60 -10.34 20.36 -16.06
CA ILE C 60 -11.02 19.07 -16.02
C ILE C 60 -12.53 19.21 -15.91
N ASN C 61 -12.99 20.44 -15.67
CA ASN C 61 -14.43 20.69 -15.53
C ASN C 61 -15.06 21.31 -16.78
N THR C 62 -14.22 21.79 -17.69
CA THR C 62 -14.68 22.30 -18.99
C THR C 62 -15.41 21.21 -19.77
N ASP C 63 -16.51 21.56 -20.43
CA ASP C 63 -17.26 20.60 -21.25
C ASP C 63 -16.57 20.43 -22.62
N TYR C 64 -15.82 19.35 -22.79
CA TYR C 64 -15.01 19.17 -24.00
C TYR C 64 -15.86 18.98 -25.26
N GLU C 65 -17.11 18.56 -25.06
CA GLU C 65 -17.99 18.36 -26.20
C GLU C 65 -18.58 19.67 -26.74
N VAL C 66 -18.25 20.78 -26.09
CA VAL C 66 -18.73 22.08 -26.53
C VAL C 66 -17.59 23.08 -26.70
N SER C 67 -16.71 23.15 -25.70
CA SER C 67 -15.54 24.02 -25.77
C SER C 67 -14.28 23.24 -26.07
N THR C 68 -13.44 23.80 -26.93
CA THR C 68 -12.22 23.13 -27.35
C THR C 68 -11.06 24.13 -27.44
N PRO C 69 -9.87 23.74 -26.94
CA PRO C 69 -8.67 24.58 -27.04
C PRO C 69 -8.27 24.81 -28.50
N ASN C 70 -8.13 26.07 -28.88
CA ASN C 70 -7.72 26.38 -30.24
C ASN C 70 -6.22 26.50 -30.31
N THR C 71 -5.54 25.36 -30.43
CA THR C 71 -4.11 25.38 -30.64
C THR C 71 -3.89 25.46 -32.13
N GLY C 72 -2.97 26.34 -32.55
CA GLY C 72 -2.67 26.53 -33.95
C GLY C 72 -1.62 25.55 -34.41
N ARG C 73 -1.64 24.37 -33.79
CA ARG C 73 -0.67 23.34 -34.13
C ARG C 73 -1.35 22.20 -34.89
N THR C 74 -0.61 21.64 -35.83
CA THR C 74 -1.00 20.43 -36.52
C THR C 74 0.14 19.44 -36.39
N VAL C 75 -0.19 18.19 -36.11
CA VAL C 75 0.81 17.14 -36.08
C VAL C 75 0.54 16.18 -37.22
N ALA C 76 1.56 15.42 -37.59
CA ALA C 76 1.47 14.46 -38.68
C ALA C 76 2.19 13.19 -38.28
N TYR C 77 1.63 12.05 -38.68
CA TYR C 77 2.28 10.76 -38.52
C TYR C 77 2.15 9.95 -39.80
N GLN C 78 3.05 8.98 -39.98
CA GLN C 78 2.99 8.10 -41.14
C GLN C 78 3.02 6.65 -40.67
N LEU C 79 1.94 5.93 -40.95
CA LEU C 79 1.84 4.52 -40.62
C LEU C 79 2.03 3.66 -41.85
N THR C 80 3.06 2.84 -41.86
CA THR C 80 3.33 1.99 -43.03
C THR C 80 3.07 0.51 -42.74
N LEU C 81 2.00 -0.02 -43.32
CA LEU C 81 1.62 -1.40 -43.13
C LEU C 81 2.36 -2.30 -44.11
N THR C 82 3.13 -3.24 -43.57
CA THR C 82 3.83 -4.23 -44.36
C THR C 82 3.34 -5.63 -43.99
N GLU C 83 3.54 -6.58 -44.89
CA GLU C 83 3.10 -7.95 -44.69
C GLU C 83 4.29 -8.90 -44.73
N LYS C 84 4.40 -9.78 -43.72
CA LYS C 84 5.51 -10.74 -43.64
C LYS C 84 5.04 -12.17 -43.41
N GLU C 85 5.63 -13.12 -44.12
CA GLU C 85 5.22 -14.51 -44.03
C GLU C 85 6.23 -15.34 -43.25
N ASN C 86 5.75 -16.33 -42.50
CA ASN C 86 6.64 -17.21 -41.77
C ASN C 86 7.63 -16.43 -40.89
N TRP C 87 7.06 -15.75 -39.89
CA TRP C 87 7.74 -14.72 -39.10
C TRP C 87 7.76 -15.07 -37.62
N ILE C 88 8.95 -15.11 -37.04
CA ILE C 88 9.11 -15.44 -35.62
C ILE C 88 8.60 -14.28 -34.77
N GLY C 89 7.56 -14.53 -33.98
CA GLY C 89 6.94 -13.49 -33.18
C GLY C 89 7.62 -13.23 -31.85
N PRO C 90 6.99 -12.39 -31.00
CA PRO C 90 7.55 -12.03 -29.69
C PRO C 90 7.97 -13.24 -28.86
N ASP C 91 7.06 -14.21 -28.68
CA ASP C 91 7.37 -15.39 -27.86
C ASP C 91 8.12 -16.48 -28.64
N GLY C 92 8.61 -16.10 -29.82
CA GLY C 92 9.50 -16.97 -30.57
C GLY C 92 8.84 -18.13 -31.32
N VAL C 93 7.54 -18.07 -31.51
CA VAL C 93 6.89 -19.08 -32.33
C VAL C 93 6.55 -18.56 -33.73
N LEU C 94 6.75 -19.43 -34.72
CA LEU C 94 6.50 -19.13 -36.12
C LEU C 94 5.07 -18.67 -36.33
N LYS C 95 4.91 -17.46 -36.87
CA LYS C 95 3.62 -16.95 -37.33
C LYS C 95 3.59 -17.03 -38.84
N ASN C 96 2.80 -17.95 -39.41
CA ASN C 96 2.77 -18.08 -40.85
C ASN C 96 2.57 -16.77 -41.61
N VAL C 97 1.95 -15.78 -40.97
CA VAL C 97 1.71 -14.47 -41.59
C VAL C 97 1.30 -13.37 -40.59
N VAL C 98 1.96 -12.21 -40.69
CA VAL C 98 1.55 -11.03 -39.92
C VAL C 98 1.46 -9.78 -40.77
N MET C 99 1.08 -8.68 -40.14
CA MET C 99 0.81 -7.43 -40.83
C MET C 99 1.14 -6.27 -39.93
N LEU C 100 2.28 -5.63 -40.17
CA LEU C 100 2.90 -4.74 -39.19
C LEU C 100 2.68 -3.25 -39.48
N VAL C 101 2.65 -2.45 -38.42
CA VAL C 101 2.61 -1.00 -38.54
C VAL C 101 3.98 -0.42 -38.19
N ASN C 102 4.69 0.06 -39.21
CA ASN C 102 6.05 0.55 -39.04
C ASN C 102 6.99 -0.52 -38.56
N ASP C 103 6.76 -1.73 -39.08
CA ASP C 103 7.70 -2.84 -38.95
C ASP C 103 7.78 -3.49 -37.55
N LYS C 104 6.86 -3.15 -36.66
CA LYS C 104 6.88 -3.78 -35.34
C LYS C 104 5.58 -4.53 -35.08
N ILE C 105 5.54 -5.32 -34.01
CA ILE C 105 4.31 -6.02 -33.64
C ILE C 105 3.18 -5.06 -33.20
N ILE C 106 3.57 -3.86 -32.75
CA ILE C 106 2.61 -2.85 -32.31
C ILE C 106 2.91 -1.52 -33.00
N GLY C 107 1.88 -0.75 -33.32
CA GLY C 107 2.06 0.53 -33.99
C GLY C 107 2.55 1.63 -33.06
N PRO C 108 2.90 2.79 -33.63
CA PRO C 108 3.36 3.99 -32.91
C PRO C 108 2.22 4.68 -32.16
N THR C 109 2.54 5.38 -31.10
CA THR C 109 1.55 6.15 -30.38
C THR C 109 1.28 7.46 -31.13
N ILE C 110 0.03 7.66 -31.54
CA ILE C 110 -0.36 8.90 -32.17
C ILE C 110 -0.57 9.90 -31.06
N ARG C 111 0.44 10.73 -30.82
CA ARG C 111 0.39 11.69 -29.71
C ARG C 111 -0.02 13.07 -30.17
N ALA C 112 -0.61 13.84 -29.24
CA ALA C 112 -1.06 15.19 -29.53
C ALA C 112 -1.59 15.84 -28.26
N ASN C 113 -1.97 17.11 -28.37
CA ASN C 113 -2.54 17.86 -27.26
C ASN C 113 -4.00 18.17 -27.52
N TRP C 114 -4.76 18.34 -26.45
CA TRP C 114 -6.15 18.76 -26.56
C TRP C 114 -6.26 19.95 -27.51
N GLY C 115 -7.10 19.81 -28.53
CA GLY C 115 -7.33 20.86 -29.51
C GLY C 115 -6.54 20.68 -30.80
N ASP C 116 -5.34 20.13 -30.68
CA ASP C 116 -4.48 19.91 -31.84
C ASP C 116 -5.25 19.39 -33.06
N ASN C 117 -4.79 19.76 -34.24
CA ASN C 117 -5.21 19.08 -35.46
C ASN C 117 -4.24 17.95 -35.70
N ILE C 118 -4.68 16.95 -36.46
CA ILE C 118 -3.88 15.77 -36.69
C ILE C 118 -4.01 15.30 -38.13
N GLU C 119 -2.93 14.74 -38.66
CA GLU C 119 -2.93 14.18 -40.00
C GLU C 119 -2.13 12.88 -39.95
N VAL C 120 -2.79 11.76 -40.22
CA VAL C 120 -2.11 10.48 -40.24
C VAL C 120 -2.17 9.79 -41.60
N THR C 121 -1.05 9.82 -42.32
CA THR C 121 -0.94 9.17 -43.62
C THR C 121 -0.77 7.66 -43.48
N VAL C 122 -1.67 6.91 -44.13
CA VAL C 122 -1.61 5.46 -44.11
C VAL C 122 -1.25 4.89 -45.49
N ILE C 123 -0.19 4.10 -45.55
CA ILE C 123 0.25 3.46 -46.79
C ILE C 123 0.09 1.95 -46.69
N ASN C 124 -0.67 1.37 -47.63
CA ASN C 124 -1.03 -0.04 -47.57
C ASN C 124 -0.21 -0.93 -48.48
N ASN C 125 1.03 -1.21 -48.07
CA ASN C 125 1.89 -2.14 -48.80
C ASN C 125 1.58 -3.60 -48.53
N LEU C 126 0.33 -3.92 -48.21
CA LEU C 126 -0.07 -5.31 -48.03
C LEU C 126 -0.14 -5.97 -49.40
N LYS C 127 0.02 -7.28 -49.44
CA LYS C 127 0.06 -8.01 -50.69
C LYS C 127 -1.29 -8.02 -51.35
N THR C 128 -2.30 -8.40 -50.59
CA THR C 128 -3.61 -8.64 -51.16
C THR C 128 -4.73 -7.92 -50.42
N ASN C 129 -4.56 -7.75 -49.10
CA ASN C 129 -5.59 -7.09 -48.30
C ASN C 129 -5.62 -5.59 -48.51
N GLY C 130 -6.83 -5.04 -48.61
CA GLY C 130 -7.03 -3.61 -48.55
C GLY C 130 -7.07 -3.25 -47.07
N THR C 131 -7.27 -1.97 -46.77
CA THR C 131 -7.30 -1.58 -45.37
C THR C 131 -8.26 -0.42 -45.04
N SER C 132 -8.44 -0.19 -43.76
CA SER C 132 -9.45 0.74 -43.25
C SER C 132 -9.09 1.06 -41.81
N MET C 133 -8.54 2.26 -41.56
CA MET C 133 -7.99 2.59 -40.25
C MET C 133 -8.97 3.41 -39.42
N HIS C 134 -9.50 2.79 -38.36
CA HIS C 134 -10.46 3.42 -37.48
C HIS C 134 -9.75 4.00 -36.25
N TRP C 135 -10.20 5.14 -35.79
CA TRP C 135 -9.61 5.76 -34.60
C TRP C 135 -10.61 5.66 -33.44
N HIS C 136 -10.45 4.59 -32.66
CA HIS C 136 -11.43 4.15 -31.68
C HIS C 136 -11.72 5.18 -30.63
N GLY C 137 -13.00 5.53 -30.49
CA GLY C 137 -13.44 6.42 -29.43
C GLY C 137 -13.35 7.90 -29.76
N LEU C 138 -12.79 8.23 -30.94
CA LEU C 138 -12.78 9.62 -31.38
C LEU C 138 -14.14 10.02 -31.90
N ARG C 139 -14.63 11.16 -31.42
CA ARG C 139 -15.98 11.62 -31.68
C ARG C 139 -16.17 11.87 -33.17
N GLN C 140 -15.12 12.36 -33.81
CA GLN C 140 -15.19 12.75 -35.21
C GLN C 140 -16.42 13.61 -35.47
N LEU C 141 -16.68 14.58 -34.60
CA LEU C 141 -17.82 15.48 -34.76
C LEU C 141 -17.79 16.15 -36.13
N GLY C 142 -18.90 16.05 -36.87
CA GLY C 142 -19.00 16.59 -38.21
C GLY C 142 -17.79 16.22 -39.08
N ASN C 143 -17.26 15.03 -38.88
CA ASN C 143 -16.05 14.62 -39.58
C ASN C 143 -16.11 13.17 -39.98
N VAL C 144 -17.26 12.74 -40.49
CA VAL C 144 -17.50 11.32 -40.69
C VAL C 144 -16.55 10.67 -41.72
N PHE C 145 -16.27 11.40 -42.80
CA PHE C 145 -15.44 10.93 -43.89
C PHE C 145 -14.14 10.32 -43.38
N ASN C 146 -13.81 10.60 -42.13
CA ASN C 146 -12.56 10.10 -41.54
C ASN C 146 -12.75 9.08 -40.45
N ASP C 147 -13.99 8.65 -40.22
CA ASP C 147 -14.27 7.66 -39.18
C ASP C 147 -13.42 6.42 -39.41
N GLY C 148 -13.34 5.96 -40.65
CA GLY C 148 -12.49 4.83 -40.98
C GLY C 148 -13.20 3.50 -40.98
N ALA C 149 -14.39 3.45 -41.55
CA ALA C 149 -15.18 2.24 -41.50
C ALA C 149 -15.57 1.81 -42.91
N ASN C 150 -14.79 0.93 -43.52
CA ASN C 150 -15.10 0.53 -44.89
C ASN C 150 -16.53 0.02 -45.09
N GLY C 151 -17.12 0.34 -46.25
CA GLY C 151 -18.46 -0.08 -46.56
C GLY C 151 -19.48 0.86 -45.95
N VAL C 152 -18.98 1.78 -45.12
CA VAL C 152 -19.80 2.75 -44.43
C VAL C 152 -19.32 4.15 -44.79
N THR C 153 -18.24 4.57 -44.14
CA THR C 153 -17.70 5.91 -44.31
C THR C 153 -16.59 5.99 -45.33
N GLU C 154 -16.27 4.86 -45.97
CA GLU C 154 -15.20 4.82 -46.97
C GLU C 154 -15.08 3.45 -47.66
N CYS C 155 -14.19 3.40 -48.64
CA CYS C 155 -13.84 2.15 -49.31
C CYS C 155 -12.46 1.74 -48.81
N PRO C 156 -12.20 0.43 -48.73
CA PRO C 156 -10.87 -0.06 -48.35
C PRO C 156 -9.77 0.51 -49.25
N ILE C 157 -8.62 0.81 -48.65
CA ILE C 157 -7.47 1.32 -49.37
C ILE C 157 -6.71 0.15 -50.00
N PRO C 158 -6.46 0.22 -51.33
CA PRO C 158 -5.94 -0.91 -52.09
C PRO C 158 -4.54 -1.31 -51.65
N PRO C 159 -4.12 -2.57 -51.93
CA PRO C 159 -2.79 -3.05 -51.59
C PRO C 159 -1.73 -2.40 -52.50
N LYS C 160 -0.51 -2.93 -52.45
CA LYS C 160 0.55 -2.49 -53.36
C LYS C 160 0.67 -0.97 -53.47
N GLY C 161 0.71 -0.29 -52.33
CA GLY C 161 1.00 1.14 -52.35
C GLY C 161 -0.18 2.09 -52.19
N GLY C 162 -1.40 1.57 -52.16
CA GLY C 162 -2.57 2.41 -51.95
C GLY C 162 -2.42 3.22 -50.67
N ARG C 163 -2.92 4.45 -50.65
CA ARG C 163 -2.78 5.32 -49.48
C ARG C 163 -3.94 6.31 -49.27
N LYS C 164 -3.89 7.04 -48.16
CA LYS C 164 -4.85 8.10 -47.80
C LYS C 164 -4.38 8.83 -46.54
N THR C 165 -4.70 10.12 -46.41
CA THR C 165 -4.35 10.86 -45.21
C THR C 165 -5.60 11.23 -44.42
N TYR C 166 -5.86 10.49 -43.36
CA TYR C 166 -6.94 10.82 -42.43
C TYR C 166 -6.61 12.10 -41.69
N LYS C 167 -7.58 13.01 -41.65
CA LYS C 167 -7.43 14.28 -40.96
C LYS C 167 -8.58 14.48 -39.95
N PHE C 168 -8.22 14.78 -38.70
CA PHE C 168 -9.19 14.95 -37.63
C PHE C 168 -8.66 15.84 -36.49
N ARG C 169 -9.55 16.42 -35.70
CA ARG C 169 -9.10 17.25 -34.60
C ARG C 169 -9.24 16.54 -33.26
N ALA C 170 -8.39 16.90 -32.29
CA ALA C 170 -8.52 16.32 -30.96
C ALA C 170 -9.44 17.19 -30.08
N THR C 171 -10.73 16.97 -30.25
CA THR C 171 -11.73 17.64 -29.42
C THR C 171 -12.00 16.82 -28.17
N GLN C 172 -11.09 15.92 -27.83
CA GLN C 172 -11.19 15.14 -26.60
C GLN C 172 -9.78 14.90 -26.14
N TYR C 173 -9.65 14.51 -24.89
CA TYR C 173 -8.34 14.12 -24.38
C TYR C 173 -8.53 12.85 -23.58
N GLY C 174 -7.56 11.95 -23.69
CA GLY C 174 -7.59 10.68 -23.00
C GLY C 174 -6.64 9.69 -23.63
N THR C 175 -6.97 8.41 -23.49
CA THR C 175 -6.17 7.32 -24.04
C THR C 175 -7.06 6.57 -25.00
N SER C 176 -6.50 6.16 -26.16
CA SER C 176 -7.25 5.30 -27.06
C SER C 176 -6.35 4.45 -27.94
N TRP C 177 -6.91 3.95 -29.03
CA TRP C 177 -6.14 3.14 -29.97
C TRP C 177 -6.75 3.21 -31.37
N TYR C 178 -5.98 2.74 -32.35
CA TYR C 178 -6.49 2.62 -33.71
C TYR C 178 -6.34 1.20 -34.22
N HIS C 179 -7.14 0.84 -35.22
CA HIS C 179 -7.10 -0.51 -35.77
C HIS C 179 -7.82 -0.56 -37.11
N SER C 180 -7.56 -1.59 -37.91
CA SER C 180 -8.26 -1.75 -39.17
C SER C 180 -9.64 -2.30 -38.97
N HIS C 181 -10.62 -1.70 -39.65
CA HIS C 181 -11.96 -2.24 -39.67
C HIS C 181 -12.14 -3.12 -40.91
N PHE C 182 -11.04 -3.59 -41.47
CA PHE C 182 -11.09 -4.48 -42.64
C PHE C 182 -11.17 -5.94 -42.17
N SER C 183 -12.38 -6.47 -42.07
CA SER C 183 -12.59 -7.79 -41.45
C SER C 183 -11.94 -7.89 -40.06
N ALA C 184 -11.28 -9.01 -39.76
CA ALA C 184 -10.61 -9.16 -38.47
C ALA C 184 -9.11 -8.91 -38.62
N GLN C 185 -8.77 -8.09 -39.61
CA GLN C 185 -7.39 -7.85 -39.98
C GLN C 185 -6.49 -7.40 -38.82
N TYR C 186 -7.00 -6.55 -37.93
CA TYR C 186 -6.15 -6.03 -36.86
C TYR C 186 -5.70 -7.12 -35.90
N GLY C 187 -6.26 -8.32 -36.07
CA GLY C 187 -5.82 -9.46 -35.31
C GLY C 187 -4.53 -10.01 -35.88
N ASN C 188 -4.09 -9.43 -37.00
CA ASN C 188 -2.86 -9.86 -37.66
C ASN C 188 -1.70 -8.90 -37.42
N GLY C 189 -1.89 -7.88 -36.61
CA GLY C 189 -0.81 -6.95 -36.31
C GLY C 189 -1.06 -5.48 -36.63
N VAL C 190 -2.19 -5.19 -37.28
CA VAL C 190 -2.54 -3.82 -37.65
C VAL C 190 -3.23 -3.07 -36.51
N VAL C 191 -2.46 -2.58 -35.56
CA VAL C 191 -3.01 -1.92 -34.40
C VAL C 191 -2.03 -0.86 -33.89
N GLY C 192 -2.48 0.00 -33.00
CA GLY C 192 -1.58 0.96 -32.40
C GLY C 192 -2.29 1.74 -31.34
N THR C 193 -1.62 2.73 -30.77
CA THR C 193 -2.23 3.52 -29.69
C THR C 193 -2.39 4.99 -30.04
N ILE C 194 -3.15 5.69 -29.20
CA ILE C 194 -3.39 7.11 -29.32
C ILE C 194 -3.35 7.74 -27.93
N GLN C 195 -2.74 8.91 -27.80
CA GLN C 195 -2.70 9.60 -26.52
C GLN C 195 -2.74 11.11 -26.69
N ILE C 196 -3.83 11.73 -26.24
CA ILE C 196 -4.00 13.18 -26.29
C ILE C 196 -3.99 13.76 -24.87
N ASP C 197 -3.14 14.75 -24.64
CA ASP C 197 -2.93 15.27 -23.30
C ASP C 197 -3.87 16.41 -22.94
N GLY C 198 -4.18 16.49 -21.65
CA GLY C 198 -5.12 17.47 -21.13
C GLY C 198 -5.17 17.38 -19.62
N PRO C 199 -6.23 17.95 -19.02
CA PRO C 199 -6.41 17.93 -17.57
C PRO C 199 -6.61 16.51 -17.05
N ALA C 200 -6.52 16.34 -15.73
CA ALA C 200 -6.81 15.06 -15.09
C ALA C 200 -7.75 15.28 -13.89
N SER C 201 -8.38 14.21 -13.42
CA SER C 201 -9.33 14.32 -12.32
C SER C 201 -8.68 13.99 -10.98
N LEU C 202 -7.36 13.97 -10.96
CA LEU C 202 -6.59 13.65 -9.78
C LEU C 202 -5.13 13.95 -10.07
N PRO C 203 -4.43 14.60 -9.12
CA PRO C 203 -3.01 14.94 -9.33
C PRO C 203 -2.09 13.70 -9.41
N TYR C 204 -0.94 13.84 -10.09
CA TYR C 204 0.09 12.79 -10.15
C TYR C 204 1.44 13.35 -10.61
N ASP C 205 2.51 12.65 -10.24
CA ASP C 205 3.85 13.08 -10.59
C ASP C 205 4.23 12.68 -12.01
N ILE C 206 4.31 11.37 -12.27
CA ILE C 206 4.75 10.84 -13.57
C ILE C 206 3.63 10.22 -14.42
N ASP C 207 3.70 10.42 -15.73
CA ASP C 207 2.83 9.77 -16.72
C ASP C 207 3.65 8.64 -17.35
N LEU C 208 3.39 7.41 -16.92
CA LEU C 208 4.14 6.24 -17.40
C LEU C 208 3.94 5.94 -18.88
N GLY C 209 2.77 6.29 -19.39
CA GLY C 209 2.51 6.17 -20.81
C GLY C 209 1.50 5.07 -21.09
N VAL C 210 1.24 4.82 -22.37
CA VAL C 210 0.28 3.80 -22.75
C VAL C 210 0.84 2.44 -22.38
N PHE C 211 -0.05 1.49 -22.13
CA PHE C 211 0.33 0.15 -21.71
C PHE C 211 -0.61 -0.87 -22.36
N PRO C 212 -0.58 -0.97 -23.70
CA PRO C 212 -1.52 -1.83 -24.44
C PRO C 212 -1.46 -3.27 -23.94
N LEU C 213 -2.60 -3.96 -23.94
CA LEU C 213 -2.65 -5.38 -23.65
C LEU C 213 -3.45 -6.05 -24.73
N MET C 214 -2.88 -7.07 -25.34
CA MET C 214 -3.54 -7.69 -26.48
C MET C 214 -3.33 -9.20 -26.49
N ASP C 215 -4.42 -9.94 -26.68
CA ASP C 215 -4.33 -11.38 -26.79
C ASP C 215 -3.55 -11.79 -28.04
N TYR C 216 -2.98 -12.98 -28.01
CA TYR C 216 -2.11 -13.42 -29.08
C TYR C 216 -2.44 -14.86 -29.48
N TYR C 217 -2.49 -15.12 -30.78
CA TYR C 217 -2.74 -16.47 -31.28
C TYR C 217 -1.71 -16.78 -32.34
N TYR C 218 -1.35 -18.06 -32.48
CA TYR C 218 -0.42 -18.47 -33.53
C TYR C 218 -1.14 -18.72 -34.84
N ARG C 219 -2.44 -18.47 -34.87
CA ARG C 219 -3.20 -18.53 -36.11
C ARG C 219 -3.45 -17.13 -36.66
N SER C 220 -3.78 -17.06 -37.95
CA SER C 220 -4.04 -15.79 -38.61
C SER C 220 -5.48 -15.31 -38.39
N ALA C 221 -5.70 -14.02 -38.60
CA ALA C 221 -7.02 -13.44 -38.47
C ALA C 221 -8.04 -14.21 -39.28
N ASP C 222 -7.76 -14.43 -40.55
CA ASP C 222 -8.68 -15.14 -41.41
C ASP C 222 -8.92 -16.58 -40.96
N GLU C 223 -7.86 -17.26 -40.54
CA GLU C 223 -7.98 -18.63 -40.05
C GLU C 223 -8.86 -18.65 -38.82
N LEU C 224 -8.65 -17.70 -37.91
CA LEU C 224 -9.50 -17.60 -36.75
C LEU C 224 -10.93 -17.25 -37.12
N VAL C 225 -11.10 -16.41 -38.15
CA VAL C 225 -12.46 -16.05 -38.61
C VAL C 225 -13.20 -17.25 -39.19
N HIS C 226 -12.46 -18.10 -39.91
CA HIS C 226 -13.04 -19.29 -40.54
C HIS C 226 -13.33 -20.38 -39.54
N PHE C 227 -12.45 -20.53 -38.56
CA PHE C 227 -12.64 -21.53 -37.52
C PHE C 227 -13.90 -21.19 -36.74
N THR C 228 -14.03 -19.91 -36.38
CA THR C 228 -15.11 -19.44 -35.54
C THR C 228 -16.49 -19.45 -36.24
N GLN C 229 -16.49 -19.55 -37.56
CA GLN C 229 -17.73 -19.70 -38.32
C GLN C 229 -18.39 -21.07 -38.11
N SER C 230 -17.69 -21.98 -37.45
CA SER C 230 -18.23 -23.31 -37.19
C SER C 230 -17.75 -23.93 -35.87
N ASN C 231 -16.97 -23.17 -35.09
CA ASN C 231 -16.64 -23.55 -33.71
C ASN C 231 -16.72 -22.38 -32.75
N GLY C 232 -16.51 -22.65 -31.48
CA GLY C 232 -16.50 -21.58 -30.50
C GLY C 232 -15.18 -20.88 -30.51
N ALA C 233 -15.16 -19.65 -30.03
CA ALA C 233 -13.91 -18.90 -29.89
C ALA C 233 -12.90 -19.68 -29.05
N PRO C 234 -11.67 -19.83 -29.58
CA PRO C 234 -10.54 -20.53 -28.97
C PRO C 234 -9.85 -19.70 -27.89
N PRO C 235 -9.05 -20.35 -27.04
CA PRO C 235 -8.25 -19.60 -26.06
C PRO C 235 -7.11 -18.94 -26.81
N SER C 236 -6.62 -17.82 -26.29
CA SER C 236 -5.44 -17.18 -26.85
C SER C 236 -4.26 -18.10 -26.62
N ASP C 237 -3.17 -17.84 -27.33
CA ASP C 237 -1.95 -18.64 -27.18
C ASP C 237 -1.04 -17.95 -26.20
N ASN C 238 -1.21 -16.64 -26.11
CA ASN C 238 -0.42 -15.81 -25.22
C ASN C 238 -1.05 -14.43 -25.00
N VAL C 239 -0.32 -13.55 -24.35
CA VAL C 239 -0.78 -12.17 -24.14
C VAL C 239 0.37 -11.19 -24.35
N LEU C 240 0.11 -10.10 -25.06
CA LEU C 240 1.14 -9.09 -25.29
C LEU C 240 1.11 -8.04 -24.20
N PHE C 241 2.28 -7.60 -23.78
CA PHE C 241 2.36 -6.51 -22.84
C PHE C 241 3.16 -5.39 -23.49
N ASN C 242 2.45 -4.41 -24.05
CA ASN C 242 3.08 -3.30 -24.73
C ASN C 242 4.03 -3.83 -25.81
N GLY C 243 3.52 -4.77 -26.60
CA GLY C 243 4.24 -5.27 -27.76
C GLY C 243 5.27 -6.36 -27.54
N THR C 244 5.26 -6.96 -26.35
CA THR C 244 6.19 -8.05 -26.06
C THR C 244 5.45 -9.26 -25.49
N ALA C 245 6.14 -10.39 -25.43
CA ALA C 245 5.52 -11.62 -24.91
C ALA C 245 6.57 -12.63 -24.46
N ARG C 246 6.24 -13.41 -23.44
CA ARG C 246 7.11 -14.47 -22.97
C ARG C 246 6.38 -15.80 -23.06
N HIS C 247 7.06 -16.83 -23.56
CA HIS C 247 6.47 -18.15 -23.73
C HIS C 247 6.51 -18.92 -22.40
N PRO C 248 5.34 -19.40 -21.95
CA PRO C 248 5.14 -20.13 -20.70
C PRO C 248 6.08 -21.32 -20.58
N GLU C 249 6.40 -21.93 -21.71
CA GLU C 249 7.17 -23.17 -21.72
C GLU C 249 8.66 -22.89 -21.88
N THR C 250 9.03 -22.40 -23.05
CA THR C 250 10.44 -22.18 -23.38
C THR C 250 11.02 -21.02 -22.61
N GLY C 251 10.16 -20.17 -22.08
CA GLY C 251 10.64 -18.96 -21.41
C GLY C 251 11.23 -17.99 -22.41
N ALA C 252 11.11 -18.34 -23.69
CA ALA C 252 11.52 -17.48 -24.78
C ALA C 252 10.73 -16.17 -24.74
N GLY C 253 11.16 -15.17 -25.49
CA GLY C 253 10.56 -13.86 -25.41
C GLY C 253 11.18 -13.05 -24.28
N GLN C 254 10.35 -12.45 -23.43
CA GLN C 254 10.85 -11.60 -22.34
C GLN C 254 9.72 -11.00 -21.50
N TRP C 255 9.99 -10.77 -20.22
CA TRP C 255 9.07 -10.05 -19.34
C TRP C 255 9.14 -8.54 -19.60
N TYR C 256 8.01 -7.85 -19.50
CA TYR C 256 8.02 -6.40 -19.67
C TYR C 256 8.20 -5.65 -18.36
N ASN C 257 9.19 -4.76 -18.32
CA ASN C 257 9.52 -4.03 -17.10
C ASN C 257 8.92 -2.63 -17.04
N VAL C 258 8.32 -2.30 -15.91
CA VAL C 258 7.72 -0.98 -15.71
C VAL C 258 8.27 -0.34 -14.42
N THR C 259 9.20 0.59 -14.58
CA THR C 259 9.94 1.13 -13.44
C THR C 259 9.16 2.18 -12.66
N LEU C 260 9.05 1.97 -11.35
CA LEU C 260 8.33 2.87 -10.47
C LEU C 260 9.30 3.71 -9.64
N THR C 261 8.87 4.92 -9.29
CA THR C 261 9.68 5.81 -8.46
C THR C 261 9.03 5.97 -7.10
N PRO C 262 9.69 5.44 -6.06
CA PRO C 262 9.20 5.35 -4.68
C PRO C 262 8.54 6.63 -4.16
N GLY C 263 7.31 6.52 -3.69
CA GLY C 263 6.60 7.64 -3.08
C GLY C 263 5.76 8.43 -4.06
N LYS C 264 6.29 8.63 -5.28
CA LYS C 264 5.60 9.39 -6.29
C LYS C 264 4.36 8.64 -6.82
N ARG C 265 3.45 9.38 -7.45
CA ARG C 265 2.22 8.79 -7.96
C ARG C 265 2.23 8.79 -9.48
N HIS C 266 1.90 7.65 -10.07
CA HIS C 266 2.01 7.45 -11.51
C HIS C 266 0.65 7.30 -12.18
N ARG C 267 0.54 7.78 -13.41
CA ARG C 267 -0.63 7.50 -14.22
C ARG C 267 -0.32 6.35 -15.18
N LEU C 268 -1.23 5.38 -15.24
CA LEU C 268 -1.06 4.24 -16.11
C LEU C 268 -2.27 4.14 -17.04
N ARG C 269 -1.99 4.05 -18.34
CA ARG C 269 -3.03 4.05 -19.35
C ARG C 269 -3.20 2.64 -19.91
N ILE C 270 -4.03 1.85 -19.24
CA ILE C 270 -4.24 0.47 -19.67
C ILE C 270 -5.27 0.38 -20.81
N ILE C 271 -4.94 -0.40 -21.83
CA ILE C 271 -5.79 -0.57 -23.00
C ILE C 271 -5.98 -2.05 -23.33
N ASN C 272 -7.18 -2.40 -23.78
CA ASN C 272 -7.44 -3.76 -24.25
C ASN C 272 -7.73 -3.72 -25.75
N THR C 273 -6.72 -4.02 -26.55
CA THR C 273 -6.83 -3.95 -28.01
C THR C 273 -6.94 -5.35 -28.58
N SER C 274 -7.69 -6.20 -27.89
CA SER C 274 -7.82 -7.60 -28.25
C SER C 274 -8.79 -7.83 -29.41
N THR C 275 -8.80 -9.06 -29.91
CA THR C 275 -9.87 -9.48 -30.81
C THR C 275 -11.00 -10.21 -30.05
N ASP C 276 -10.69 -10.76 -28.88
CA ASP C 276 -11.62 -11.61 -28.14
C ASP C 276 -11.54 -11.55 -26.61
N ASN C 277 -10.35 -11.78 -26.05
CA ASN C 277 -10.16 -11.89 -24.60
C ASN C 277 -10.63 -10.67 -23.82
N HIS C 278 -11.33 -10.91 -22.71
CA HIS C 278 -11.70 -9.86 -21.77
C HIS C 278 -10.83 -10.00 -20.52
N PHE C 279 -10.02 -8.98 -20.24
CA PHE C 279 -8.94 -9.12 -19.26
C PHE C 279 -9.30 -8.60 -17.87
N GLN C 280 -8.87 -9.34 -16.85
CA GLN C 280 -8.90 -8.82 -15.48
C GLN C 280 -7.47 -8.49 -15.11
N VAL C 281 -7.24 -7.27 -14.67
CA VAL C 281 -5.89 -6.84 -14.31
C VAL C 281 -5.80 -6.51 -12.82
N SER C 282 -4.61 -6.69 -12.25
CA SER C 282 -4.38 -6.47 -10.84
C SER C 282 -2.90 -6.39 -10.55
N LEU C 283 -2.50 -5.45 -9.69
CA LEU C 283 -1.10 -5.25 -9.31
C LEU C 283 -0.88 -5.74 -7.88
N VAL C 284 -0.06 -6.79 -7.75
CA VAL C 284 0.18 -7.43 -6.45
C VAL C 284 0.89 -6.51 -5.47
N GLY C 285 0.20 -6.18 -4.37
CA GLY C 285 0.75 -5.32 -3.35
C GLY C 285 0.29 -3.88 -3.44
N HIS C 286 -0.38 -3.54 -4.54
CA HIS C 286 -0.80 -2.17 -4.78
C HIS C 286 -2.26 -2.14 -5.23
N ASN C 287 -2.89 -0.99 -5.05
CA ASN C 287 -4.21 -0.76 -5.61
C ASN C 287 -4.09 0.22 -6.73
N MET C 288 -5.12 0.29 -7.56
CA MET C 288 -5.12 1.17 -8.72
C MET C 288 -6.32 2.08 -8.64
N THR C 289 -6.09 3.39 -8.73
CA THR C 289 -7.17 4.36 -8.65
C THR C 289 -7.58 4.84 -10.03
N VAL C 290 -8.86 4.69 -10.39
CA VAL C 290 -9.33 5.04 -11.71
C VAL C 290 -9.69 6.52 -11.79
N ILE C 291 -9.37 7.15 -12.92
CA ILE C 291 -9.65 8.58 -13.09
C ILE C 291 -10.11 8.85 -14.52
N ALA C 292 -10.39 7.80 -15.27
CA ALA C 292 -10.91 7.95 -16.62
C ALA C 292 -11.18 6.59 -17.29
N THR C 293 -12.44 6.36 -17.66
CA THR C 293 -12.79 5.22 -18.48
C THR C 293 -12.93 5.69 -19.91
N ASP C 294 -12.25 5.03 -20.83
CA ASP C 294 -12.31 5.42 -22.24
C ASP C 294 -11.90 6.89 -22.30
N MET C 295 -12.56 7.70 -23.14
CA MET C 295 -12.13 9.09 -23.27
C MET C 295 -12.87 10.04 -22.31
N VAL C 296 -13.34 9.49 -21.20
CA VAL C 296 -14.17 10.24 -20.25
C VAL C 296 -13.64 10.16 -18.83
N PRO C 297 -12.97 11.23 -18.36
CA PRO C 297 -12.46 11.24 -16.99
C PRO C 297 -13.59 11.09 -15.98
N VAL C 298 -13.36 10.26 -14.97
CA VAL C 298 -14.38 10.02 -13.94
C VAL C 298 -13.83 10.36 -12.56
N ASN C 299 -14.71 10.54 -11.59
CA ASN C 299 -14.32 10.80 -10.22
C ASN C 299 -13.49 9.63 -9.69
N ALA C 300 -12.37 9.95 -9.04
CA ALA C 300 -11.48 8.95 -8.45
C ALA C 300 -12.20 7.81 -7.72
N PHE C 301 -11.92 6.59 -8.16
CA PHE C 301 -12.49 5.40 -7.56
C PHE C 301 -11.43 4.32 -7.51
N THR C 302 -11.14 3.82 -6.31
CA THR C 302 -10.04 2.88 -6.12
C THR C 302 -10.50 1.42 -6.12
N VAL C 303 -9.70 0.56 -6.72
CA VAL C 303 -10.00 -0.86 -6.74
C VAL C 303 -8.74 -1.65 -6.50
N SER C 304 -8.88 -2.96 -6.29
CA SER C 304 -7.73 -3.85 -6.26
C SER C 304 -7.62 -4.73 -7.52
N SER C 305 -8.73 -4.92 -8.21
CA SER C 305 -8.72 -5.55 -9.54
C SER C 305 -9.64 -4.80 -10.54
N LEU C 306 -9.32 -4.86 -11.82
CA LEU C 306 -10.09 -4.14 -12.85
C LEU C 306 -10.41 -4.99 -14.09
N PHE C 307 -11.68 -5.02 -14.46
CA PHE C 307 -12.11 -5.74 -15.66
C PHE C 307 -12.11 -4.83 -16.89
N LEU C 308 -11.37 -5.25 -17.92
CA LEU C 308 -11.32 -4.55 -19.20
C LEU C 308 -11.98 -5.38 -20.30
N ALA C 309 -13.07 -4.87 -20.86
CA ALA C 309 -13.68 -5.48 -22.06
C ALA C 309 -12.85 -5.12 -23.29
N VAL C 310 -13.03 -5.85 -24.38
CA VAL C 310 -12.26 -5.58 -25.60
C VAL C 310 -12.53 -4.16 -26.12
N GLY C 311 -11.47 -3.34 -26.15
CA GLY C 311 -11.58 -1.96 -26.63
C GLY C 311 -11.64 -0.94 -25.52
N GLN C 312 -12.11 -1.36 -24.35
CA GLN C 312 -12.16 -0.45 -23.20
C GLN C 312 -10.75 -0.04 -22.81
N ARG C 313 -10.61 1.18 -22.29
CA ARG C 313 -9.35 1.59 -21.67
C ARG C 313 -9.60 2.28 -20.33
N TYR C 314 -8.59 2.24 -19.46
CA TYR C 314 -8.70 2.86 -18.13
C TYR C 314 -7.44 3.61 -17.78
N ASP C 315 -7.59 4.85 -17.32
CA ASP C 315 -6.45 5.59 -16.79
C ASP C 315 -6.45 5.50 -15.27
N VAL C 316 -5.54 4.68 -14.74
CA VAL C 316 -5.45 4.50 -13.29
C VAL C 316 -4.19 5.19 -12.74
N THR C 317 -4.25 5.59 -11.47
CA THR C 317 -3.05 6.06 -10.79
C THR C 317 -2.53 5.01 -9.82
N ILE C 318 -1.24 5.09 -9.53
CA ILE C 318 -0.58 4.14 -8.67
C ILE C 318 0.48 4.84 -7.79
N ASP C 319 0.20 4.89 -6.49
CA ASP C 319 1.13 5.42 -5.51
C ASP C 319 2.14 4.36 -5.15
N ALA C 320 3.42 4.69 -5.29
CA ALA C 320 4.50 3.77 -4.90
C ALA C 320 4.84 3.93 -3.41
N ASN C 321 3.94 3.40 -2.57
CA ASN C 321 4.11 3.48 -1.11
C ASN C 321 4.46 2.13 -0.50
N SER C 322 5.06 1.24 -1.29
CA SER C 322 5.43 -0.09 -0.80
C SER C 322 6.94 -0.33 -0.89
N PRO C 323 7.41 -1.41 -0.22
CA PRO C 323 8.84 -1.76 -0.18
C PRO C 323 9.49 -1.76 -1.56
N VAL C 324 10.78 -1.44 -1.62
CA VAL C 324 11.49 -1.39 -2.89
C VAL C 324 11.80 -2.80 -3.38
N GLY C 325 10.83 -3.38 -4.08
CA GLY C 325 10.98 -4.73 -4.61
C GLY C 325 10.32 -4.89 -5.96
N ASN C 326 10.11 -6.13 -6.36
CA ASN C 326 9.56 -6.46 -7.68
C ASN C 326 8.17 -7.10 -7.59
N TYR C 327 7.19 -6.52 -8.27
CA TYR C 327 5.80 -6.95 -8.15
C TYR C 327 5.19 -7.44 -9.48
N TRP C 328 4.28 -8.40 -9.38
CA TRP C 328 3.59 -8.91 -10.56
C TRP C 328 2.49 -7.96 -11.03
N PHE C 329 2.33 -7.86 -12.35
CA PHE C 329 1.12 -7.30 -12.92
C PHE C 329 0.44 -8.43 -13.66
N ASN C 330 -0.70 -8.87 -13.12
CA ASN C 330 -1.31 -10.11 -13.56
C ASN C 330 -2.50 -9.99 -14.48
N VAL C 331 -2.54 -10.87 -15.48
CA VAL C 331 -3.71 -11.07 -16.33
C VAL C 331 -4.41 -12.37 -15.96
N THR C 332 -5.57 -12.23 -15.30
CA THR C 332 -6.42 -13.37 -14.96
C THR C 332 -7.77 -13.27 -15.65
N PHE C 333 -8.51 -14.39 -15.61
CA PHE C 333 -9.77 -14.51 -16.32
C PHE C 333 -10.91 -14.96 -15.40
N GLY C 334 -12.07 -14.35 -15.58
CA GLY C 334 -13.25 -14.80 -14.86
C GLY C 334 -13.86 -15.96 -15.62
N ASP C 335 -15.15 -15.83 -15.90
CA ASP C 335 -15.86 -16.88 -16.62
C ASP C 335 -15.19 -17.13 -17.96
N GLY C 336 -15.26 -18.38 -18.42
CA GLY C 336 -14.68 -18.75 -19.70
C GLY C 336 -15.46 -18.31 -20.92
N LEU C 337 -16.61 -17.67 -20.73
CA LEU C 337 -17.40 -17.26 -21.90
C LEU C 337 -16.94 -15.94 -22.49
N CYS C 338 -15.96 -15.29 -21.86
CA CYS C 338 -15.39 -14.05 -22.37
C CYS C 338 -13.88 -14.09 -22.45
N GLY C 339 -13.34 -15.28 -22.63
CA GLY C 339 -11.92 -15.39 -22.93
C GLY C 339 -11.10 -16.20 -21.96
N SER C 340 -10.04 -16.78 -22.50
CA SER C 340 -9.08 -17.53 -21.71
C SER C 340 -7.82 -17.64 -22.55
N SER C 341 -6.74 -18.16 -21.96
CA SER C 341 -5.45 -18.24 -22.63
C SER C 341 -4.74 -19.53 -22.29
N ASN C 342 -3.88 -19.98 -23.19
CA ASN C 342 -3.06 -21.15 -22.94
C ASN C 342 -1.83 -20.83 -22.11
N ASN C 343 -1.60 -19.54 -21.88
CA ASN C 343 -0.61 -19.10 -20.93
C ASN C 343 -1.37 -18.84 -19.66
N LYS C 344 -1.12 -19.63 -18.64
CA LYS C 344 -1.99 -19.65 -17.47
C LYS C 344 -1.65 -18.61 -16.41
N PHE C 345 -0.64 -17.80 -16.67
CA PHE C 345 -0.24 -16.75 -15.74
C PHE C 345 0.46 -15.62 -16.48
N PRO C 346 -0.29 -14.90 -17.34
CA PRO C 346 0.36 -13.82 -18.06
C PRO C 346 0.65 -12.69 -17.11
N ALA C 347 1.77 -12.01 -17.30
CA ALA C 347 2.17 -10.96 -16.38
C ALA C 347 3.30 -10.10 -16.91
N ALA C 348 3.41 -8.90 -16.35
CA ALA C 348 4.58 -8.05 -16.52
C ALA C 348 5.26 -7.86 -15.17
N ILE C 349 6.24 -6.98 -15.11
CA ILE C 349 6.95 -6.73 -13.87
C ILE C 349 7.08 -5.24 -13.57
N PHE C 350 6.53 -4.83 -12.43
CA PHE C 350 6.70 -3.46 -11.96
C PHE C 350 7.88 -3.37 -10.99
N ARG C 351 8.88 -2.59 -11.38
CA ARG C 351 10.13 -2.54 -10.65
C ARG C 351 10.25 -1.21 -9.92
N TYR C 352 10.71 -1.26 -8.69
CA TYR C 352 11.06 -0.03 -7.98
C TYR C 352 12.48 0.41 -8.31
N GLN C 353 12.63 1.71 -8.52
CA GLN C 353 13.95 2.31 -8.67
C GLN C 353 14.79 1.91 -7.45
N GLY C 354 15.78 1.04 -7.67
CA GLY C 354 16.63 0.58 -6.58
C GLY C 354 16.37 -0.86 -6.22
N ALA C 355 15.57 -1.53 -7.05
CA ALA C 355 15.31 -2.96 -6.85
C ALA C 355 16.20 -3.79 -7.78
N PRO C 356 16.36 -5.09 -7.46
CA PRO C 356 17.21 -6.00 -8.23
C PRO C 356 16.55 -6.46 -9.53
N ALA C 357 17.33 -7.07 -10.42
CA ALA C 357 16.80 -7.54 -11.71
C ALA C 357 16.16 -8.93 -11.62
N THR C 358 15.78 -9.33 -10.41
CA THR C 358 15.14 -10.61 -10.16
C THR C 358 13.63 -10.57 -10.42
N LEU C 359 12.98 -11.70 -10.24
CA LEU C 359 11.54 -11.81 -10.45
C LEU C 359 10.77 -11.62 -9.15
N PRO C 360 9.54 -11.07 -9.23
CA PRO C 360 8.69 -10.91 -8.06
C PRO C 360 8.55 -12.23 -7.33
N THR C 361 8.68 -12.20 -6.02
CA THR C 361 8.69 -13.42 -5.24
C THR C 361 7.30 -13.71 -4.70
N ASP C 362 6.46 -12.68 -4.69
CA ASP C 362 5.12 -12.79 -4.14
C ASP C 362 4.07 -12.96 -5.23
N GLN C 363 3.29 -14.03 -5.13
CA GLN C 363 2.35 -14.41 -6.18
C GLN C 363 0.99 -13.71 -6.05
N GLY C 364 0.84 -12.89 -5.02
CA GLY C 364 -0.38 -12.14 -4.80
C GLY C 364 -1.55 -13.01 -4.37
N LEU C 365 -2.70 -12.39 -4.14
CA LEU C 365 -3.90 -13.12 -3.75
C LEU C 365 -4.75 -13.50 -4.95
N PRO C 366 -5.64 -14.48 -4.76
CA PRO C 366 -6.53 -14.87 -5.85
C PRO C 366 -7.46 -13.73 -6.23
N VAL C 367 -7.56 -13.45 -7.53
CA VAL C 367 -8.37 -12.35 -8.02
C VAL C 367 -9.84 -12.77 -8.18
N PRO C 368 -10.77 -11.96 -7.68
CA PRO C 368 -12.21 -12.25 -7.80
C PRO C 368 -12.63 -12.43 -9.26
N ASN C 369 -13.84 -12.93 -9.46
CA ASN C 369 -14.33 -13.23 -10.79
C ASN C 369 -15.34 -12.15 -11.21
N HIS C 370 -14.87 -11.21 -12.02
CA HIS C 370 -15.69 -10.07 -12.40
C HIS C 370 -16.88 -10.46 -13.25
N MET C 371 -16.99 -11.75 -13.53
CA MET C 371 -18.16 -12.35 -14.21
C MET C 371 -18.45 -11.74 -15.59
N CYS C 372 -17.41 -11.49 -16.39
CA CYS C 372 -17.57 -10.96 -17.74
C CYS C 372 -18.41 -9.67 -17.73
N LEU C 373 -18.26 -8.88 -16.67
CA LEU C 373 -18.98 -7.63 -16.55
C LEU C 373 -18.00 -6.51 -16.21
N ASP C 374 -18.11 -5.38 -16.93
CA ASP C 374 -17.41 -4.17 -16.52
C ASP C 374 -18.16 -3.45 -15.41
N ASN C 375 -17.45 -2.62 -14.64
CA ASN C 375 -18.04 -1.93 -13.50
C ASN C 375 -18.77 -0.64 -13.90
N LEU C 376 -19.96 -0.43 -13.32
CA LEU C 376 -20.81 0.72 -13.66
C LEU C 376 -20.90 1.79 -12.57
N ASN C 377 -20.20 1.60 -11.47
CA ASN C 377 -20.23 2.57 -10.38
C ASN C 377 -19.07 3.58 -10.51
N LEU C 378 -19.09 4.33 -11.61
CA LEU C 378 -18.10 5.37 -11.81
C LEU C 378 -18.81 6.67 -12.19
N THR C 379 -18.34 7.79 -11.64
CA THR C 379 -19.04 9.06 -11.78
C THR C 379 -18.28 10.02 -12.70
N PRO C 380 -18.89 10.38 -13.83
CA PRO C 380 -18.27 11.31 -14.77
C PRO C 380 -18.11 12.71 -14.17
N VAL C 381 -17.00 13.38 -14.47
CA VAL C 381 -16.76 14.73 -13.98
C VAL C 381 -17.68 15.74 -14.66
N VAL C 382 -17.72 15.68 -15.99
CA VAL C 382 -18.61 16.51 -16.79
C VAL C 382 -19.93 15.75 -16.89
N THR C 383 -20.94 16.22 -16.15
CA THR C 383 -22.15 15.42 -15.96
C THR C 383 -23.10 15.47 -17.16
N ARG C 384 -23.96 14.47 -17.24
CA ARG C 384 -25.08 14.48 -18.16
C ARG C 384 -26.35 14.03 -17.44
N SER C 385 -27.49 14.28 -18.07
CA SER C 385 -28.76 13.91 -17.48
C SER C 385 -29.70 13.53 -18.60
N ALA C 386 -30.45 12.45 -18.41
CA ALA C 386 -31.45 12.05 -19.38
C ALA C 386 -32.64 11.39 -18.71
N PRO C 387 -33.85 11.76 -19.16
CA PRO C 387 -35.09 11.16 -18.67
C PRO C 387 -35.14 9.66 -18.90
N VAL C 388 -34.94 8.86 -17.85
CA VAL C 388 -35.08 7.41 -17.96
C VAL C 388 -36.43 6.98 -17.39
N ASN C 389 -36.99 7.82 -16.52
CA ASN C 389 -38.25 7.53 -15.85
C ASN C 389 -39.41 7.33 -16.82
N ASN C 390 -39.16 7.58 -18.10
CA ASN C 390 -40.21 7.66 -19.10
C ASN C 390 -40.12 6.60 -20.20
N PHE C 391 -39.23 5.64 -20.00
CA PHE C 391 -38.93 4.67 -21.04
C PHE C 391 -40.04 3.64 -21.26
N VAL C 392 -40.46 3.50 -22.51
CA VAL C 392 -41.35 2.41 -22.89
C VAL C 392 -40.69 1.59 -23.98
N LYS C 393 -40.73 0.27 -23.83
CA LYS C 393 -40.12 -0.62 -24.81
C LYS C 393 -41.00 -0.79 -26.04
N ARG C 394 -40.39 -0.71 -27.22
CA ARG C 394 -41.13 -0.83 -28.47
C ARG C 394 -40.20 -1.08 -29.64
N PRO C 395 -40.71 -1.71 -30.71
CA PRO C 395 -39.90 -2.17 -31.83
C PRO C 395 -38.95 -1.13 -32.40
N SER C 396 -39.23 0.15 -32.18
CA SER C 396 -38.42 1.23 -32.76
C SER C 396 -37.16 1.56 -31.93
N ASN C 397 -37.15 1.14 -30.67
CA ASN C 397 -36.01 1.38 -29.79
C ASN C 397 -35.45 0.08 -29.18
N THR C 398 -35.77 -1.05 -29.82
CA THR C 398 -35.33 -2.36 -29.36
C THR C 398 -34.49 -3.05 -30.40
N LEU C 399 -33.33 -3.54 -29.98
CA LEU C 399 -32.37 -4.18 -30.86
C LEU C 399 -32.07 -5.60 -30.39
N GLY C 400 -32.66 -6.57 -31.08
CA GLY C 400 -32.63 -7.94 -30.60
C GLY C 400 -31.53 -8.78 -31.19
N VAL C 401 -30.41 -8.89 -30.47
CA VAL C 401 -29.28 -9.72 -30.86
C VAL C 401 -29.60 -11.21 -30.81
N THR C 402 -29.37 -11.91 -31.92
CA THR C 402 -29.62 -13.35 -31.98
C THR C 402 -28.47 -14.09 -32.64
N LEU C 403 -28.30 -15.35 -32.24
CA LEU C 403 -27.38 -16.26 -32.88
C LEU C 403 -28.23 -17.23 -33.70
N ASP C 404 -27.88 -17.36 -34.97
CA ASP C 404 -28.61 -18.23 -35.88
C ASP C 404 -27.73 -19.45 -36.13
N ILE C 405 -28.14 -20.59 -35.58
CA ILE C 405 -27.42 -21.84 -35.80
C ILE C 405 -28.09 -22.65 -36.90
N GLY C 406 -27.68 -22.39 -38.13
CA GLY C 406 -28.25 -23.06 -39.29
C GLY C 406 -27.18 -23.70 -40.13
N GLY C 407 -26.72 -22.98 -41.14
CA GLY C 407 -25.69 -23.52 -42.01
C GLY C 407 -25.04 -22.47 -42.90
N THR C 408 -23.83 -22.80 -43.34
CA THR C 408 -23.07 -21.93 -44.23
C THR C 408 -23.28 -20.45 -43.89
N PRO C 409 -22.55 -19.96 -42.88
CA PRO C 409 -21.75 -20.81 -42.00
C PRO C 409 -22.64 -21.31 -40.88
N LEU C 410 -22.07 -22.04 -39.92
CA LEU C 410 -22.84 -22.58 -38.81
C LEU C 410 -23.23 -21.52 -37.79
N PHE C 411 -22.31 -20.61 -37.51
CA PHE C 411 -22.55 -19.57 -36.54
C PHE C 411 -22.65 -18.18 -37.17
N VAL C 412 -23.88 -17.66 -37.24
CA VAL C 412 -24.17 -16.35 -37.79
C VAL C 412 -24.84 -15.42 -36.75
N TRP C 413 -24.29 -14.23 -36.54
CA TRP C 413 -24.91 -13.28 -35.61
C TRP C 413 -25.80 -12.27 -36.32
N LYS C 414 -26.93 -11.98 -35.71
CA LYS C 414 -27.92 -11.10 -36.29
C LYS C 414 -28.36 -10.06 -35.28
N VAL C 415 -28.90 -8.95 -35.79
CA VAL C 415 -29.57 -7.96 -34.95
C VAL C 415 -30.84 -7.51 -35.67
N ASN C 416 -31.98 -7.73 -35.02
CA ASN C 416 -33.29 -7.43 -35.62
C ASN C 416 -33.52 -8.28 -36.87
N GLY C 417 -32.91 -9.48 -36.88
CA GLY C 417 -33.17 -10.47 -37.90
C GLY C 417 -32.26 -10.41 -39.12
N SER C 418 -31.25 -9.54 -39.05
CA SER C 418 -30.38 -9.32 -40.19
C SER C 418 -28.90 -9.33 -39.79
N ALA C 419 -28.13 -10.23 -40.38
CA ALA C 419 -26.68 -10.19 -40.23
C ALA C 419 -26.12 -9.13 -41.17
N ILE C 420 -25.33 -8.23 -40.62
CA ILE C 420 -24.83 -7.11 -41.39
C ILE C 420 -23.82 -7.56 -42.43
N ASN C 421 -23.90 -7.01 -43.63
CA ASN C 421 -22.92 -7.32 -44.67
C ASN C 421 -22.62 -6.12 -45.58
N VAL C 422 -21.68 -5.29 -45.17
CA VAL C 422 -21.39 -4.05 -45.85
C VAL C 422 -20.84 -4.25 -47.27
N ASP C 423 -21.06 -3.27 -48.14
CA ASP C 423 -20.49 -3.30 -49.50
C ASP C 423 -19.21 -2.49 -49.53
N TRP C 424 -18.08 -3.18 -49.55
CA TRP C 424 -16.79 -2.49 -49.55
C TRP C 424 -16.65 -1.51 -50.71
N GLY C 425 -17.45 -1.70 -51.74
CA GLY C 425 -17.33 -0.91 -52.96
C GLY C 425 -18.25 0.29 -53.04
N LYS C 426 -19.38 0.20 -52.35
CA LYS C 426 -20.38 1.27 -52.37
C LYS C 426 -20.83 1.65 -50.96
N PRO C 427 -20.01 2.47 -50.27
CA PRO C 427 -20.25 2.87 -48.87
C PRO C 427 -21.57 3.60 -48.70
N ILE C 428 -22.12 3.57 -47.50
CA ILE C 428 -23.42 4.18 -47.26
C ILE C 428 -23.42 5.69 -47.55
N LEU C 429 -22.28 6.34 -47.33
CA LEU C 429 -22.13 7.77 -47.60
C LEU C 429 -22.20 8.08 -49.09
N ASP C 430 -22.30 7.03 -49.91
CA ASP C 430 -22.54 7.19 -51.34
C ASP C 430 -24.04 7.33 -51.56
N TYR C 431 -24.81 6.49 -50.88
CA TYR C 431 -26.26 6.53 -50.94
C TYR C 431 -26.79 7.89 -50.41
N VAL C 432 -26.04 8.50 -49.49
CA VAL C 432 -26.47 9.73 -48.85
C VAL C 432 -26.12 10.95 -49.69
N MET C 433 -24.92 10.97 -50.24
CA MET C 433 -24.49 12.04 -51.13
C MET C 433 -25.32 12.08 -52.42
N SER C 434 -26.01 10.99 -52.71
CA SER C 434 -27.01 10.97 -53.77
C SER C 434 -28.37 10.86 -53.10
N GLY C 435 -29.46 10.87 -53.87
CA GLY C 435 -30.77 10.80 -53.28
C GLY C 435 -31.16 9.38 -52.90
N ASN C 436 -30.29 8.45 -53.25
CA ASN C 436 -30.58 7.03 -53.10
C ASN C 436 -30.82 6.64 -51.66
N THR C 437 -32.06 6.28 -51.35
CA THR C 437 -32.43 5.84 -50.01
C THR C 437 -32.84 4.38 -50.02
N SER C 438 -32.51 3.66 -51.08
CA SER C 438 -32.84 2.25 -51.15
C SER C 438 -31.73 1.42 -50.53
N TYR C 439 -31.36 1.77 -49.29
CA TYR C 439 -30.27 1.07 -48.62
C TYR C 439 -30.58 -0.43 -48.59
N PRO C 440 -29.61 -1.26 -49.00
CA PRO C 440 -29.81 -2.70 -48.88
C PRO C 440 -30.28 -3.06 -47.46
N VAL C 441 -30.87 -4.24 -47.30
CA VAL C 441 -31.38 -4.67 -46.00
C VAL C 441 -30.22 -5.09 -45.09
N SER C 442 -29.17 -5.64 -45.68
CA SER C 442 -28.06 -6.22 -44.94
C SER C 442 -27.07 -5.18 -44.41
N ASP C 443 -27.31 -3.92 -44.71
CA ASP C 443 -26.53 -2.84 -44.11
C ASP C 443 -27.06 -2.49 -42.71
N ASN C 444 -28.16 -3.11 -42.32
CA ASN C 444 -28.76 -2.91 -40.98
C ASN C 444 -28.81 -1.43 -40.57
N ILE C 445 -29.24 -0.58 -41.49
CA ILE C 445 -29.46 0.85 -41.21
C ILE C 445 -30.60 1.11 -40.23
N VAL C 446 -30.28 1.79 -39.13
CA VAL C 446 -31.28 2.23 -38.16
C VAL C 446 -31.36 3.75 -38.20
N GLN C 447 -32.25 4.27 -39.05
CA GLN C 447 -32.37 5.71 -39.25
C GLN C 447 -32.82 6.47 -38.01
N VAL C 448 -32.16 7.59 -37.74
CA VAL C 448 -32.53 8.45 -36.62
C VAL C 448 -32.66 9.91 -37.08
N ASP C 449 -33.89 10.43 -37.09
CA ASP C 449 -34.17 11.73 -37.67
C ASP C 449 -34.22 12.87 -36.65
N ALA C 450 -34.32 12.51 -35.37
CA ALA C 450 -34.39 13.51 -34.31
C ALA C 450 -33.15 14.41 -34.35
N VAL C 451 -33.35 15.70 -34.08
CA VAL C 451 -32.28 16.70 -34.11
C VAL C 451 -31.84 17.11 -32.70
N ASP C 452 -30.76 16.49 -32.22
CA ASP C 452 -30.17 16.86 -30.93
C ASP C 452 -30.89 16.31 -29.71
N GLN C 453 -31.73 15.30 -29.92
CA GLN C 453 -32.52 14.71 -28.83
C GLN C 453 -31.92 13.40 -28.32
N TRP C 454 -32.05 13.16 -27.02
CA TRP C 454 -31.66 11.87 -26.47
C TRP C 454 -32.44 10.76 -27.18
N THR C 455 -31.74 9.72 -27.59
CA THR C 455 -32.41 8.55 -28.15
C THR C 455 -32.05 7.31 -27.32
N TYR C 456 -33.04 6.47 -27.05
CA TYR C 456 -32.90 5.35 -26.12
C TYR C 456 -32.94 3.99 -26.82
N TRP C 457 -31.95 3.15 -26.52
CA TRP C 457 -31.77 1.84 -27.16
C TRP C 457 -31.63 0.72 -26.14
N LEU C 458 -32.56 -0.22 -26.19
CA LEU C 458 -32.51 -1.41 -25.35
C LEU C 458 -31.91 -2.55 -26.15
N ILE C 459 -30.76 -3.06 -25.72
CA ILE C 459 -30.20 -4.20 -26.42
C ILE C 459 -30.57 -5.49 -25.70
N GLU C 460 -31.17 -6.40 -26.47
CA GLU C 460 -31.54 -7.71 -25.95
C GLU C 460 -30.60 -8.77 -26.48
N ASN C 461 -30.06 -9.58 -25.59
CA ASN C 461 -29.09 -10.59 -25.95
C ASN C 461 -29.75 -11.97 -26.08
N ASP C 462 -30.36 -12.21 -27.24
CA ASP C 462 -30.94 -13.50 -27.58
C ASP C 462 -31.60 -14.20 -26.39
N PRO C 463 -32.70 -13.64 -25.88
CA PRO C 463 -33.35 -14.15 -24.67
C PRO C 463 -34.08 -15.48 -24.86
N THR C 464 -34.58 -15.78 -26.06
CA THR C 464 -35.37 -16.98 -26.30
C THR C 464 -34.50 -18.17 -26.66
N ASN C 465 -33.19 -17.95 -26.66
CA ASN C 465 -32.24 -19.00 -26.96
C ASN C 465 -31.96 -19.80 -25.69
N PRO C 466 -32.39 -21.07 -25.66
CA PRO C 466 -32.20 -21.88 -24.46
C PRO C 466 -30.92 -22.70 -24.55
N ILE C 467 -30.14 -22.51 -25.62
CA ILE C 467 -28.90 -23.28 -25.79
C ILE C 467 -27.61 -22.51 -25.45
N VAL C 468 -27.51 -21.25 -25.89
CA VAL C 468 -26.32 -20.45 -25.60
C VAL C 468 -26.59 -18.96 -25.62
N SER C 469 -25.86 -18.22 -24.78
CA SER C 469 -25.94 -16.76 -24.71
C SER C 469 -24.62 -16.20 -24.18
N LEU C 470 -23.85 -15.58 -25.06
CA LEU C 470 -22.51 -15.10 -24.70
C LEU C 470 -22.55 -13.63 -24.30
N PRO C 471 -21.50 -13.16 -23.60
CA PRO C 471 -21.31 -11.73 -23.31
C PRO C 471 -20.75 -11.00 -24.52
N HIS C 472 -21.28 -9.81 -24.82
CA HIS C 472 -20.84 -9.03 -25.97
C HIS C 472 -20.39 -7.62 -25.55
N PRO C 473 -19.14 -7.25 -25.88
CA PRO C 473 -18.64 -5.88 -25.63
C PRO C 473 -19.20 -4.93 -26.67
N MET C 474 -20.16 -4.11 -26.31
CA MET C 474 -20.81 -3.27 -27.31
C MET C 474 -20.14 -1.90 -27.49
N HIS C 475 -19.79 -1.57 -28.73
CA HIS C 475 -19.10 -0.32 -29.07
C HIS C 475 -19.90 0.60 -30.01
N LEU C 476 -19.93 1.89 -29.68
CA LEU C 476 -20.60 2.90 -30.51
C LEU C 476 -19.61 3.83 -31.22
N HIS C 477 -19.76 3.95 -32.52
CA HIS C 477 -18.99 4.93 -33.27
C HIS C 477 -19.61 6.32 -33.14
N GLY C 478 -18.77 7.34 -33.02
CA GLY C 478 -19.21 8.71 -33.14
C GLY C 478 -19.63 9.35 -31.85
N HIS C 479 -19.99 8.51 -30.88
CA HIS C 479 -20.52 8.99 -29.60
C HIS C 479 -19.94 8.26 -28.41
N ASP C 480 -20.04 8.88 -27.24
CA ASP C 480 -20.04 8.16 -26.00
C ASP C 480 -21.52 8.00 -25.66
N PHE C 481 -21.89 6.84 -25.12
CA PHE C 481 -23.27 6.63 -24.69
C PHE C 481 -23.37 6.69 -23.18
N LEU C 482 -24.59 6.86 -22.68
CA LEU C 482 -24.85 6.78 -21.25
C LEU C 482 -25.39 5.39 -21.00
N VAL C 483 -24.98 4.77 -19.90
CA VAL C 483 -25.41 3.43 -19.57
C VAL C 483 -26.56 3.50 -18.57
N LEU C 484 -27.78 3.55 -19.09
CA LEU C 484 -28.95 3.68 -18.24
C LEU C 484 -29.14 2.48 -17.31
N GLY C 485 -28.78 1.29 -17.79
CA GLY C 485 -28.88 0.11 -16.96
C GLY C 485 -28.61 -1.20 -17.71
N ARG C 486 -28.67 -2.30 -16.96
CA ARG C 486 -28.44 -3.63 -17.51
C ARG C 486 -28.94 -4.70 -16.52
N SER C 487 -29.29 -5.88 -17.05
CA SER C 487 -29.90 -6.92 -16.21
C SER C 487 -29.06 -7.28 -14.98
N PRO C 488 -29.73 -7.67 -13.87
CA PRO C 488 -29.02 -8.11 -12.67
C PRO C 488 -27.80 -8.98 -12.98
N ASP C 489 -26.69 -8.74 -12.29
CA ASP C 489 -25.45 -9.49 -12.51
C ASP C 489 -25.63 -10.99 -12.35
N GLU C 490 -25.06 -11.75 -13.28
CA GLU C 490 -25.13 -13.21 -13.20
C GLU C 490 -23.82 -13.82 -13.68
N LEU C 491 -23.51 -15.02 -13.20
CA LEU C 491 -22.38 -15.77 -13.71
C LEU C 491 -22.76 -16.35 -15.07
N PRO C 492 -22.11 -15.88 -16.15
CA PRO C 492 -22.55 -16.16 -17.52
C PRO C 492 -22.79 -17.64 -17.81
N SER C 493 -21.91 -18.51 -17.33
CA SER C 493 -21.98 -19.93 -17.68
C SER C 493 -22.99 -20.67 -16.81
N ALA C 494 -23.71 -19.90 -16.00
CA ALA C 494 -24.81 -20.42 -15.17
C ALA C 494 -26.16 -20.27 -15.88
N GLY C 495 -26.17 -19.58 -17.03
CA GLY C 495 -27.32 -19.54 -17.91
C GLY C 495 -28.58 -18.94 -17.34
N VAL C 496 -28.44 -17.96 -16.46
CA VAL C 496 -29.59 -17.26 -15.92
C VAL C 496 -29.97 -16.12 -16.84
N ARG C 497 -31.13 -16.23 -17.46
CA ARG C 497 -31.57 -15.24 -18.43
C ARG C 497 -32.39 -14.16 -17.76
N HIS C 498 -32.31 -12.92 -18.24
CA HIS C 498 -33.20 -11.86 -17.77
C HIS C 498 -33.83 -11.13 -18.95
N ILE C 499 -35.16 -11.01 -18.93
CA ILE C 499 -35.87 -10.26 -19.97
C ILE C 499 -36.48 -8.96 -19.40
N PHE C 500 -36.18 -7.84 -20.05
CA PHE C 500 -36.65 -6.53 -19.58
C PHE C 500 -38.07 -6.62 -19.05
N ASP C 501 -38.21 -6.20 -17.79
CA ASP C 501 -39.51 -6.10 -17.15
C ASP C 501 -39.60 -4.72 -16.52
N PRO C 502 -40.51 -3.90 -17.02
CA PRO C 502 -40.53 -2.51 -16.57
C PRO C 502 -40.74 -2.47 -15.06
N ALA C 503 -41.66 -3.31 -14.58
CA ALA C 503 -42.03 -3.33 -13.18
C ALA C 503 -40.80 -3.43 -12.27
N LYS C 504 -39.84 -4.25 -12.68
CA LYS C 504 -38.67 -4.49 -11.85
C LYS C 504 -37.51 -3.57 -12.21
N ASP C 505 -37.43 -3.21 -13.48
CA ASP C 505 -36.21 -2.60 -14.02
C ASP C 505 -36.19 -1.06 -14.03
N LEU C 506 -37.30 -0.44 -14.42
CA LEU C 506 -37.38 1.02 -14.39
C LEU C 506 -36.89 1.61 -13.06
N PRO C 507 -37.26 1.00 -11.94
CA PRO C 507 -36.71 1.51 -10.68
C PRO C 507 -35.19 1.43 -10.61
N ARG C 508 -34.59 0.68 -11.53
CA ARG C 508 -33.17 0.42 -11.51
C ARG C 508 -32.35 1.31 -12.48
N LEU C 509 -33.00 1.80 -13.53
CA LEU C 509 -32.33 2.64 -14.53
C LEU C 509 -31.82 3.93 -13.92
N LYS C 510 -30.65 4.38 -14.40
CA LYS C 510 -30.04 5.60 -13.85
C LYS C 510 -29.97 6.71 -14.89
N GLY C 511 -30.53 7.88 -14.55
CA GLY C 511 -30.54 9.00 -15.46
C GLY C 511 -29.63 10.12 -15.02
N ASN C 512 -29.35 10.19 -13.73
CA ASN C 512 -28.56 11.27 -13.17
C ASN C 512 -27.09 10.95 -13.30
N ASN C 513 -26.56 11.20 -14.49
CA ASN C 513 -25.12 11.11 -14.76
C ASN C 513 -24.53 9.70 -14.52
N PRO C 514 -24.95 8.71 -15.34
CA PRO C 514 -24.38 7.37 -15.29
C PRO C 514 -23.01 7.35 -15.99
N VAL C 515 -22.36 6.19 -15.92
CA VAL C 515 -21.13 5.97 -16.65
C VAL C 515 -21.37 6.18 -18.15
N ARG C 516 -20.55 7.01 -18.77
CA ARG C 516 -20.58 7.13 -20.23
C ARG C 516 -19.22 6.89 -20.86
N ARG C 517 -19.21 6.17 -21.98
CA ARG C 517 -17.98 5.67 -22.57
C ARG C 517 -18.32 5.07 -23.93
N ASP C 518 -17.34 4.51 -24.64
CA ASP C 518 -17.62 3.93 -25.97
C ASP C 518 -17.62 2.39 -26.06
N VAL C 519 -17.22 1.72 -24.97
CA VAL C 519 -17.37 0.28 -24.87
C VAL C 519 -17.97 -0.11 -23.52
N THR C 520 -18.91 -1.05 -23.54
CA THR C 520 -19.45 -1.62 -22.31
C THR C 520 -20.04 -2.99 -22.64
N MET C 521 -20.28 -3.79 -21.61
CA MET C 521 -20.73 -5.17 -21.81
C MET C 521 -22.23 -5.31 -21.96
N LEU C 522 -22.64 -5.99 -23.02
CA LEU C 522 -23.97 -6.56 -23.10
C LEU C 522 -23.90 -7.91 -22.37
N PRO C 523 -24.63 -8.05 -21.27
CA PRO C 523 -24.54 -9.25 -20.42
C PRO C 523 -25.06 -10.53 -21.08
N ALA C 524 -24.42 -11.65 -20.76
CA ALA C 524 -24.85 -12.94 -21.27
C ALA C 524 -26.26 -13.26 -20.79
N GLY C 525 -27.16 -13.47 -21.75
CA GLY C 525 -28.53 -13.85 -21.43
C GLY C 525 -29.45 -12.69 -21.07
N GLY C 526 -28.87 -11.51 -20.84
CA GLY C 526 -29.60 -10.36 -20.32
C GLY C 526 -29.88 -9.24 -21.31
N TRP C 527 -29.77 -8.00 -20.85
CA TRP C 527 -30.06 -6.83 -21.68
C TRP C 527 -29.28 -5.57 -21.25
N LEU C 528 -28.97 -4.69 -22.20
CA LEU C 528 -28.31 -3.43 -21.90
C LEU C 528 -29.13 -2.22 -22.36
N LEU C 529 -29.16 -1.17 -21.54
CA LEU C 529 -29.87 0.06 -21.89
C LEU C 529 -28.90 1.22 -21.98
N LEU C 530 -28.85 1.84 -23.16
CA LEU C 530 -27.90 2.92 -23.46
C LEU C 530 -28.64 4.13 -24.01
N ALA C 531 -27.98 5.29 -23.99
CA ALA C 531 -28.58 6.50 -24.50
C ALA C 531 -27.53 7.46 -25.05
N PHE C 532 -27.71 7.85 -26.31
CA PHE C 532 -26.86 8.85 -26.92
C PHE C 532 -27.67 9.98 -27.58
N LYS C 533 -27.12 11.18 -27.54
CA LYS C 533 -27.82 12.33 -28.08
C LYS C 533 -27.43 12.51 -29.54
N THR C 534 -28.40 12.80 -30.40
CA THR C 534 -28.15 12.92 -31.83
C THR C 534 -27.56 14.28 -32.20
N ASP C 535 -26.38 14.56 -31.67
CA ASP C 535 -25.70 15.83 -31.87
C ASP C 535 -24.67 15.78 -33.01
N ASN C 536 -24.69 14.69 -33.78
CA ASN C 536 -23.62 14.44 -34.73
C ASN C 536 -24.04 13.69 -36.00
N PRO C 537 -24.60 14.41 -36.98
CA PRO C 537 -25.03 13.70 -38.20
C PRO C 537 -23.91 12.86 -38.84
N GLY C 538 -24.23 11.60 -39.14
CA GLY C 538 -23.28 10.68 -39.75
C GLY C 538 -23.87 9.29 -39.93
N ALA C 539 -23.02 8.31 -40.21
CA ALA C 539 -23.41 6.90 -40.24
C ALA C 539 -22.45 6.13 -39.35
N TRP C 540 -22.90 5.82 -38.14
CA TRP C 540 -22.03 5.21 -37.14
C TRP C 540 -22.43 3.78 -36.86
N LEU C 541 -21.43 2.91 -36.75
CA LEU C 541 -21.67 1.51 -36.43
C LEU C 541 -21.86 1.33 -34.95
N PHE C 542 -22.78 0.43 -34.61
CA PHE C 542 -22.90 -0.09 -33.27
C PHE C 542 -22.73 -1.61 -33.37
N HIS C 543 -21.74 -2.17 -32.67
CA HIS C 543 -21.45 -3.58 -32.87
C HIS C 543 -20.74 -4.21 -31.69
N CYS C 544 -20.37 -5.48 -31.85
CA CYS C 544 -19.59 -6.21 -30.86
C CYS C 544 -18.13 -6.07 -31.20
N HIS C 545 -17.29 -5.80 -30.20
CA HIS C 545 -15.87 -5.57 -30.48
C HIS C 545 -15.07 -6.88 -30.43
N ILE C 546 -15.79 -8.00 -30.41
CA ILE C 546 -15.20 -9.30 -30.65
C ILE C 546 -15.19 -9.54 -32.15
N ALA C 547 -13.99 -9.55 -32.73
CA ALA C 547 -13.80 -9.69 -34.17
C ALA C 547 -14.63 -10.79 -34.83
N TRP C 548 -14.67 -11.99 -34.23
CA TRP C 548 -15.40 -13.10 -34.84
C TRP C 548 -16.90 -12.84 -34.81
N HIS C 549 -17.33 -11.97 -33.92
CA HIS C 549 -18.76 -11.73 -33.76
C HIS C 549 -19.27 -10.65 -34.73
N VAL C 550 -18.46 -9.60 -34.90
CA VAL C 550 -18.79 -8.57 -35.85
C VAL C 550 -18.58 -9.08 -37.27
N SER C 551 -17.67 -10.04 -37.42
CA SER C 551 -17.46 -10.70 -38.71
C SER C 551 -18.69 -11.49 -39.08
N GLY C 552 -19.24 -12.16 -38.07
CA GLY C 552 -20.39 -13.03 -38.24
C GLY C 552 -21.69 -12.27 -38.21
N GLY C 553 -21.62 -10.95 -38.26
CA GLY C 553 -22.78 -10.13 -38.51
C GLY C 553 -23.37 -9.37 -37.35
N LEU C 554 -22.73 -9.43 -36.19
CA LEU C 554 -23.26 -8.74 -35.02
C LEU C 554 -22.99 -7.24 -35.11
N SER C 555 -23.86 -6.52 -35.80
CA SER C 555 -23.76 -5.08 -35.89
C SER C 555 -24.99 -4.43 -36.51
N VAL C 556 -25.15 -3.15 -36.24
CA VAL C 556 -26.15 -2.32 -36.91
C VAL C 556 -25.48 -1.01 -37.30
N ASP C 557 -26.22 -0.17 -38.01
CA ASP C 557 -25.66 1.09 -38.51
C ASP C 557 -26.70 2.18 -38.35
N PHE C 558 -26.48 3.07 -37.37
CA PHE C 558 -27.30 4.24 -37.15
C PHE C 558 -27.07 5.31 -38.23
N LEU C 559 -28.07 5.60 -39.05
CA LEU C 559 -27.97 6.73 -39.97
C LEU C 559 -28.53 7.94 -39.26
N GLU C 560 -27.67 8.89 -38.92
CA GLU C 560 -28.04 9.97 -38.03
C GLU C 560 -28.29 11.28 -38.77
N ARG C 561 -29.55 11.72 -38.78
CA ARG C 561 -29.93 12.96 -39.46
C ARG C 561 -29.39 12.98 -40.89
N PRO C 562 -30.01 12.19 -41.79
CA PRO C 562 -29.52 11.98 -43.16
C PRO C 562 -29.55 13.23 -44.04
N ASN C 563 -30.57 14.06 -43.82
CA ASN C 563 -30.74 15.32 -44.55
C ASN C 563 -29.74 16.42 -44.14
N ASP C 564 -29.55 16.58 -42.84
CA ASP C 564 -28.52 17.46 -42.30
C ASP C 564 -27.15 16.98 -42.75
N LEU C 565 -26.95 15.67 -42.74
CA LEU C 565 -25.67 15.09 -43.10
C LEU C 565 -25.37 15.25 -44.59
N ARG C 566 -26.36 14.98 -45.43
CA ARG C 566 -26.17 15.07 -46.88
C ARG C 566 -25.72 16.47 -47.28
N THR C 567 -26.31 17.48 -46.67
CA THR C 567 -25.91 18.87 -46.91
C THR C 567 -24.45 19.07 -46.54
N GLN C 568 -24.02 18.44 -45.45
CA GLN C 568 -22.63 18.56 -45.00
C GLN C 568 -21.68 17.88 -45.98
N LEU C 569 -21.88 16.58 -46.17
CA LEU C 569 -21.02 15.81 -47.06
C LEU C 569 -20.92 16.46 -48.43
N ASN C 570 -21.97 17.15 -48.85
CA ASN C 570 -21.99 17.78 -50.17
C ASN C 570 -21.59 19.25 -50.17
N SER C 571 -21.50 19.86 -48.99
CA SER C 571 -21.15 21.27 -48.88
C SER C 571 -19.81 21.56 -49.55
N ASN C 572 -19.54 22.84 -49.81
CA ASN C 572 -18.28 23.24 -50.42
C ASN C 572 -17.13 22.96 -49.48
N ALA C 573 -17.45 22.99 -48.19
CA ALA C 573 -16.45 22.80 -47.14
C ALA C 573 -15.87 21.39 -47.14
N LYS C 574 -16.61 20.43 -47.70
CA LYS C 574 -16.15 19.05 -47.70
C LYS C 574 -15.48 18.58 -48.99
N ARG C 575 -15.52 19.41 -50.03
CA ARG C 575 -14.89 19.08 -51.32
C ARG C 575 -13.63 18.25 -51.15
N ALA C 576 -12.73 18.70 -50.30
CA ALA C 576 -11.50 17.96 -50.00
C ALA C 576 -11.78 16.51 -49.61
N ASP C 577 -12.60 16.32 -48.58
CA ASP C 577 -12.91 14.98 -48.11
C ASP C 577 -13.73 14.17 -49.11
N ARG C 578 -14.79 14.78 -49.63
CA ARG C 578 -15.65 14.10 -50.59
C ARG C 578 -14.87 13.49 -51.75
N ASP C 579 -14.04 14.32 -52.39
CA ASP C 579 -13.28 13.86 -53.55
C ASP C 579 -12.43 12.65 -53.18
N ASP C 580 -11.69 12.78 -52.09
CA ASP C 580 -10.85 11.70 -51.61
C ASP C 580 -11.69 10.45 -51.25
N PHE C 581 -12.96 10.65 -50.92
CA PHE C 581 -13.84 9.51 -50.71
C PHE C 581 -14.02 8.80 -52.04
N ASN C 582 -14.69 9.49 -52.96
CA ASN C 582 -14.86 9.03 -54.36
C ASN C 582 -13.59 8.50 -55.03
N ARG C 583 -12.43 9.06 -54.66
CA ARG C 583 -11.17 8.67 -55.28
C ARG C 583 -10.67 7.28 -54.84
N VAL C 584 -10.70 7.04 -53.53
CA VAL C 584 -10.24 5.77 -53.00
C VAL C 584 -11.20 4.68 -53.42
N CYS C 585 -12.49 5.02 -53.46
CA CYS C 585 -13.52 4.11 -53.95
C CYS C 585 -13.31 3.76 -55.40
N ARG C 586 -12.91 4.76 -56.18
CA ARG C 586 -12.61 4.53 -57.58
C ARG C 586 -11.44 3.56 -57.68
N GLU C 587 -10.34 3.90 -57.02
CA GLU C 587 -9.17 3.01 -56.99
C GLU C 587 -9.50 1.63 -56.47
N TRP C 588 -10.32 1.53 -55.44
CA TRP C 588 -10.61 0.24 -54.84
C TRP C 588 -11.48 -0.63 -55.75
N ASN C 589 -12.41 0.00 -56.45
CA ASN C 589 -13.27 -0.74 -57.36
C ASN C 589 -12.49 -1.27 -58.55
N ALA C 590 -11.36 -0.63 -58.82
CA ALA C 590 -10.47 -1.06 -59.90
C ALA C 590 -9.73 -2.31 -59.47
N TYR C 591 -9.13 -2.26 -58.28
CA TYR C 591 -8.36 -3.37 -57.75
C TYR C 591 -9.20 -4.61 -57.53
N TRP C 592 -10.26 -4.46 -56.75
CA TRP C 592 -11.03 -5.60 -56.26
C TRP C 592 -11.05 -6.81 -57.21
N PRO C 593 -11.50 -6.63 -58.46
CA PRO C 593 -11.59 -7.80 -59.35
C PRO C 593 -10.30 -8.63 -59.41
N THR C 594 -9.15 -7.95 -59.38
CA THR C 594 -7.85 -8.60 -59.49
C THR C 594 -7.40 -9.24 -58.17
N ASN C 595 -8.34 -9.40 -57.23
CA ASN C 595 -8.03 -9.96 -55.93
C ASN C 595 -8.23 -11.48 -55.94
N PRO C 596 -7.23 -12.22 -55.42
CA PRO C 596 -7.23 -13.68 -55.54
C PRO C 596 -8.15 -14.33 -54.51
N PHE C 597 -8.56 -13.56 -53.51
CA PHE C 597 -9.30 -14.11 -52.39
C PHE C 597 -10.71 -13.54 -52.29
N PRO C 598 -11.65 -14.36 -51.78
CA PRO C 598 -13.04 -13.94 -51.62
C PRO C 598 -13.22 -13.17 -50.31
N LYS C 599 -14.26 -12.33 -50.25
CA LYS C 599 -14.71 -11.78 -48.97
C LYS C 599 -15.51 -12.85 -48.23
N ILE C 600 -14.95 -13.37 -47.13
CA ILE C 600 -15.58 -14.48 -46.43
C ILE C 600 -16.52 -14.10 -45.29
N ASP C 601 -16.56 -12.82 -44.91
CA ASP C 601 -17.40 -12.43 -43.78
C ASP C 601 -18.18 -11.15 -44.03
N SER C 602 -18.56 -10.49 -42.96
CA SER C 602 -19.36 -9.28 -43.04
C SER C 602 -18.53 -8.10 -43.56
N GLY C 603 -17.22 -8.23 -43.49
CA GLY C 603 -16.34 -7.19 -44.00
C GLY C 603 -15.90 -6.16 -42.98
N LEU C 604 -16.44 -6.26 -41.77
CA LEU C 604 -16.07 -5.33 -40.70
C LEU C 604 -15.26 -6.03 -39.62
N SER D 41 -22.04 -59.34 16.26
CA SER D 41 -20.62 -59.01 16.28
C SER D 41 -20.33 -57.64 15.65
N GLY D 42 -19.81 -56.72 16.46
CA GLY D 42 -19.37 -55.43 15.97
C GLY D 42 -17.87 -55.40 16.10
N PRO D 43 -17.31 -54.27 16.57
CA PRO D 43 -15.87 -54.14 16.81
C PRO D 43 -15.45 -54.83 18.10
N THR D 44 -14.20 -55.24 18.18
CA THR D 44 -13.61 -55.72 19.42
C THR D 44 -12.28 -54.99 19.73
N CYS D 45 -11.72 -54.34 18.72
CA CYS D 45 -10.50 -53.55 18.93
C CYS D 45 -10.54 -52.20 18.20
N ASN D 46 -11.74 -51.67 18.02
CA ASN D 46 -11.89 -50.37 17.35
C ASN D 46 -12.00 -49.26 18.38
N THR D 47 -10.89 -48.57 18.61
CA THR D 47 -10.83 -47.54 19.63
C THR D 47 -10.35 -46.21 19.04
N PRO D 48 -10.60 -45.11 19.77
CA PRO D 48 -10.20 -43.76 19.35
C PRO D 48 -8.77 -43.69 18.85
N SER D 49 -7.90 -44.51 19.43
CA SER D 49 -6.49 -44.48 19.10
C SER D 49 -6.13 -45.47 18.00
N ASN D 50 -6.91 -46.57 17.92
CA ASN D 50 -6.65 -47.61 16.93
C ASN D 50 -7.87 -47.90 16.05
N ARG D 51 -8.16 -46.99 15.13
CA ARG D 51 -9.32 -47.13 14.25
C ARG D 51 -9.07 -48.15 13.13
N ALA D 52 -7.81 -48.46 12.87
CA ALA D 52 -7.42 -49.40 11.82
C ALA D 52 -7.89 -50.82 12.12
N CYS D 53 -7.85 -51.20 13.39
CA CYS D 53 -8.28 -52.51 13.83
C CYS D 53 -9.78 -52.51 14.11
N TRP D 54 -10.47 -53.55 13.64
CA TRP D 54 -11.92 -53.67 13.76
C TRP D 54 -12.26 -54.80 14.72
N THR D 55 -11.92 -56.02 14.29
CA THR D 55 -11.96 -57.19 15.14
C THR D 55 -10.74 -58.00 14.74
N ASN D 56 -10.33 -58.92 15.61
CA ASN D 56 -9.27 -59.85 15.28
C ASN D 56 -9.55 -60.51 13.93
N GLY D 57 -8.62 -60.35 12.98
CA GLY D 57 -8.77 -60.98 11.69
C GLY D 57 -9.34 -60.05 10.65
N PHE D 58 -9.72 -58.84 11.05
CA PHE D 58 -10.20 -57.83 10.09
C PHE D 58 -9.77 -56.42 10.46
N ASP D 59 -9.28 -55.66 9.48
CA ASP D 59 -8.93 -54.25 9.72
C ASP D 59 -9.02 -53.34 8.49
N ILE D 60 -8.25 -52.26 8.50
CA ILE D 60 -8.26 -51.31 7.40
C ILE D 60 -7.46 -51.83 6.21
N ASN D 61 -6.66 -52.86 6.43
CA ASN D 61 -5.88 -53.47 5.35
C ASN D 61 -6.59 -54.66 4.72
N THR D 62 -7.66 -55.11 5.34
CA THR D 62 -8.35 -56.31 4.87
C THR D 62 -9.02 -56.04 3.52
N ASP D 63 -8.77 -56.90 2.54
CA ASP D 63 -9.42 -56.74 1.23
C ASP D 63 -10.91 -57.05 1.36
N TYR D 64 -11.73 -56.01 1.42
CA TYR D 64 -13.16 -56.19 1.66
C TYR D 64 -13.90 -56.81 0.50
N GLU D 65 -13.28 -56.84 -0.67
CA GLU D 65 -13.90 -57.51 -1.79
C GLU D 65 -13.63 -59.02 -1.81
N VAL D 66 -12.97 -59.52 -0.77
CA VAL D 66 -12.74 -60.97 -0.66
C VAL D 66 -13.18 -61.55 0.68
N SER D 67 -12.64 -61.02 1.78
CA SER D 67 -13.00 -61.53 3.10
C SER D 67 -14.06 -60.64 3.75
N THR D 68 -15.18 -61.25 4.13
CA THR D 68 -16.27 -60.56 4.81
C THR D 68 -16.55 -61.17 6.17
N PRO D 69 -16.58 -60.33 7.23
CA PRO D 69 -16.83 -60.76 8.59
C PRO D 69 -18.15 -61.51 8.71
N ASN D 70 -18.10 -62.79 9.06
CA ASN D 70 -19.34 -63.53 9.30
C ASN D 70 -19.95 -63.22 10.65
N THR D 71 -20.83 -62.23 10.70
CA THR D 71 -21.58 -61.94 11.90
C THR D 71 -22.98 -62.50 11.67
N GLY D 72 -23.48 -63.22 12.67
CA GLY D 72 -24.75 -63.89 12.54
C GLY D 72 -25.90 -62.95 12.82
N ARG D 73 -25.69 -61.68 12.53
CA ARG D 73 -26.68 -60.65 12.78
C ARG D 73 -27.31 -60.20 11.46
N THR D 74 -28.64 -60.06 11.48
CA THR D 74 -29.41 -59.41 10.42
C THR D 74 -30.02 -58.16 11.02
N VAL D 75 -30.15 -57.10 10.22
CA VAL D 75 -30.83 -55.88 10.65
C VAL D 75 -31.98 -55.52 9.71
N ALA D 76 -33.14 -55.18 10.28
CA ALA D 76 -34.32 -54.82 9.51
C ALA D 76 -34.65 -53.34 9.64
N TYR D 77 -35.14 -52.75 8.54
CA TYR D 77 -35.58 -51.36 8.55
C TYR D 77 -36.91 -51.25 7.81
N GLN D 78 -37.74 -50.28 8.19
CA GLN D 78 -38.95 -50.01 7.42
C GLN D 78 -38.98 -48.58 6.91
N LEU D 79 -39.32 -48.43 5.64
CA LEU D 79 -39.38 -47.11 5.01
C LEU D 79 -40.72 -46.93 4.32
N THR D 80 -41.46 -45.90 4.75
CA THR D 80 -42.82 -45.69 4.29
C THR D 80 -42.92 -44.38 3.49
N LEU D 81 -43.33 -44.49 2.22
CA LEU D 81 -43.39 -43.29 1.38
C LEU D 81 -44.79 -42.68 1.33
N THR D 82 -44.91 -41.44 1.79
CA THR D 82 -46.16 -40.69 1.67
C THR D 82 -46.01 -39.53 0.69
N GLU D 83 -47.15 -39.00 0.23
CA GLU D 83 -47.15 -37.90 -0.72
C GLU D 83 -47.94 -36.73 -0.12
N LYS D 84 -47.40 -35.52 -0.26
CA LYS D 84 -48.02 -34.35 0.34
C LYS D 84 -48.08 -33.16 -0.62
N GLU D 85 -49.32 -32.75 -0.93
CA GLU D 85 -49.57 -31.60 -1.81
C GLU D 85 -49.70 -30.33 -1.00
N ASN D 86 -49.30 -29.21 -1.59
CA ASN D 86 -49.42 -27.91 -0.93
C ASN D 86 -48.83 -27.95 0.47
N TRP D 87 -47.54 -28.27 0.55
CA TRP D 87 -46.86 -28.53 1.81
C TRP D 87 -45.82 -27.44 2.06
N ILE D 88 -45.53 -27.18 3.33
CA ILE D 88 -44.56 -26.13 3.70
C ILE D 88 -43.21 -26.74 4.00
N GLY D 89 -42.26 -26.47 3.11
CA GLY D 89 -40.95 -27.10 3.16
C GLY D 89 -39.98 -26.46 4.13
N PRO D 90 -38.75 -27.00 4.19
CA PRO D 90 -37.72 -26.56 5.13
C PRO D 90 -37.60 -25.04 5.27
N ASP D 91 -37.66 -24.31 4.16
CA ASP D 91 -37.43 -22.84 4.23
C ASP D 91 -38.69 -21.99 4.27
N GLY D 92 -39.82 -22.61 4.63
CA GLY D 92 -41.09 -21.91 4.76
C GLY D 92 -41.84 -21.67 3.45
N VAL D 93 -41.23 -22.02 2.33
CA VAL D 93 -41.85 -21.80 1.02
C VAL D 93 -42.73 -22.99 0.61
N LEU D 94 -43.88 -22.66 0.03
CA LEU D 94 -44.88 -23.66 -0.35
C LEU D 94 -44.36 -24.57 -1.45
N LYS D 95 -44.43 -25.87 -1.20
CA LYS D 95 -44.14 -26.90 -2.19
C LYS D 95 -45.44 -27.51 -2.70
N ASN D 96 -45.67 -27.48 -4.01
CA ASN D 96 -46.93 -28.03 -4.54
C ASN D 96 -47.08 -29.54 -4.30
N VAL D 97 -45.95 -30.20 -4.05
CA VAL D 97 -45.92 -31.64 -3.78
C VAL D 97 -44.52 -32.09 -3.35
N VAL D 98 -44.48 -33.05 -2.45
CA VAL D 98 -43.24 -33.69 -2.02
C VAL D 98 -43.56 -35.14 -1.67
N MET D 99 -42.54 -35.99 -1.71
CA MET D 99 -42.72 -37.40 -1.43
C MET D 99 -41.65 -37.81 -0.43
N LEU D 100 -42.10 -38.21 0.75
CA LEU D 100 -41.24 -38.30 1.94
C LEU D 100 -41.01 -39.72 2.40
N VAL D 101 -39.77 -40.00 2.81
CA VAL D 101 -39.43 -41.25 3.47
C VAL D 101 -39.63 -41.13 4.98
N ASN D 102 -40.69 -41.74 5.48
CA ASN D 102 -41.03 -41.71 6.90
C ASN D 102 -41.38 -40.32 7.44
N ASP D 103 -42.22 -39.62 6.70
CA ASP D 103 -42.80 -38.35 7.16
C ASP D 103 -41.81 -37.19 7.33
N LYS D 104 -40.55 -37.41 7.00
CA LYS D 104 -39.57 -36.33 7.06
C LYS D 104 -39.06 -35.98 5.67
N ILE D 105 -38.45 -34.80 5.54
CA ILE D 105 -37.96 -34.36 4.23
C ILE D 105 -36.73 -35.18 3.82
N ILE D 106 -36.24 -35.98 4.76
CA ILE D 106 -35.10 -36.84 4.50
C ILE D 106 -35.29 -38.18 5.20
N GLY D 107 -35.02 -39.26 4.48
CA GLY D 107 -35.17 -40.59 5.05
C GLY D 107 -34.19 -40.87 6.17
N PRO D 108 -34.49 -41.88 6.98
CA PRO D 108 -33.57 -42.28 8.05
C PRO D 108 -32.28 -42.89 7.47
N THR D 109 -31.36 -43.23 8.37
CA THR D 109 -30.10 -43.85 8.00
C THR D 109 -30.22 -45.35 8.14
N ILE D 110 -29.81 -46.06 7.11
CA ILE D 110 -29.71 -47.50 7.20
C ILE D 110 -28.37 -47.85 7.80
N ARG D 111 -28.38 -48.20 9.08
CA ARG D 111 -27.16 -48.44 9.83
C ARG D 111 -26.96 -49.92 10.08
N ALA D 112 -25.70 -50.33 10.20
CA ALA D 112 -25.33 -51.74 10.40
C ALA D 112 -23.81 -51.84 10.42
N ASN D 113 -23.29 -52.98 10.85
CA ASN D 113 -21.84 -53.21 10.84
C ASN D 113 -21.39 -54.01 9.63
N TRP D 114 -20.16 -53.76 9.19
CA TRP D 114 -19.51 -54.54 8.15
C TRP D 114 -19.78 -56.04 8.39
N GLY D 115 -20.55 -56.66 7.49
CA GLY D 115 -20.84 -58.09 7.58
C GLY D 115 -22.30 -58.44 7.83
N ASP D 116 -23.00 -57.58 8.55
CA ASP D 116 -24.39 -57.83 8.89
C ASP D 116 -25.23 -57.93 7.64
N ASN D 117 -26.32 -58.68 7.74
CA ASN D 117 -27.31 -58.80 6.69
C ASN D 117 -28.43 -57.80 6.96
N ILE D 118 -29.08 -57.36 5.89
CA ILE D 118 -29.98 -56.22 5.95
C ILE D 118 -31.24 -56.50 5.16
N GLU D 119 -32.39 -56.19 5.77
CA GLU D 119 -33.67 -56.30 5.09
C GLU D 119 -34.42 -55.01 5.28
N VAL D 120 -34.68 -54.30 4.17
CA VAL D 120 -35.38 -53.03 4.22
C VAL D 120 -36.72 -53.09 3.50
N THR D 121 -37.78 -52.82 4.24
CA THR D 121 -39.13 -52.89 3.70
C THR D 121 -39.57 -51.51 3.24
N VAL D 122 -39.73 -51.39 1.93
CA VAL D 122 -40.20 -50.14 1.35
C VAL D 122 -41.69 -50.27 1.09
N ILE D 123 -42.46 -49.42 1.75
CA ILE D 123 -43.91 -49.39 1.60
C ILE D 123 -44.31 -48.15 0.80
N ASN D 124 -44.82 -48.36 -0.41
CA ASN D 124 -45.13 -47.27 -1.32
C ASN D 124 -46.58 -46.81 -1.21
N ASN D 125 -46.81 -45.84 -0.34
CA ASN D 125 -48.15 -45.30 -0.14
C ASN D 125 -48.36 -44.02 -0.94
N LEU D 126 -47.60 -43.86 -2.01
CA LEU D 126 -47.74 -42.69 -2.86
C LEU D 126 -49.06 -42.79 -3.62
N LYS D 127 -49.54 -41.65 -4.11
CA LYS D 127 -50.85 -41.59 -4.73
C LYS D 127 -50.91 -42.24 -6.11
N THR D 128 -49.85 -42.05 -6.88
CA THR D 128 -49.87 -42.46 -8.27
C THR D 128 -48.55 -43.05 -8.73
N ASN D 129 -47.46 -42.63 -8.09
CA ASN D 129 -46.13 -43.02 -8.55
C ASN D 129 -45.67 -44.41 -8.12
N GLY D 130 -45.04 -45.14 -9.05
CA GLY D 130 -44.34 -46.36 -8.70
C GLY D 130 -43.06 -45.96 -8.01
N THR D 131 -42.22 -46.92 -7.66
CA THR D 131 -40.94 -46.59 -7.04
C THR D 131 -39.91 -47.73 -7.11
N SER D 132 -38.64 -47.35 -7.18
CA SER D 132 -37.54 -48.29 -7.16
C SER D 132 -36.53 -47.77 -6.15
N MET D 133 -36.31 -48.54 -5.08
CA MET D 133 -35.33 -48.13 -4.07
C MET D 133 -33.94 -48.66 -4.42
N HIS D 134 -33.03 -47.74 -4.74
CA HIS D 134 -31.64 -48.08 -5.07
C HIS D 134 -30.71 -47.82 -3.89
N TRP D 135 -29.86 -48.78 -3.60
CA TRP D 135 -28.86 -48.59 -2.55
C TRP D 135 -27.54 -48.21 -3.21
N HIS D 136 -27.34 -46.90 -3.36
CA HIS D 136 -26.23 -46.35 -4.13
C HIS D 136 -24.87 -46.73 -3.59
N GLY D 137 -24.06 -47.38 -4.42
CA GLY D 137 -22.70 -47.76 -4.05
C GLY D 137 -22.59 -49.19 -3.55
N LEU D 138 -23.73 -49.81 -3.25
CA LEU D 138 -23.69 -51.19 -2.82
C LEU D 138 -23.26 -52.09 -3.97
N ARG D 139 -22.30 -52.97 -3.68
CA ARG D 139 -21.71 -53.86 -4.67
C ARG D 139 -22.70 -54.91 -5.14
N GLN D 140 -23.75 -55.12 -4.35
CA GLN D 140 -24.74 -56.14 -4.66
C GLN D 140 -24.08 -57.36 -5.26
N LEU D 141 -23.07 -57.87 -4.57
CA LEU D 141 -22.31 -59.01 -5.12
C LEU D 141 -23.24 -60.18 -5.28
N GLY D 142 -23.27 -60.74 -6.49
CA GLY D 142 -24.16 -61.84 -6.82
C GLY D 142 -25.57 -61.69 -6.29
N ASN D 143 -26.04 -60.46 -6.11
CA ASN D 143 -27.39 -60.21 -5.57
C ASN D 143 -28.16 -59.17 -6.38
N VAL D 144 -28.19 -59.35 -7.70
CA VAL D 144 -28.73 -58.34 -8.61
C VAL D 144 -30.19 -58.01 -8.34
N PHE D 145 -30.96 -59.01 -7.90
CA PHE D 145 -32.39 -58.87 -7.67
C PHE D 145 -32.76 -57.72 -6.73
N ASN D 146 -31.82 -57.31 -5.89
CA ASN D 146 -32.09 -56.28 -4.88
C ASN D 146 -31.37 -54.97 -5.15
N ASP D 147 -30.77 -54.84 -6.33
CA ASP D 147 -30.08 -53.62 -6.70
C ASP D 147 -31.00 -52.40 -6.61
N GLY D 148 -32.18 -52.52 -7.21
CA GLY D 148 -33.14 -51.44 -7.13
C GLY D 148 -33.16 -50.57 -8.37
N ALA D 149 -33.26 -51.19 -9.54
CA ALA D 149 -33.33 -50.42 -10.77
C ALA D 149 -34.52 -50.87 -11.61
N ASN D 150 -35.56 -50.05 -11.67
CA ASN D 150 -36.76 -50.46 -12.38
C ASN D 150 -36.54 -50.61 -13.87
N GLY D 151 -37.25 -51.58 -14.46
CA GLY D 151 -37.07 -51.95 -15.85
C GLY D 151 -35.74 -52.63 -16.10
N VAL D 152 -34.94 -52.79 -15.05
CA VAL D 152 -33.62 -53.43 -15.20
C VAL D 152 -33.50 -54.66 -14.29
N THR D 153 -33.74 -54.48 -12.99
CA THR D 153 -33.67 -55.58 -12.03
C THR D 153 -34.98 -55.83 -11.30
N GLU D 154 -35.98 -54.98 -11.57
CA GLU D 154 -37.26 -55.07 -10.88
C GLU D 154 -38.37 -54.32 -11.58
N CYS D 155 -39.61 -54.67 -11.27
CA CYS D 155 -40.72 -53.84 -11.67
C CYS D 155 -41.02 -52.93 -10.49
N PRO D 156 -41.39 -51.67 -10.78
CA PRO D 156 -41.80 -50.68 -9.78
C PRO D 156 -42.87 -51.20 -8.81
N ILE D 157 -42.70 -50.86 -7.53
CA ILE D 157 -43.64 -51.20 -6.50
C ILE D 157 -44.87 -50.32 -6.72
N PRO D 158 -46.07 -50.92 -6.72
CA PRO D 158 -47.24 -50.11 -7.09
C PRO D 158 -47.57 -49.09 -6.00
N PRO D 159 -48.35 -48.05 -6.33
CA PRO D 159 -48.73 -47.10 -5.26
C PRO D 159 -49.77 -47.74 -4.35
N LYS D 160 -50.48 -46.90 -3.59
CA LYS D 160 -51.62 -47.38 -2.80
C LYS D 160 -51.25 -48.51 -1.84
N GLY D 161 -50.01 -48.49 -1.37
CA GLY D 161 -49.59 -49.36 -0.30
C GLY D 161 -48.93 -50.66 -0.72
N GLY D 162 -48.55 -50.76 -2.00
CA GLY D 162 -47.79 -51.90 -2.47
C GLY D 162 -46.38 -51.85 -1.90
N ARG D 163 -45.77 -53.01 -1.66
CA ARG D 163 -44.48 -53.06 -0.97
C ARG D 163 -43.48 -54.06 -1.56
N LYS D 164 -42.29 -54.11 -0.95
CA LYS D 164 -41.27 -55.10 -1.25
C LYS D 164 -40.18 -55.03 -0.17
N THR D 165 -39.71 -56.19 0.29
CA THR D 165 -38.62 -56.21 1.24
C THR D 165 -37.28 -56.57 0.59
N TYR D 166 -36.46 -55.55 0.39
CA TYR D 166 -35.12 -55.68 -0.19
C TYR D 166 -34.17 -56.31 0.80
N LYS D 167 -33.51 -57.38 0.36
CA LYS D 167 -32.54 -58.08 1.19
C LYS D 167 -31.16 -58.00 0.55
N PHE D 168 -30.13 -57.75 1.38
CA PHE D 168 -28.77 -57.67 0.88
C PHE D 168 -27.73 -57.66 2.02
N ARG D 169 -26.48 -57.99 1.69
CA ARG D 169 -25.43 -58.12 2.70
C ARG D 169 -24.41 -56.98 2.61
N ALA D 170 -24.03 -56.42 3.76
CA ALA D 170 -23.03 -55.37 3.80
C ALA D 170 -21.66 -55.96 3.60
N THR D 171 -21.19 -55.98 2.36
CA THR D 171 -19.85 -56.48 2.05
C THR D 171 -18.88 -55.33 1.91
N GLN D 172 -19.31 -54.16 2.36
CA GLN D 172 -18.46 -52.98 2.42
C GLN D 172 -18.69 -52.22 3.71
N TYR D 173 -17.88 -51.18 3.92
CA TYR D 173 -18.07 -50.29 5.06
C TYR D 173 -17.69 -48.87 4.65
N GLY D 174 -18.47 -47.91 5.09
CA GLY D 174 -18.22 -46.52 4.76
C GLY D 174 -19.49 -45.69 4.81
N THR D 175 -19.60 -44.75 3.88
CA THR D 175 -20.75 -43.86 3.84
C THR D 175 -21.40 -43.86 2.46
N SER D 176 -22.69 -44.13 2.39
CA SER D 176 -23.41 -43.91 1.15
C SER D 176 -24.83 -43.41 1.36
N TRP D 177 -25.68 -43.66 0.37
CA TRP D 177 -27.06 -43.20 0.42
C TRP D 177 -27.98 -44.10 -0.41
N TYR D 178 -29.28 -43.95 -0.21
CA TYR D 178 -30.25 -44.65 -1.03
C TYR D 178 -31.22 -43.65 -1.65
N HIS D 179 -31.86 -44.05 -2.74
CA HIS D 179 -32.73 -43.14 -3.47
C HIS D 179 -33.52 -43.83 -4.57
N SER D 180 -34.68 -43.27 -4.90
CA SER D 180 -35.53 -43.84 -5.95
C SER D 180 -34.82 -43.87 -7.29
N HIS D 181 -35.13 -44.88 -8.10
CA HIS D 181 -34.66 -44.90 -9.48
C HIS D 181 -35.84 -44.75 -10.43
N PHE D 182 -36.99 -44.40 -9.88
CA PHE D 182 -38.22 -44.25 -10.66
C PHE D 182 -38.27 -42.85 -11.25
N SER D 183 -37.69 -42.69 -12.43
CA SER D 183 -37.54 -41.35 -13.00
C SER D 183 -36.76 -40.47 -12.03
N ALA D 184 -37.11 -39.19 -11.98
CA ALA D 184 -36.44 -38.22 -11.14
C ALA D 184 -37.11 -38.12 -9.78
N GLN D 185 -37.71 -39.23 -9.33
CA GLN D 185 -38.57 -39.16 -8.16
C GLN D 185 -37.86 -38.80 -6.85
N TYR D 186 -36.58 -39.12 -6.75
CA TYR D 186 -35.87 -38.86 -5.50
C TYR D 186 -35.73 -37.36 -5.24
N GLY D 187 -35.71 -36.57 -6.31
CA GLY D 187 -35.66 -35.12 -6.18
C GLY D 187 -36.90 -34.58 -5.50
N ASN D 188 -37.84 -35.47 -5.17
CA ASN D 188 -39.11 -35.08 -4.56
C ASN D 188 -39.08 -35.37 -3.06
N GLY D 189 -38.00 -35.98 -2.61
CA GLY D 189 -37.84 -36.29 -1.20
C GLY D 189 -37.60 -37.75 -0.89
N VAL D 190 -37.60 -38.59 -1.93
CA VAL D 190 -37.32 -40.01 -1.76
C VAL D 190 -35.80 -40.23 -1.82
N VAL D 191 -35.14 -39.91 -0.72
CA VAL D 191 -33.69 -40.00 -0.63
C VAL D 191 -33.36 -40.27 0.83
N GLY D 192 -32.15 -40.74 1.10
CA GLY D 192 -31.77 -41.15 2.45
C GLY D 192 -30.36 -41.70 2.46
N THR D 193 -29.88 -42.07 3.64
CA THR D 193 -28.46 -42.35 3.82
C THR D 193 -28.12 -43.80 4.19
N ILE D 194 -26.86 -44.17 4.04
CA ILE D 194 -26.39 -45.47 4.52
C ILE D 194 -25.17 -45.20 5.40
N GLN D 195 -24.93 -46.05 6.39
CA GLN D 195 -23.68 -46.00 7.15
C GLN D 195 -23.35 -47.33 7.76
N ILE D 196 -22.46 -48.06 7.13
CA ILE D 196 -22.00 -49.34 7.64
C ILE D 196 -20.72 -49.10 8.41
N ASP D 197 -20.73 -49.40 9.71
CA ASP D 197 -19.55 -49.16 10.53
C ASP D 197 -18.42 -50.17 10.21
N GLY D 198 -17.19 -49.68 10.21
CA GLY D 198 -16.03 -50.49 9.92
C GLY D 198 -14.80 -49.80 10.50
N PRO D 199 -13.61 -50.19 10.04
CA PRO D 199 -12.34 -49.56 10.42
C PRO D 199 -12.15 -48.20 9.73
N ALA D 200 -11.06 -47.52 10.07
CA ALA D 200 -10.72 -46.25 9.45
C ALA D 200 -9.22 -46.17 9.18
N SER D 201 -8.82 -45.33 8.23
CA SER D 201 -7.42 -45.18 7.90
C SER D 201 -6.73 -44.15 8.80
N LEU D 202 -7.51 -43.43 9.60
CA LEU D 202 -6.97 -42.44 10.54
C LEU D 202 -7.76 -42.40 11.85
N PRO D 203 -7.02 -42.45 12.99
CA PRO D 203 -7.65 -42.39 14.30
C PRO D 203 -8.50 -41.13 14.50
N TYR D 204 -9.42 -41.19 15.45
CA TYR D 204 -10.26 -40.06 15.79
C TYR D 204 -11.07 -40.42 17.02
N ASP D 205 -11.79 -39.45 17.57
CA ASP D 205 -12.46 -39.63 18.85
C ASP D 205 -13.98 -39.65 18.73
N ILE D 206 -14.56 -38.59 18.17
CA ILE D 206 -16.01 -38.52 17.95
C ILE D 206 -16.32 -38.80 16.49
N ASP D 207 -17.48 -39.39 16.21
CA ASP D 207 -17.98 -39.58 14.85
C ASP D 207 -19.30 -38.85 14.70
N LEU D 208 -19.25 -37.64 14.14
CA LEU D 208 -20.44 -36.79 14.06
C LEU D 208 -21.66 -37.46 13.42
N GLY D 209 -21.44 -38.25 12.38
CA GLY D 209 -22.56 -38.91 11.72
C GLY D 209 -22.70 -38.40 10.29
N VAL D 210 -23.65 -38.97 9.57
CA VAL D 210 -23.85 -38.60 8.17
C VAL D 210 -24.26 -37.14 8.07
N PHE D 211 -23.91 -36.53 6.95
CA PHE D 211 -24.13 -35.11 6.74
C PHE D 211 -24.53 -34.91 5.28
N PRO D 212 -25.76 -35.31 4.94
CA PRO D 212 -26.27 -35.24 3.57
C PRO D 212 -26.44 -33.80 3.13
N LEU D 213 -25.79 -33.42 2.03
CA LEU D 213 -26.05 -32.11 1.43
C LEU D 213 -26.80 -32.33 0.12
N MET D 214 -27.87 -31.56 -0.10
CA MET D 214 -28.70 -31.79 -1.28
C MET D 214 -29.35 -30.51 -1.76
N ASP D 215 -29.21 -30.24 -3.04
CA ASP D 215 -29.83 -29.06 -3.63
C ASP D 215 -31.34 -29.14 -3.44
N TYR D 216 -32.00 -27.97 -3.46
CA TYR D 216 -33.42 -27.88 -3.14
C TYR D 216 -34.13 -26.94 -4.12
N TYR D 217 -35.18 -27.44 -4.78
CA TYR D 217 -35.98 -26.63 -5.68
C TYR D 217 -37.43 -26.55 -5.20
N TYR D 218 -38.04 -25.39 -5.36
CA TYR D 218 -39.46 -25.24 -5.07
C TYR D 218 -40.30 -25.95 -6.13
N ARG D 219 -39.79 -26.05 -7.36
CA ARG D 219 -40.49 -26.78 -8.41
C ARG D 219 -40.35 -28.28 -8.19
N SER D 220 -41.30 -29.04 -8.73
CA SER D 220 -41.36 -30.46 -8.45
C SER D 220 -40.47 -31.22 -9.42
N ALA D 221 -40.17 -32.48 -9.09
CA ALA D 221 -39.26 -33.25 -9.90
C ALA D 221 -39.80 -33.45 -11.31
N ASP D 222 -41.13 -33.52 -11.44
CA ASP D 222 -41.74 -33.73 -12.75
C ASP D 222 -41.80 -32.45 -13.57
N GLU D 223 -41.87 -31.31 -12.89
CA GLU D 223 -41.86 -30.02 -13.55
C GLU D 223 -40.45 -29.71 -14.01
N LEU D 224 -39.47 -30.08 -13.19
CA LEU D 224 -38.07 -29.91 -13.57
C LEU D 224 -37.63 -30.87 -14.69
N VAL D 225 -38.25 -32.06 -14.75
CA VAL D 225 -37.95 -32.96 -15.86
C VAL D 225 -38.51 -32.35 -17.13
N HIS D 226 -39.71 -31.79 -17.03
CA HIS D 226 -40.38 -31.15 -18.16
C HIS D 226 -39.72 -29.83 -18.52
N PHE D 227 -39.18 -29.14 -17.52
CA PHE D 227 -38.53 -27.86 -17.77
C PHE D 227 -37.27 -28.05 -18.60
N THR D 228 -36.45 -29.02 -18.20
CA THR D 228 -35.14 -29.21 -18.80
C THR D 228 -35.19 -29.95 -20.13
N GLN D 229 -36.36 -30.46 -20.51
CA GLN D 229 -36.56 -31.10 -21.81
C GLN D 229 -36.49 -30.10 -22.96
N SER D 230 -36.44 -28.82 -22.63
CA SER D 230 -36.20 -27.79 -23.62
C SER D 230 -35.53 -26.54 -23.02
N ASN D 231 -35.11 -26.63 -21.75
CA ASN D 231 -34.29 -25.58 -21.15
C ASN D 231 -33.04 -26.12 -20.47
N GLY D 232 -32.03 -25.29 -20.40
CA GLY D 232 -30.83 -25.62 -19.67
C GLY D 232 -31.15 -25.85 -18.19
N ALA D 233 -30.25 -26.52 -17.49
CA ALA D 233 -30.45 -26.82 -16.08
C ALA D 233 -30.53 -25.53 -15.27
N PRO D 234 -31.56 -25.44 -14.41
CA PRO D 234 -31.81 -24.27 -13.55
C PRO D 234 -30.94 -24.31 -12.31
N PRO D 235 -30.73 -23.17 -11.63
CA PRO D 235 -29.97 -23.23 -10.38
C PRO D 235 -30.87 -23.85 -9.33
N SER D 236 -30.37 -24.16 -8.14
CA SER D 236 -31.24 -24.66 -7.08
C SER D 236 -31.86 -23.49 -6.36
N ASP D 237 -33.02 -23.70 -5.76
CA ASP D 237 -33.66 -22.62 -5.02
C ASP D 237 -33.04 -22.48 -3.64
N ASN D 238 -32.37 -23.54 -3.19
CA ASN D 238 -31.72 -23.57 -1.88
C ASN D 238 -30.90 -24.85 -1.74
N VAL D 239 -30.05 -24.91 -0.73
CA VAL D 239 -29.30 -26.12 -0.38
C VAL D 239 -29.76 -26.62 0.99
N LEU D 240 -30.00 -27.92 1.12
CA LEU D 240 -30.39 -28.50 2.40
C LEU D 240 -29.14 -28.91 3.18
N PHE D 241 -29.21 -28.83 4.50
CA PHE D 241 -28.11 -29.27 5.35
C PHE D 241 -28.60 -30.33 6.33
N ASN D 242 -28.32 -31.59 6.01
CA ASN D 242 -28.77 -32.71 6.81
C ASN D 242 -30.27 -32.60 7.10
N GLY D 243 -31.03 -32.28 6.06
CA GLY D 243 -32.49 -32.27 6.13
C GLY D 243 -33.05 -30.98 6.69
N THR D 244 -32.35 -29.88 6.48
CA THR D 244 -32.81 -28.57 6.92
C THR D 244 -32.44 -27.48 5.93
N ALA D 245 -33.19 -26.39 5.96
CA ALA D 245 -32.93 -25.27 5.07
C ALA D 245 -33.32 -23.94 5.72
N ARG D 246 -32.62 -22.88 5.32
CA ARG D 246 -32.92 -21.54 5.77
C ARG D 246 -33.07 -20.58 4.59
N HIS D 247 -34.17 -19.83 4.56
CA HIS D 247 -34.45 -18.94 3.44
C HIS D 247 -33.56 -17.69 3.46
N PRO D 248 -32.98 -17.34 2.29
CA PRO D 248 -32.13 -16.14 2.12
C PRO D 248 -32.86 -14.85 2.48
N GLU D 249 -34.10 -14.71 2.01
CA GLU D 249 -34.85 -13.48 2.19
C GLU D 249 -35.58 -13.39 3.53
N THR D 250 -36.59 -14.22 3.72
CA THR D 250 -37.39 -14.15 4.94
C THR D 250 -36.55 -14.51 6.16
N GLY D 251 -35.33 -14.98 5.94
CA GLY D 251 -34.49 -15.45 7.02
C GLY D 251 -35.18 -16.55 7.79
N ALA D 252 -36.24 -17.11 7.20
CA ALA D 252 -37.00 -18.19 7.83
C ALA D 252 -36.20 -19.48 7.82
N GLY D 253 -36.84 -20.59 8.14
CA GLY D 253 -36.11 -21.85 8.29
C GLY D 253 -35.19 -21.76 9.49
N GLN D 254 -34.02 -22.36 9.38
CA GLN D 254 -33.08 -22.40 10.50
C GLN D 254 -31.69 -22.86 10.07
N TRP D 255 -30.67 -22.40 10.79
CA TRP D 255 -29.32 -22.87 10.55
C TRP D 255 -29.14 -24.23 11.20
N TYR D 256 -28.45 -25.13 10.52
CA TYR D 256 -28.13 -26.42 11.09
C TYR D 256 -26.82 -26.37 11.90
N ASN D 257 -26.88 -26.82 13.15
CA ASN D 257 -25.73 -26.79 14.05
C ASN D 257 -24.97 -28.13 14.13
N VAL D 258 -23.64 -28.03 14.12
CA VAL D 258 -22.77 -29.16 14.40
C VAL D 258 -21.83 -28.74 15.54
N THR D 259 -21.73 -29.57 16.58
CA THR D 259 -20.92 -29.22 17.75
C THR D 259 -19.55 -29.90 17.76
N LEU D 260 -18.52 -29.13 18.11
CA LEU D 260 -17.16 -29.64 18.15
C LEU D 260 -16.71 -29.70 19.60
N THR D 261 -15.89 -30.71 19.91
CA THR D 261 -15.32 -30.83 21.24
C THR D 261 -13.84 -30.50 21.21
N PRO D 262 -13.51 -29.31 21.73
CA PRO D 262 -12.18 -28.71 21.69
C PRO D 262 -11.06 -29.74 21.74
N GLY D 263 -10.24 -29.76 20.68
CA GLY D 263 -9.10 -30.67 20.62
C GLY D 263 -9.40 -32.01 20.00
N LYS D 264 -10.48 -32.65 20.45
CA LYS D 264 -10.87 -33.96 19.93
C LYS D 264 -11.04 -33.96 18.41
N ARG D 265 -10.58 -35.03 17.78
CA ARG D 265 -10.72 -35.19 16.35
C ARG D 265 -12.07 -35.82 16.01
N HIS D 266 -12.78 -35.23 15.06
CA HIS D 266 -14.11 -35.68 14.66
C HIS D 266 -14.09 -36.28 13.25
N ARG D 267 -15.08 -37.13 12.96
CA ARG D 267 -15.24 -37.70 11.63
C ARG D 267 -16.56 -37.24 11.02
N LEU D 268 -16.48 -36.67 9.82
CA LEU D 268 -17.66 -36.17 9.15
C LEU D 268 -17.92 -36.94 7.85
N ARG D 269 -19.17 -37.37 7.67
CA ARG D 269 -19.58 -38.15 6.50
C ARG D 269 -20.43 -37.30 5.57
N ILE D 270 -19.77 -36.66 4.60
CA ILE D 270 -20.44 -35.74 3.69
C ILE D 270 -20.97 -36.45 2.41
N ILE D 271 -22.27 -36.36 2.19
CA ILE D 271 -22.91 -36.92 1.00
C ILE D 271 -23.54 -35.82 0.16
N ASN D 272 -23.33 -35.88 -1.15
CA ASN D 272 -24.06 -35.02 -2.08
C ASN D 272 -25.17 -35.81 -2.76
N THR D 273 -26.39 -35.69 -2.23
CA THR D 273 -27.52 -36.42 -2.76
C THR D 273 -28.33 -35.56 -3.72
N SER D 274 -27.66 -34.66 -4.42
CA SER D 274 -28.38 -33.70 -5.26
C SER D 274 -28.99 -34.35 -6.48
N THR D 275 -29.73 -33.55 -7.25
CA THR D 275 -30.20 -33.95 -8.58
C THR D 275 -29.37 -33.26 -9.66
N ASP D 276 -28.69 -32.17 -9.30
CA ASP D 276 -27.89 -31.41 -10.27
C ASP D 276 -26.60 -30.81 -9.69
N ASN D 277 -26.73 -30.01 -8.64
CA ASN D 277 -25.59 -29.24 -8.11
C ASN D 277 -24.42 -30.09 -7.68
N HIS D 278 -23.22 -29.66 -8.06
CA HIS D 278 -21.97 -30.23 -7.57
C HIS D 278 -21.38 -29.26 -6.59
N PHE D 279 -21.23 -29.67 -5.33
CA PHE D 279 -20.88 -28.74 -4.27
C PHE D 279 -19.38 -28.63 -4.00
N GLN D 280 -18.92 -27.40 -3.82
CA GLN D 280 -17.66 -27.11 -3.18
C GLN D 280 -17.99 -26.81 -1.71
N VAL D 281 -17.43 -27.60 -0.81
CA VAL D 281 -17.63 -27.35 0.62
C VAL D 281 -16.31 -26.97 1.27
N SER D 282 -16.39 -26.20 2.35
CA SER D 282 -15.21 -25.81 3.12
C SER D 282 -15.66 -25.36 4.51
N LEU D 283 -14.75 -25.41 5.47
CA LEU D 283 -15.04 -24.98 6.84
C LEU D 283 -14.11 -23.83 7.24
N VAL D 284 -14.71 -22.68 7.57
CA VAL D 284 -13.92 -21.51 7.94
C VAL D 284 -13.10 -21.76 9.21
N GLY D 285 -11.78 -21.65 9.08
CA GLY D 285 -10.88 -21.77 10.20
C GLY D 285 -10.28 -23.16 10.35
N HIS D 286 -10.72 -24.08 9.50
CA HIS D 286 -10.27 -25.46 9.61
C HIS D 286 -9.99 -26.10 8.26
N ASN D 287 -9.05 -27.06 8.27
CA ASN D 287 -8.87 -27.96 7.14
C ASN D 287 -9.61 -29.28 7.41
N MET D 288 -9.68 -30.12 6.39
CA MET D 288 -10.44 -31.36 6.44
C MET D 288 -9.62 -32.52 5.86
N THR D 289 -9.34 -33.53 6.68
CA THR D 289 -8.53 -34.65 6.22
C THR D 289 -9.38 -35.78 5.64
N VAL D 290 -9.24 -36.02 4.35
CA VAL D 290 -9.95 -37.10 3.68
C VAL D 290 -9.37 -38.44 4.11
N ILE D 291 -10.24 -39.41 4.35
CA ILE D 291 -9.80 -40.77 4.70
C ILE D 291 -10.71 -41.81 4.06
N ALA D 292 -11.61 -41.33 3.20
CA ALA D 292 -12.49 -42.22 2.47
C ALA D 292 -13.14 -41.49 1.28
N THR D 293 -13.08 -42.10 0.11
CA THR D 293 -13.78 -41.60 -1.07
C THR D 293 -14.85 -42.63 -1.45
N ASP D 294 -16.12 -42.26 -1.37
CA ASP D 294 -17.18 -43.23 -1.60
C ASP D 294 -17.03 -44.39 -0.61
N MET D 295 -17.16 -45.63 -1.08
CA MET D 295 -17.08 -46.81 -0.21
C MET D 295 -15.66 -47.33 -0.07
N VAL D 296 -14.70 -46.48 -0.40
CA VAL D 296 -13.30 -46.87 -0.41
C VAL D 296 -12.50 -46.00 0.57
N PRO D 297 -11.97 -46.64 1.61
CA PRO D 297 -11.00 -45.98 2.50
C PRO D 297 -9.75 -45.59 1.72
N VAL D 298 -9.21 -44.41 2.01
CA VAL D 298 -8.00 -43.93 1.31
C VAL D 298 -7.02 -43.32 2.31
N ASN D 299 -5.76 -43.20 1.89
CA ASN D 299 -4.72 -42.63 2.76
C ASN D 299 -4.96 -41.17 3.08
N ALA D 300 -4.84 -40.84 4.37
CA ALA D 300 -5.15 -39.50 4.85
C ALA D 300 -4.61 -38.40 3.93
N PHE D 301 -5.51 -37.63 3.34
CA PHE D 301 -5.14 -36.52 2.49
C PHE D 301 -5.93 -35.30 2.94
N THR D 302 -5.21 -34.29 3.42
CA THR D 302 -5.84 -33.09 3.94
C THR D 302 -6.10 -32.10 2.83
N VAL D 303 -7.21 -31.38 2.96
CA VAL D 303 -7.56 -30.34 1.99
C VAL D 303 -8.06 -29.15 2.76
N SER D 304 -8.29 -28.05 2.04
CA SER D 304 -8.90 -26.87 2.63
C SER D 304 -10.32 -26.71 2.07
N SER D 305 -10.51 -27.12 0.82
CA SER D 305 -11.85 -27.15 0.22
C SER D 305 -12.01 -28.46 -0.55
N LEU D 306 -13.23 -28.99 -0.59
CA LEU D 306 -13.45 -30.25 -1.31
C LEU D 306 -14.66 -30.26 -2.26
N PHE D 307 -14.44 -30.77 -3.46
CA PHE D 307 -15.45 -30.81 -4.52
C PHE D 307 -16.24 -32.11 -4.50
N LEU D 308 -17.56 -31.97 -4.44
CA LEU D 308 -18.43 -33.14 -4.37
C LEU D 308 -19.32 -33.23 -5.60
N ALA D 309 -19.07 -34.24 -6.43
CA ALA D 309 -19.91 -34.50 -7.58
C ALA D 309 -21.20 -35.14 -7.09
N VAL D 310 -22.22 -35.16 -7.95
CA VAL D 310 -23.51 -35.73 -7.59
C VAL D 310 -23.32 -37.21 -7.31
N GLY D 311 -23.72 -37.65 -6.13
CA GLY D 311 -23.61 -39.06 -5.77
C GLY D 311 -22.36 -39.41 -4.99
N GLN D 312 -21.35 -38.53 -5.06
CA GLN D 312 -20.10 -38.78 -4.35
C GLN D 312 -20.26 -38.52 -2.87
N ARG D 313 -19.52 -39.28 -2.06
CA ARG D 313 -19.32 -38.89 -0.68
C ARG D 313 -17.88 -39.03 -0.25
N TYR D 314 -17.53 -38.30 0.80
CA TYR D 314 -16.18 -38.31 1.33
C TYR D 314 -16.27 -38.39 2.84
N ASP D 315 -15.30 -39.05 3.46
CA ASP D 315 -15.22 -39.10 4.91
C ASP D 315 -14.00 -38.32 5.38
N VAL D 316 -14.22 -37.14 5.94
CA VAL D 316 -13.12 -36.29 6.37
C VAL D 316 -12.93 -36.36 7.88
N THR D 317 -11.71 -36.13 8.33
CA THR D 317 -11.48 -35.88 9.75
C THR D 317 -11.28 -34.38 10.01
N ILE D 318 -11.79 -33.92 11.14
CA ILE D 318 -11.68 -32.53 11.54
C ILE D 318 -11.11 -32.38 12.97
N ASP D 319 -9.89 -31.85 13.07
CA ASP D 319 -9.28 -31.55 14.35
C ASP D 319 -9.73 -30.17 14.83
N ALA D 320 -10.38 -30.12 15.99
CA ALA D 320 -10.94 -28.87 16.51
C ALA D 320 -9.92 -28.07 17.32
N ASN D 321 -8.79 -27.72 16.70
CA ASN D 321 -7.69 -27.03 17.37
C ASN D 321 -7.80 -25.52 17.24
N SER D 322 -9.03 -25.02 17.19
CA SER D 322 -9.33 -23.60 17.02
C SER D 322 -9.93 -22.98 18.29
N PRO D 323 -10.03 -21.64 18.32
CA PRO D 323 -10.70 -20.90 19.39
C PRO D 323 -12.18 -21.24 19.56
N VAL D 324 -12.65 -21.26 20.82
CA VAL D 324 -14.03 -21.62 21.09
C VAL D 324 -14.97 -20.53 20.58
N GLY D 325 -15.37 -20.70 19.33
CA GLY D 325 -16.18 -19.70 18.67
C GLY D 325 -17.12 -20.38 17.71
N ASN D 326 -17.44 -19.69 16.63
CA ASN D 326 -18.36 -20.22 15.64
C ASN D 326 -17.87 -20.04 14.20
N TYR D 327 -18.04 -21.11 13.42
CA TYR D 327 -17.40 -21.19 12.10
C TYR D 327 -18.35 -21.63 10.99
N TRP D 328 -18.40 -20.83 9.93
CA TRP D 328 -19.28 -21.12 8.80
C TRP D 328 -18.87 -22.41 8.11
N PHE D 329 -19.86 -23.25 7.80
CA PHE D 329 -19.60 -24.36 6.89
C PHE D 329 -20.21 -24.01 5.55
N ASN D 330 -19.39 -23.46 4.66
CA ASN D 330 -19.86 -22.83 3.44
C ASN D 330 -20.10 -23.76 2.26
N VAL D 331 -21.17 -23.48 1.52
CA VAL D 331 -21.37 -24.09 0.22
C VAL D 331 -21.12 -23.06 -0.86
N THR D 332 -20.18 -23.36 -1.76
CA THR D 332 -19.82 -22.44 -2.84
C THR D 332 -19.79 -23.19 -4.17
N PHE D 333 -19.74 -22.45 -5.29
CA PHE D 333 -19.76 -23.08 -6.62
C PHE D 333 -18.63 -22.64 -7.55
N GLY D 334 -18.18 -23.56 -8.39
CA GLY D 334 -17.18 -23.21 -9.40
C GLY D 334 -17.81 -22.75 -10.69
N ASP D 335 -17.48 -23.42 -11.78
CA ASP D 335 -18.12 -23.15 -13.06
C ASP D 335 -19.60 -23.52 -13.02
N GLY D 336 -20.45 -22.59 -13.46
CA GLY D 336 -21.90 -22.76 -13.43
C GLY D 336 -22.43 -23.86 -14.32
N LEU D 337 -21.53 -24.55 -15.03
CA LEU D 337 -21.93 -25.68 -15.86
C LEU D 337 -22.17 -26.94 -15.02
N CYS D 338 -21.78 -26.88 -13.76
CA CYS D 338 -22.07 -27.97 -12.83
C CYS D 338 -22.80 -27.48 -11.58
N GLY D 339 -23.61 -26.44 -11.76
CA GLY D 339 -24.51 -25.97 -10.71
C GLY D 339 -24.33 -24.54 -10.21
N SER D 340 -25.39 -24.04 -9.60
CA SER D 340 -25.38 -22.77 -8.87
C SER D 340 -26.68 -22.75 -8.06
N SER D 341 -26.83 -21.76 -7.18
CA SER D 341 -28.07 -21.66 -6.40
C SER D 341 -28.53 -20.23 -6.25
N ASN D 342 -29.84 -20.05 -6.16
CA ASN D 342 -30.44 -18.74 -5.95
C ASN D 342 -30.15 -18.26 -4.55
N ASN D 343 -29.65 -19.20 -3.74
CA ASN D 343 -29.13 -18.87 -2.42
C ASN D 343 -27.64 -18.69 -2.59
N LYS D 344 -27.17 -17.45 -2.44
CA LYS D 344 -25.78 -17.15 -2.78
C LYS D 344 -24.81 -17.46 -1.65
N PHE D 345 -25.35 -17.67 -0.45
CA PHE D 345 -24.53 -18.10 0.67
C PHE D 345 -25.23 -19.16 1.53
N PRO D 346 -25.25 -20.41 1.06
CA PRO D 346 -25.78 -21.54 1.86
C PRO D 346 -24.69 -22.05 2.78
N ALA D 347 -25.05 -22.35 4.03
CA ALA D 347 -24.08 -22.79 5.02
C ALA D 347 -24.76 -23.38 6.24
N ALA D 348 -23.96 -24.01 7.08
CA ALA D 348 -24.41 -24.49 8.38
C ALA D 348 -23.46 -23.90 9.43
N ILE D 349 -23.75 -24.14 10.71
CA ILE D 349 -22.95 -23.57 11.79
C ILE D 349 -22.26 -24.65 12.63
N PHE D 350 -20.92 -24.68 12.57
CA PHE D 350 -20.13 -25.55 13.44
C PHE D 350 -19.68 -24.80 14.68
N ARG D 351 -20.08 -25.29 15.85
CA ARG D 351 -19.94 -24.56 17.09
C ARG D 351 -19.10 -25.35 18.08
N TYR D 352 -18.16 -24.67 18.73
CA TYR D 352 -17.36 -25.32 19.76
C TYR D 352 -18.20 -25.48 21.02
N GLN D 353 -17.95 -26.54 21.77
CA GLN D 353 -18.64 -26.71 23.04
C GLN D 353 -18.30 -25.54 23.94
N GLY D 354 -19.33 -24.84 24.40
CA GLY D 354 -19.14 -23.71 25.29
C GLY D 354 -19.33 -22.39 24.58
N ALA D 355 -19.27 -22.42 23.25
CA ALA D 355 -19.46 -21.22 22.44
C ALA D 355 -20.90 -20.75 22.56
N PRO D 356 -21.12 -19.43 22.51
CA PRO D 356 -22.47 -18.89 22.68
C PRO D 356 -23.39 -19.27 21.53
N ALA D 357 -24.65 -18.83 21.56
CA ALA D 357 -25.57 -19.10 20.47
C ALA D 357 -25.62 -17.95 19.47
N THR D 358 -24.45 -17.39 19.18
CA THR D 358 -24.32 -16.33 18.15
C THR D 358 -24.05 -16.97 16.79
N LEU D 359 -23.80 -16.12 15.78
CA LEU D 359 -23.42 -16.62 14.47
C LEU D 359 -21.95 -16.39 14.27
N PRO D 360 -21.33 -17.18 13.38
CA PRO D 360 -19.94 -16.90 13.00
C PRO D 360 -19.82 -15.47 12.49
N THR D 361 -18.73 -14.79 12.84
CA THR D 361 -18.52 -13.41 12.42
C THR D 361 -17.45 -13.32 11.33
N ASP D 362 -16.69 -14.39 11.18
CA ASP D 362 -15.67 -14.48 10.13
C ASP D 362 -16.29 -15.14 8.91
N GLN D 363 -16.33 -14.38 7.81
CA GLN D 363 -17.01 -14.84 6.61
C GLN D 363 -16.12 -15.74 5.79
N GLY D 364 -14.91 -16.00 6.30
CA GLY D 364 -13.99 -16.91 5.66
C GLY D 364 -13.32 -16.29 4.44
N LEU D 365 -12.36 -17.01 3.86
CA LEU D 365 -11.64 -16.55 2.69
C LEU D 365 -12.36 -16.92 1.40
N PRO D 366 -11.77 -16.56 0.24
CA PRO D 366 -12.31 -17.00 -1.05
C PRO D 366 -11.93 -18.43 -1.38
N VAL D 367 -12.90 -19.19 -1.88
CA VAL D 367 -12.72 -20.59 -2.22
C VAL D 367 -12.40 -20.74 -3.69
N PRO D 368 -11.27 -21.42 -4.00
CA PRO D 368 -10.77 -21.68 -5.35
C PRO D 368 -11.79 -22.44 -6.19
N ASN D 369 -11.80 -22.16 -7.50
CA ASN D 369 -12.72 -22.80 -8.41
C ASN D 369 -12.21 -24.19 -8.77
N HIS D 370 -12.97 -25.22 -8.39
CA HIS D 370 -12.57 -26.61 -8.61
C HIS D 370 -12.98 -27.07 -10.00
N MET D 371 -13.39 -26.11 -10.82
CA MET D 371 -13.66 -26.32 -12.25
C MET D 371 -14.48 -27.58 -12.58
N CYS D 372 -15.48 -27.87 -11.77
CA CYS D 372 -16.36 -29.00 -12.06
C CYS D 372 -15.55 -30.26 -12.23
N LEU D 373 -14.56 -30.44 -11.36
CA LEU D 373 -13.70 -31.63 -11.40
C LEU D 373 -13.40 -32.13 -10.01
N ASP D 374 -13.56 -33.44 -9.80
CA ASP D 374 -13.16 -34.05 -8.54
C ASP D 374 -11.69 -34.46 -8.59
N ASN D 375 -11.02 -34.35 -7.43
CA ASN D 375 -9.58 -34.56 -7.32
C ASN D 375 -9.23 -36.04 -7.37
N LEU D 376 -8.17 -36.37 -8.09
CA LEU D 376 -7.82 -37.76 -8.34
C LEU D 376 -6.61 -38.26 -7.54
N ASN D 377 -5.87 -37.34 -6.94
CA ASN D 377 -4.66 -37.70 -6.19
C ASN D 377 -4.98 -38.36 -4.85
N LEU D 378 -5.72 -39.46 -4.90
CA LEU D 378 -6.08 -40.19 -3.71
C LEU D 378 -5.64 -41.63 -3.83
N THR D 379 -5.14 -42.18 -2.72
CA THR D 379 -4.55 -43.52 -2.70
C THR D 379 -5.37 -44.45 -1.84
N PRO D 380 -6.04 -45.44 -2.47
CA PRO D 380 -6.83 -46.41 -1.72
C PRO D 380 -5.92 -47.26 -0.81
N VAL D 381 -6.40 -47.60 0.37
CA VAL D 381 -5.61 -48.40 1.31
C VAL D 381 -5.46 -49.86 0.87
N VAL D 382 -6.54 -50.44 0.33
CA VAL D 382 -6.45 -51.73 -0.35
C VAL D 382 -6.11 -51.45 -1.81
N THR D 383 -4.95 -51.93 -2.26
CA THR D 383 -4.42 -51.58 -3.58
C THR D 383 -4.90 -52.46 -4.73
N ARG D 384 -5.05 -51.83 -5.90
CA ARG D 384 -5.43 -52.51 -7.13
C ARG D 384 -4.44 -52.15 -8.23
N SER D 385 -4.50 -52.88 -9.33
CA SER D 385 -3.52 -52.73 -10.39
C SER D 385 -4.03 -53.28 -11.70
N ALA D 386 -4.25 -52.39 -12.67
CA ALA D 386 -4.61 -52.82 -14.01
C ALA D 386 -3.54 -52.37 -15.00
N PRO D 387 -3.36 -53.13 -16.09
CA PRO D 387 -2.45 -52.72 -17.16
C PRO D 387 -3.09 -51.59 -17.94
N VAL D 388 -2.33 -50.54 -18.25
CA VAL D 388 -2.86 -49.39 -18.97
C VAL D 388 -1.97 -49.08 -20.17
N ASN D 389 -0.81 -49.72 -20.18
CA ASN D 389 0.22 -49.44 -21.18
C ASN D 389 -0.15 -50.02 -22.55
N ASN D 390 -1.27 -50.74 -22.57
CA ASN D 390 -1.69 -51.51 -23.74
C ASN D 390 -3.01 -51.03 -24.33
N PHE D 391 -3.58 -49.98 -23.75
CA PHE D 391 -4.90 -49.51 -24.16
C PHE D 391 -4.96 -48.98 -25.60
N VAL D 392 -5.87 -49.54 -26.38
CA VAL D 392 -6.08 -49.13 -27.76
C VAL D 392 -7.57 -48.87 -28.03
N LYS D 393 -7.90 -47.60 -28.22
CA LYS D 393 -9.25 -47.18 -28.55
C LYS D 393 -9.87 -47.93 -29.73
N ARG D 394 -11.11 -48.38 -29.56
CA ARG D 394 -11.87 -48.99 -30.65
C ARG D 394 -13.37 -49.03 -30.30
N PRO D 395 -14.22 -49.26 -31.32
CA PRO D 395 -15.68 -49.27 -31.13
C PRO D 395 -16.16 -50.06 -29.91
N SER D 396 -15.65 -51.28 -29.72
CA SER D 396 -16.16 -52.19 -28.69
C SER D 396 -15.84 -51.81 -27.24
N ASN D 397 -14.97 -50.82 -27.05
CA ASN D 397 -14.70 -50.29 -25.71
C ASN D 397 -14.89 -48.77 -25.57
N THR D 398 -15.64 -48.16 -26.49
CA THR D 398 -15.80 -46.71 -26.50
C THR D 398 -17.26 -46.34 -26.45
N LEU D 399 -17.62 -45.51 -25.47
CA LEU D 399 -18.99 -45.05 -25.33
C LEU D 399 -19.07 -43.55 -25.64
N GLY D 400 -19.82 -43.23 -26.69
CA GLY D 400 -19.94 -41.86 -27.17
C GLY D 400 -21.16 -41.18 -26.61
N VAL D 401 -20.94 -40.15 -25.81
CA VAL D 401 -22.02 -39.38 -25.22
C VAL D 401 -22.39 -38.25 -26.17
N THR D 402 -23.68 -38.10 -26.42
CA THR D 402 -24.13 -37.05 -27.32
C THR D 402 -25.41 -36.36 -26.83
N LEU D 403 -25.59 -35.10 -27.23
CA LEU D 403 -26.85 -34.40 -27.03
C LEU D 403 -27.49 -34.15 -28.38
N ASP D 404 -28.61 -34.82 -28.63
CA ASP D 404 -29.40 -34.57 -29.84
C ASP D 404 -30.33 -33.37 -29.63
N ILE D 405 -29.96 -32.24 -30.24
CA ILE D 405 -30.81 -31.06 -30.25
C ILE D 405 -31.64 -31.10 -31.53
N GLY D 406 -32.85 -31.62 -31.40
CA GLY D 406 -33.69 -31.83 -32.57
C GLY D 406 -35.08 -31.30 -32.33
N GLY D 407 -35.97 -32.15 -31.82
CA GLY D 407 -37.33 -31.71 -31.53
C GLY D 407 -38.16 -32.68 -30.71
N THR D 408 -38.80 -32.19 -29.66
CA THR D 408 -39.78 -32.99 -28.96
C THR D 408 -39.22 -34.31 -28.43
N PRO D 409 -38.40 -34.26 -27.35
CA PRO D 409 -37.93 -33.06 -26.64
C PRO D 409 -36.77 -32.38 -27.36
N LEU D 410 -36.54 -31.11 -27.08
CA LEU D 410 -35.46 -30.36 -27.68
C LEU D 410 -34.11 -30.89 -27.20
N PHE D 411 -34.04 -31.25 -25.93
CA PHE D 411 -32.80 -31.78 -25.39
C PHE D 411 -32.91 -33.28 -25.09
N VAL D 412 -32.05 -34.06 -25.73
CA VAL D 412 -32.07 -35.51 -25.60
C VAL D 412 -30.65 -36.07 -25.52
N TRP D 413 -30.30 -36.71 -24.42
CA TRP D 413 -28.99 -37.31 -24.29
C TRP D 413 -28.99 -38.75 -24.77
N LYS D 414 -27.95 -39.09 -25.53
CA LYS D 414 -27.79 -40.41 -26.13
C LYS D 414 -26.40 -40.92 -25.89
N VAL D 415 -26.29 -42.23 -25.71
CA VAL D 415 -25.00 -42.90 -25.68
C VAL D 415 -24.89 -43.81 -26.89
N ASN D 416 -23.75 -43.76 -27.56
CA ASN D 416 -23.50 -44.56 -28.75
C ASN D 416 -24.69 -44.56 -29.71
N GLY D 417 -25.26 -43.38 -29.91
CA GLY D 417 -26.31 -43.17 -30.90
C GLY D 417 -27.70 -43.44 -30.39
N SER D 418 -27.82 -43.83 -29.12
CA SER D 418 -29.12 -44.27 -28.60
C SER D 418 -29.43 -43.71 -27.22
N ALA D 419 -30.64 -43.19 -27.08
CA ALA D 419 -31.17 -42.77 -25.79
C ALA D 419 -31.76 -44.00 -25.10
N ILE D 420 -31.41 -44.22 -23.85
CA ILE D 420 -31.94 -45.36 -23.12
C ILE D 420 -33.37 -45.07 -22.68
N ASN D 421 -34.20 -46.11 -22.69
CA ASN D 421 -35.62 -45.97 -22.35
C ASN D 421 -36.27 -47.26 -21.85
N VAL D 422 -35.89 -47.65 -20.63
CA VAL D 422 -36.29 -48.92 -20.04
C VAL D 422 -37.79 -49.15 -20.05
N ASP D 423 -38.21 -50.40 -19.81
CA ASP D 423 -39.62 -50.76 -19.73
C ASP D 423 -39.97 -51.20 -18.31
N TRP D 424 -40.81 -50.42 -17.63
CA TRP D 424 -41.15 -50.69 -16.22
C TRP D 424 -41.84 -52.04 -16.04
N GLY D 425 -42.35 -52.58 -17.15
CA GLY D 425 -43.06 -53.85 -17.08
C GLY D 425 -42.15 -55.03 -17.36
N LYS D 426 -41.29 -54.90 -18.38
CA LYS D 426 -40.45 -56.00 -18.80
C LYS D 426 -38.96 -55.71 -18.58
N PRO D 427 -38.47 -56.01 -17.36
CA PRO D 427 -37.08 -55.77 -16.97
C PRO D 427 -36.09 -56.70 -17.68
N ILE D 428 -34.87 -56.21 -17.88
CA ILE D 428 -33.87 -56.99 -18.57
C ILE D 428 -33.72 -58.38 -17.93
N LEU D 429 -33.82 -58.44 -16.60
CA LEU D 429 -33.71 -59.72 -15.91
C LEU D 429 -34.66 -60.75 -16.52
N ASP D 430 -35.81 -60.28 -17.01
CA ASP D 430 -36.77 -61.16 -17.66
C ASP D 430 -36.18 -61.83 -18.90
N TYR D 431 -35.61 -61.02 -19.78
CA TYR D 431 -34.94 -61.57 -20.95
C TYR D 431 -33.88 -62.58 -20.53
N VAL D 432 -33.26 -62.33 -19.37
CA VAL D 432 -32.19 -63.18 -18.89
C VAL D 432 -32.71 -64.51 -18.35
N MET D 433 -33.73 -64.43 -17.50
CA MET D 433 -34.33 -65.62 -16.88
C MET D 433 -35.16 -66.44 -17.86
N SER D 434 -35.09 -66.06 -19.13
CA SER D 434 -35.67 -66.87 -20.19
C SER D 434 -34.70 -66.91 -21.36
N GLY D 435 -35.12 -67.51 -22.47
CA GLY D 435 -34.22 -67.66 -23.60
C GLY D 435 -34.08 -66.41 -24.46
N ASN D 436 -34.95 -65.43 -24.23
CA ASN D 436 -35.00 -64.24 -25.09
C ASN D 436 -33.77 -63.32 -24.94
N THR D 437 -32.93 -63.29 -25.97
CA THR D 437 -31.76 -62.40 -26.00
C THR D 437 -32.04 -61.24 -26.94
N SER D 438 -33.29 -61.12 -27.38
CA SER D 438 -33.70 -60.05 -28.28
C SER D 438 -34.06 -58.78 -27.50
N TYR D 439 -33.08 -58.26 -26.77
CA TYR D 439 -33.30 -57.03 -26.00
C TYR D 439 -33.58 -55.87 -26.95
N PRO D 440 -34.47 -54.96 -26.54
CA PRO D 440 -34.79 -53.75 -27.32
C PRO D 440 -33.55 -52.85 -27.45
N VAL D 441 -33.50 -52.05 -28.51
CA VAL D 441 -32.34 -51.21 -28.77
C VAL D 441 -32.18 -50.12 -27.72
N SER D 442 -33.31 -49.61 -27.23
CA SER D 442 -33.32 -48.52 -26.26
C SER D 442 -32.87 -48.94 -24.86
N ASP D 443 -32.60 -50.23 -24.67
CA ASP D 443 -32.09 -50.69 -23.39
C ASP D 443 -30.58 -50.52 -23.39
N ASN D 444 -30.04 -50.18 -24.56
CA ASN D 444 -28.61 -49.92 -24.70
C ASN D 444 -27.84 -50.92 -23.89
N ILE D 445 -28.01 -52.18 -24.23
CA ILE D 445 -27.28 -53.27 -23.61
C ILE D 445 -25.84 -53.33 -24.12
N VAL D 446 -24.89 -53.22 -23.21
CA VAL D 446 -23.48 -53.43 -23.57
C VAL D 446 -23.01 -54.74 -22.97
N GLN D 447 -22.97 -55.79 -23.79
CA GLN D 447 -22.61 -57.11 -23.30
C GLN D 447 -21.11 -57.27 -23.06
N VAL D 448 -20.80 -57.95 -21.96
CA VAL D 448 -19.44 -58.26 -21.58
C VAL D 448 -19.37 -59.73 -21.21
N ASP D 449 -18.60 -60.49 -21.98
CA ASP D 449 -18.52 -61.93 -21.80
C ASP D 449 -17.30 -62.36 -20.98
N ALA D 450 -16.31 -61.48 -20.90
CA ALA D 450 -15.08 -61.73 -20.15
C ALA D 450 -15.40 -62.21 -18.75
N VAL D 451 -14.77 -63.31 -18.36
CA VAL D 451 -14.98 -63.89 -17.04
C VAL D 451 -13.92 -63.38 -16.05
N ASP D 452 -14.36 -62.60 -15.08
CA ASP D 452 -13.48 -62.04 -14.05
C ASP D 452 -12.15 -61.51 -14.60
N GLN D 453 -12.20 -60.80 -15.72
CA GLN D 453 -11.03 -60.06 -16.21
C GLN D 453 -11.26 -58.57 -16.06
N TRP D 454 -10.20 -57.77 -16.08
CA TRP D 454 -10.35 -56.32 -16.14
C TRP D 454 -11.03 -55.97 -17.46
N THR D 455 -11.77 -54.87 -17.47
CA THR D 455 -12.44 -54.39 -18.67
C THR D 455 -12.41 -52.87 -18.77
N TYR D 456 -11.97 -52.38 -19.93
CA TYR D 456 -11.65 -50.97 -20.14
C TYR D 456 -12.70 -50.27 -21.00
N TRP D 457 -13.10 -49.09 -20.56
CA TRP D 457 -14.12 -48.28 -21.24
C TRP D 457 -13.64 -46.85 -21.33
N LEU D 458 -13.65 -46.30 -22.54
CA LEU D 458 -13.32 -44.89 -22.75
C LEU D 458 -14.60 -44.12 -23.06
N ILE D 459 -15.00 -43.24 -22.16
CA ILE D 459 -16.18 -42.42 -22.43
C ILE D 459 -15.76 -41.11 -23.10
N GLU D 460 -16.43 -40.81 -24.20
CA GLU D 460 -16.17 -39.59 -24.97
C GLU D 460 -17.35 -38.64 -24.89
N ASN D 461 -17.09 -37.40 -24.48
CA ASN D 461 -18.13 -36.44 -24.15
C ASN D 461 -18.46 -35.50 -25.31
N ASP D 462 -19.08 -36.04 -26.37
CA ASP D 462 -19.57 -35.21 -27.48
C ASP D 462 -18.49 -34.25 -28.01
N PRO D 463 -17.42 -34.79 -28.62
CA PRO D 463 -16.23 -34.03 -29.00
C PRO D 463 -16.36 -33.25 -30.32
N THR D 464 -17.30 -33.65 -31.18
CA THR D 464 -17.53 -32.97 -32.45
C THR D 464 -18.70 -31.98 -32.38
N ASN D 465 -19.18 -31.71 -31.17
CA ASN D 465 -20.25 -30.74 -30.96
C ASN D 465 -19.60 -29.39 -30.68
N PRO D 466 -19.77 -28.42 -31.61
CA PRO D 466 -19.09 -27.13 -31.49
C PRO D 466 -19.87 -26.17 -30.62
N ILE D 467 -21.11 -26.51 -30.30
CA ILE D 467 -22.03 -25.59 -29.64
C ILE D 467 -22.14 -25.79 -28.12
N VAL D 468 -21.98 -27.02 -27.66
CA VAL D 468 -22.02 -27.27 -26.21
C VAL D 468 -21.46 -28.64 -25.78
N SER D 469 -20.92 -28.67 -24.57
CA SER D 469 -20.41 -29.90 -23.97
C SER D 469 -20.42 -29.72 -22.44
N LEU D 470 -21.16 -30.57 -21.75
CA LEU D 470 -21.37 -30.39 -20.32
C LEU D 470 -20.61 -31.44 -19.51
N PRO D 471 -20.19 -31.08 -18.29
CA PRO D 471 -19.61 -32.06 -17.37
C PRO D 471 -20.68 -33.05 -16.92
N HIS D 472 -20.33 -34.33 -16.85
CA HIS D 472 -21.25 -35.37 -16.43
C HIS D 472 -20.60 -36.21 -15.33
N PRO D 473 -21.31 -36.40 -14.21
CA PRO D 473 -20.91 -37.32 -13.14
C PRO D 473 -21.34 -38.72 -13.50
N MET D 474 -20.42 -39.57 -13.97
CA MET D 474 -20.74 -40.94 -14.37
C MET D 474 -20.72 -41.93 -13.20
N HIS D 475 -21.75 -42.77 -13.14
CA HIS D 475 -21.89 -43.77 -12.07
C HIS D 475 -22.12 -45.18 -12.59
N LEU D 476 -21.38 -46.13 -12.04
CA LEU D 476 -21.52 -47.54 -12.41
C LEU D 476 -22.21 -48.35 -11.31
N HIS D 477 -23.21 -49.13 -11.70
CA HIS D 477 -23.93 -49.97 -10.77
C HIS D 477 -23.20 -51.28 -10.60
N GLY D 478 -23.08 -51.75 -9.37
CA GLY D 478 -22.56 -53.08 -9.12
C GLY D 478 -21.07 -53.20 -8.96
N HIS D 479 -20.33 -52.19 -9.43
CA HIS D 479 -18.88 -52.20 -9.31
C HIS D 479 -18.32 -50.88 -8.76
N ASP D 480 -17.11 -50.94 -8.22
CA ASP D 480 -16.26 -49.78 -8.09
C ASP D 480 -15.38 -49.82 -9.34
N PHE D 481 -14.99 -48.66 -9.84
CA PHE D 481 -14.07 -48.63 -10.98
C PHE D 481 -12.77 -47.93 -10.62
N LEU D 482 -11.69 -48.30 -11.30
CA LEU D 482 -10.46 -47.52 -11.23
C LEU D 482 -10.59 -46.38 -12.24
N VAL D 483 -10.11 -45.20 -11.86
CA VAL D 483 -10.15 -44.07 -12.77
C VAL D 483 -8.79 -43.94 -13.46
N LEU D 484 -8.64 -44.65 -14.57
CA LEU D 484 -7.35 -44.75 -15.26
C LEU D 484 -6.78 -43.40 -15.71
N GLY D 485 -7.66 -42.49 -16.12
CA GLY D 485 -7.27 -41.17 -16.57
C GLY D 485 -8.38 -40.39 -17.25
N ARG D 486 -8.20 -39.07 -17.32
CA ARG D 486 -9.14 -38.17 -17.97
C ARG D 486 -8.38 -37.03 -18.64
N SER D 487 -9.07 -36.30 -19.51
CA SER D 487 -8.43 -35.22 -20.28
C SER D 487 -7.91 -34.12 -19.36
N PRO D 488 -6.91 -33.36 -19.83
CA PRO D 488 -6.30 -32.31 -19.01
C PRO D 488 -7.33 -31.37 -18.38
N ASP D 489 -7.17 -31.11 -17.09
CA ASP D 489 -8.06 -30.23 -16.36
C ASP D 489 -8.29 -28.87 -17.05
N GLU D 490 -9.57 -28.51 -17.25
CA GLU D 490 -9.95 -27.27 -17.94
C GLU D 490 -11.07 -26.52 -17.22
N LEU D 491 -11.22 -25.23 -17.55
CA LEU D 491 -12.37 -24.44 -17.17
C LEU D 491 -13.45 -24.73 -18.20
N PRO D 492 -14.54 -25.40 -17.78
CA PRO D 492 -15.56 -25.90 -18.70
C PRO D 492 -16.05 -24.83 -19.67
N SER D 493 -16.41 -23.66 -19.14
CA SER D 493 -17.02 -22.61 -19.93
C SER D 493 -16.06 -21.95 -20.91
N ALA D 494 -14.80 -22.37 -20.90
CA ALA D 494 -13.83 -21.89 -21.88
C ALA D 494 -13.87 -22.73 -23.16
N GLY D 495 -14.57 -23.86 -23.09
CA GLY D 495 -14.87 -24.64 -24.28
C GLY D 495 -13.72 -25.35 -24.95
N VAL D 496 -12.65 -25.58 -24.19
CA VAL D 496 -11.45 -26.25 -24.69
C VAL D 496 -11.72 -27.74 -24.83
N ARG D 497 -11.67 -28.24 -26.05
CA ARG D 497 -11.95 -29.64 -26.32
C ARG D 497 -10.69 -30.53 -26.31
N HIS D 498 -10.86 -31.81 -25.96
CA HIS D 498 -9.77 -32.77 -25.91
C HIS D 498 -10.28 -34.12 -26.37
N ILE D 499 -9.68 -34.63 -27.43
CA ILE D 499 -9.97 -35.96 -27.94
C ILE D 499 -8.82 -36.87 -27.54
N PHE D 500 -9.12 -38.15 -27.32
CA PHE D 500 -8.12 -39.07 -26.82
C PHE D 500 -6.99 -39.29 -27.82
N ASP D 501 -5.76 -39.00 -27.40
CA ASP D 501 -4.58 -39.19 -28.24
C ASP D 501 -3.53 -40.11 -27.60
N PRO D 502 -3.36 -41.31 -28.17
CA PRO D 502 -2.38 -42.30 -27.66
C PRO D 502 -1.01 -41.68 -27.33
N ALA D 503 -0.55 -40.73 -28.15
CA ALA D 503 0.81 -40.17 -28.01
C ALA D 503 1.02 -39.24 -26.81
N LYS D 504 -0.07 -38.66 -26.30
CA LYS D 504 0.04 -37.69 -25.21
C LYS D 504 -0.48 -38.25 -23.88
N ASP D 505 -1.48 -39.12 -23.97
CA ASP D 505 -2.27 -39.54 -22.81
C ASP D 505 -1.87 -40.88 -22.17
N LEU D 506 -1.38 -41.84 -22.96
CA LEU D 506 -0.96 -43.12 -22.39
C LEU D 506 0.12 -42.95 -21.29
N PRO D 507 1.03 -41.97 -21.48
CA PRO D 507 1.98 -41.63 -20.43
C PRO D 507 1.31 -41.03 -19.20
N ARG D 508 0.09 -40.55 -19.35
CA ARG D 508 -0.63 -39.91 -18.25
C ARG D 508 -1.65 -40.85 -17.56
N LEU D 509 -2.00 -41.95 -18.22
CA LEU D 509 -2.89 -42.95 -17.64
C LEU D 509 -2.23 -43.59 -16.42
N LYS D 510 -3.03 -43.96 -15.42
CA LYS D 510 -2.51 -44.55 -14.19
C LYS D 510 -3.11 -45.92 -13.95
N GLY D 511 -2.25 -46.94 -13.91
CA GLY D 511 -2.69 -48.31 -13.73
C GLY D 511 -2.29 -48.91 -12.41
N ASN D 512 -1.38 -48.23 -11.73
CA ASN D 512 -0.90 -48.67 -10.43
C ASN D 512 -1.73 -48.04 -9.30
N ASN D 513 -2.81 -48.73 -8.92
CA ASN D 513 -3.68 -48.30 -7.82
C ASN D 513 -4.18 -46.86 -7.93
N PRO D 514 -5.02 -46.58 -8.95
CA PRO D 514 -5.64 -45.26 -9.08
C PRO D 514 -6.67 -45.07 -7.99
N VAL D 515 -7.40 -43.96 -8.07
CA VAL D 515 -8.57 -43.79 -7.22
C VAL D 515 -9.61 -44.76 -7.73
N ARG D 516 -10.33 -45.40 -6.83
CA ARG D 516 -11.47 -46.20 -7.25
C ARG D 516 -12.69 -45.89 -6.43
N ARG D 517 -13.82 -45.76 -7.12
CA ARG D 517 -15.06 -45.35 -6.48
C ARG D 517 -16.19 -45.60 -7.46
N ASP D 518 -17.40 -45.20 -7.08
CA ASP D 518 -18.57 -45.46 -7.89
C ASP D 518 -19.04 -44.21 -8.64
N VAL D 519 -18.51 -43.03 -8.28
CA VAL D 519 -18.79 -41.80 -9.03
C VAL D 519 -17.55 -40.98 -9.37
N THR D 520 -17.43 -40.56 -10.63
CA THR D 520 -16.30 -39.74 -11.06
C THR D 520 -16.68 -38.83 -12.24
N MET D 521 -15.92 -37.75 -12.40
CA MET D 521 -16.27 -36.71 -13.36
C MET D 521 -15.82 -37.02 -14.77
N LEU D 522 -16.79 -37.11 -15.68
CA LEU D 522 -16.52 -37.01 -17.10
C LEU D 522 -16.34 -35.53 -17.39
N PRO D 523 -15.16 -35.13 -17.89
CA PRO D 523 -14.87 -33.70 -18.13
C PRO D 523 -15.67 -33.09 -19.27
N ALA D 524 -15.96 -31.79 -19.17
CA ALA D 524 -16.67 -31.08 -20.22
C ALA D 524 -15.84 -30.95 -21.48
N GLY D 525 -16.35 -31.48 -22.58
CA GLY D 525 -15.62 -31.44 -23.84
C GLY D 525 -14.41 -32.36 -23.90
N GLY D 526 -14.30 -33.26 -22.93
CA GLY D 526 -13.16 -34.15 -22.86
C GLY D 526 -13.49 -35.63 -23.01
N TRP D 527 -12.82 -36.46 -22.22
CA TRP D 527 -12.97 -37.91 -22.28
C TRP D 527 -12.55 -38.52 -20.95
N LEU D 528 -13.13 -39.66 -20.60
CA LEU D 528 -12.79 -40.34 -19.35
C LEU D 528 -12.50 -41.82 -19.62
N LEU D 529 -11.45 -42.32 -18.97
CA LEU D 529 -11.07 -43.73 -19.09
C LEU D 529 -11.28 -44.49 -17.78
N LEU D 530 -12.05 -45.57 -17.84
CA LEU D 530 -12.40 -46.34 -16.65
C LEU D 530 -12.21 -47.85 -16.79
N ALA D 531 -12.03 -48.53 -15.66
CA ALA D 531 -12.03 -49.99 -15.64
C ALA D 531 -12.72 -50.55 -14.41
N PHE D 532 -13.47 -51.64 -14.61
CA PHE D 532 -13.96 -52.47 -13.53
C PHE D 532 -13.73 -53.94 -13.88
N LYS D 533 -13.74 -54.79 -12.86
CA LYS D 533 -13.51 -56.22 -13.10
C LYS D 533 -14.84 -56.94 -13.14
N THR D 534 -15.18 -57.48 -14.31
CA THR D 534 -16.39 -58.29 -14.47
C THR D 534 -16.46 -59.49 -13.52
N ASP D 535 -16.59 -59.22 -12.23
CA ASP D 535 -16.62 -60.25 -11.19
C ASP D 535 -18.00 -60.37 -10.55
N ASN D 536 -19.04 -60.03 -11.30
CA ASN D 536 -20.37 -59.91 -10.70
C ASN D 536 -21.52 -60.04 -11.70
N PRO D 537 -21.61 -61.21 -12.36
CA PRO D 537 -22.65 -61.46 -13.37
C PRO D 537 -23.93 -60.73 -12.99
N GLY D 538 -24.34 -59.78 -13.83
CA GLY D 538 -25.53 -58.99 -13.55
C GLY D 538 -25.81 -58.07 -14.72
N ALA D 539 -26.86 -57.26 -14.60
CA ALA D 539 -27.14 -56.20 -15.56
C ALA D 539 -26.96 -54.85 -14.86
N TRP D 540 -25.88 -54.13 -15.16
CA TRP D 540 -25.56 -52.91 -14.41
C TRP D 540 -25.67 -51.61 -15.22
N LEU D 541 -26.51 -50.70 -14.74
CA LEU D 541 -26.61 -49.38 -15.34
C LEU D 541 -25.31 -48.62 -15.22
N PHE D 542 -24.94 -47.93 -16.29
CA PHE D 542 -23.82 -47.01 -16.28
C PHE D 542 -24.35 -45.71 -16.86
N HIS D 543 -24.58 -44.72 -16.00
CA HIS D 543 -25.28 -43.53 -16.44
C HIS D 543 -24.78 -42.25 -15.80
N CYS D 544 -25.43 -41.13 -16.18
CA CYS D 544 -25.16 -39.84 -15.57
C CYS D 544 -26.06 -39.68 -14.36
N HIS D 545 -25.51 -39.19 -13.26
CA HIS D 545 -26.29 -39.12 -12.04
C HIS D 545 -26.96 -37.77 -11.89
N ILE D 546 -26.95 -36.98 -12.97
CA ILE D 546 -27.77 -35.77 -13.01
C ILE D 546 -29.17 -36.17 -13.43
N ALA D 547 -30.15 -35.94 -12.56
CA ALA D 547 -31.50 -36.44 -12.81
C ALA D 547 -32.01 -36.06 -14.20
N TRP D 548 -31.74 -34.83 -14.62
CA TRP D 548 -32.24 -34.32 -15.90
C TRP D 548 -31.63 -35.07 -17.10
N HIS D 549 -30.35 -35.39 -17.00
CA HIS D 549 -29.66 -36.05 -18.10
C HIS D 549 -30.06 -37.53 -18.26
N VAL D 550 -30.13 -38.25 -17.15
CA VAL D 550 -30.48 -39.67 -17.19
C VAL D 550 -31.95 -39.90 -17.52
N SER D 551 -32.79 -38.90 -17.27
CA SER D 551 -34.17 -38.92 -17.73
C SER D 551 -34.14 -38.62 -19.21
N GLY D 552 -33.18 -37.79 -19.60
CA GLY D 552 -32.98 -37.42 -20.99
C GLY D 552 -32.51 -38.56 -21.84
N GLY D 553 -31.89 -39.57 -21.20
CA GLY D 553 -31.53 -40.81 -21.88
C GLY D 553 -30.05 -41.17 -21.83
N LEU D 554 -29.32 -40.63 -20.86
CA LEU D 554 -27.88 -40.76 -20.85
C LEU D 554 -27.42 -41.95 -20.00
N SER D 555 -27.61 -43.15 -20.53
CA SER D 555 -27.21 -44.35 -19.82
C SER D 555 -26.99 -45.50 -20.79
N VAL D 556 -26.19 -46.47 -20.35
CA VAL D 556 -26.11 -47.77 -21.02
C VAL D 556 -26.35 -48.86 -19.98
N ASP D 557 -26.59 -50.08 -20.44
CA ASP D 557 -26.85 -51.21 -19.55
C ASP D 557 -25.85 -52.33 -19.85
N PHE D 558 -24.85 -52.45 -18.99
CA PHE D 558 -23.87 -53.52 -19.10
C PHE D 558 -24.51 -54.86 -18.73
N LEU D 559 -24.72 -55.70 -19.74
CA LEU D 559 -25.18 -57.06 -19.50
C LEU D 559 -23.97 -57.96 -19.28
N GLU D 560 -23.58 -58.11 -18.02
CA GLU D 560 -22.33 -58.79 -17.63
C GLU D 560 -22.49 -60.29 -17.36
N ARG D 561 -21.72 -61.10 -18.09
CA ARG D 561 -21.72 -62.57 -17.96
C ARG D 561 -23.14 -63.17 -17.93
N PRO D 562 -23.88 -63.01 -19.04
CA PRO D 562 -25.27 -63.45 -19.18
C PRO D 562 -25.43 -64.95 -18.88
N ASN D 563 -24.52 -65.75 -19.41
CA ASN D 563 -24.52 -67.19 -19.14
C ASN D 563 -24.49 -67.51 -17.65
N ASP D 564 -23.47 -67.02 -16.96
CA ASP D 564 -23.36 -67.22 -15.52
C ASP D 564 -24.56 -66.61 -14.78
N LEU D 565 -24.96 -65.42 -15.20
CA LEU D 565 -26.07 -64.71 -14.58
C LEU D 565 -27.39 -65.47 -14.64
N ARG D 566 -27.74 -65.98 -15.81
CA ARG D 566 -28.99 -66.73 -15.94
C ARG D 566 -29.01 -67.93 -15.00
N THR D 567 -27.94 -68.72 -15.03
CA THR D 567 -27.79 -69.83 -14.10
C THR D 567 -28.01 -69.37 -12.64
N GLN D 568 -27.55 -68.16 -12.32
CA GLN D 568 -27.68 -67.62 -10.96
C GLN D 568 -29.12 -67.32 -10.62
N LEU D 569 -29.74 -66.43 -11.40
CA LEU D 569 -31.12 -66.02 -11.16
C LEU D 569 -32.11 -67.19 -11.13
N ASN D 570 -31.75 -68.31 -11.76
CA ASN D 570 -32.64 -69.47 -11.83
C ASN D 570 -32.37 -70.59 -10.80
N SER D 571 -31.18 -70.57 -10.22
CA SER D 571 -30.78 -71.58 -9.24
C SER D 571 -31.75 -71.66 -8.07
N ASN D 572 -31.86 -72.82 -7.45
CA ASN D 572 -32.76 -73.00 -6.31
C ASN D 572 -32.65 -71.84 -5.32
N ALA D 573 -31.41 -71.52 -4.95
CA ALA D 573 -31.12 -70.48 -3.97
C ALA D 573 -31.99 -69.24 -4.14
N LYS D 574 -32.10 -68.78 -5.40
CA LYS D 574 -32.76 -67.51 -5.69
C LYS D 574 -34.29 -67.57 -5.69
N ARG D 575 -34.84 -68.79 -5.62
CA ARG D 575 -36.30 -68.96 -5.70
C ARG D 575 -37.08 -67.84 -5.04
N ALA D 576 -36.66 -67.45 -3.84
CA ALA D 576 -37.36 -66.42 -3.09
C ALA D 576 -37.21 -65.04 -3.72
N ASP D 577 -36.03 -64.76 -4.26
CA ASP D 577 -35.80 -63.51 -4.98
C ASP D 577 -36.54 -63.47 -6.32
N ARG D 578 -36.31 -64.48 -7.16
CA ARG D 578 -37.00 -64.55 -8.45
C ARG D 578 -38.51 -64.52 -8.32
N ASP D 579 -39.03 -65.14 -7.25
CA ASP D 579 -40.47 -65.16 -7.00
C ASP D 579 -41.00 -63.79 -6.58
N ASP D 580 -40.21 -63.07 -5.79
CA ASP D 580 -40.59 -61.72 -5.37
C ASP D 580 -40.59 -60.83 -6.61
N PHE D 581 -39.45 -60.80 -7.29
CA PHE D 581 -39.32 -60.17 -8.60
C PHE D 581 -40.58 -60.39 -9.43
N ASN D 582 -40.79 -61.63 -9.85
CA ASN D 582 -41.99 -61.98 -10.59
C ASN D 582 -43.28 -61.47 -9.97
N ARG D 583 -43.31 -61.35 -8.64
CA ARG D 583 -44.55 -60.96 -7.95
C ARG D 583 -44.88 -59.46 -8.07
N VAL D 584 -43.89 -58.64 -7.75
CA VAL D 584 -44.07 -57.19 -7.81
C VAL D 584 -44.35 -56.75 -9.25
N CYS D 585 -43.86 -57.54 -10.21
CA CYS D 585 -44.07 -57.23 -11.63
C CYS D 585 -45.51 -57.44 -12.01
N ARG D 586 -46.11 -58.48 -11.44
CA ARG D 586 -47.51 -58.81 -11.70
C ARG D 586 -48.44 -57.70 -11.20
N GLU D 587 -48.16 -57.16 -10.01
CA GLU D 587 -49.03 -56.13 -9.44
C GLU D 587 -48.83 -54.78 -10.09
N TRP D 588 -47.65 -54.59 -10.70
CA TRP D 588 -47.38 -53.33 -11.39
C TRP D 588 -47.97 -53.33 -12.78
N ASN D 589 -47.83 -54.44 -13.49
CA ASN D 589 -48.39 -54.54 -14.84
C ASN D 589 -49.92 -54.47 -14.80
N ALA D 590 -50.49 -54.80 -13.64
CA ALA D 590 -51.94 -54.79 -13.45
C ALA D 590 -52.41 -53.40 -13.06
N TYR D 591 -51.60 -52.72 -12.26
CA TYR D 591 -51.92 -51.36 -11.83
C TYR D 591 -51.76 -50.37 -12.98
N TRP D 592 -50.63 -50.49 -13.67
CA TRP D 592 -50.22 -49.55 -14.69
C TRP D 592 -51.40 -48.92 -15.45
N PRO D 593 -52.23 -49.74 -16.10
CA PRO D 593 -53.28 -49.20 -16.98
C PRO D 593 -54.30 -48.34 -16.24
N THR D 594 -54.25 -48.33 -14.91
CA THR D 594 -55.12 -47.46 -14.12
C THR D 594 -54.45 -46.12 -13.83
N ASN D 595 -53.16 -46.04 -14.10
CA ASN D 595 -52.40 -44.79 -13.91
C ASN D 595 -52.88 -43.70 -14.87
N PRO D 596 -53.11 -42.49 -14.33
CA PRO D 596 -53.64 -41.34 -15.08
C PRO D 596 -52.52 -40.60 -15.81
N PHE D 597 -51.28 -40.86 -15.40
CA PHE D 597 -50.13 -40.19 -15.99
C PHE D 597 -49.29 -41.10 -16.88
N PRO D 598 -48.76 -40.54 -17.97
CA PRO D 598 -47.83 -41.23 -18.88
C PRO D 598 -46.42 -41.23 -18.34
N LYS D 599 -45.53 -41.98 -19.01
CA LYS D 599 -44.11 -41.98 -18.72
C LYS D 599 -43.42 -40.97 -19.65
N ILE D 600 -42.95 -39.87 -19.06
CA ILE D 600 -42.43 -38.74 -19.83
C ILE D 600 -40.96 -38.86 -20.23
N ASP D 601 -40.19 -39.59 -19.44
CA ASP D 601 -38.77 -39.73 -19.70
C ASP D 601 -38.36 -41.19 -19.85
N SER D 602 -37.06 -41.43 -19.85
CA SER D 602 -36.51 -42.75 -20.08
C SER D 602 -36.99 -43.74 -19.03
N GLY D 603 -37.42 -43.21 -17.88
CA GLY D 603 -37.90 -44.04 -16.78
C GLY D 603 -36.88 -44.10 -15.66
N LEU D 604 -35.66 -43.69 -15.95
CA LEU D 604 -34.57 -43.84 -15.00
C LEU D 604 -34.20 -42.52 -14.35
#